data_8BSU
#
_entry.id   8BSU
#
_cell.length_a   83.145
_cell.length_b   100.559
_cell.length_c   132.826
_cell.angle_alpha   90.00
_cell.angle_beta   103.93
_cell.angle_gamma   90.00
#
_symmetry.space_group_name_H-M   'P 1 21 1'
#
loop_
_entity.id
_entity.type
_entity.pdbx_description
1 polymer 'Glutamate receptor ionotropic, kainate 3'
2 non-polymer '4-cyclopropyl-7-fluoro-3,4-dihydro-2H-1,2,4-benzothiadiazine 1,1-dioxide'
3 non-polymer 'ZINC ION'
4 non-polymer GLYCEROL
5 non-polymer 'CHLORIDE ION'
6 non-polymer 'SULFATE ION'
7 non-polymer 3-(CARBOXYMETHYL)-4-ISOPROPENYLPROLINE
8 non-polymer 'ACETATE ION'
9 water water
#
_entity_poly.entity_id   1
_entity_poly.type   'polypeptide(L)'
_entity_poly.pdbx_seq_one_letter_code
;GPGTNRSLIVTTLLEEPFVMFRKSDRTLYGNDRFEGYCIDLLKELAHILGFSYEIRLVEDGKYGAQDDKGQWNGMVKELI
DHKADLAVAPLTITAVREKAIDFSKPFMTLGVSILYRKGTPIDSADDLAKQTKIEYGAVKDGATMTFFKKSKISTFEKMW
AFMSSKPSALVKNNEEGIQRTLTADYALLMESTTIEYITQRNCNLTQIGGLIDSKGYGIGTPMGSPYRDKITIAILQLQE
EDKLHIMKEKWWRGSGCP
;
_entity_poly.pdbx_strand_id   A,B,C,D,E,F,G,H
#
# COMPACT_ATOMS: atom_id res chain seq x y z
N SER A 7 2.80 -5.29 -13.88
CA SER A 7 3.34 -3.94 -13.84
C SER A 7 4.84 -3.96 -13.55
N LEU A 8 5.54 -2.94 -14.04
CA LEU A 8 6.96 -2.78 -13.78
C LEU A 8 7.20 -1.92 -12.54
N ILE A 9 8.24 -2.27 -11.80
CA ILE A 9 8.64 -1.50 -10.63
C ILE A 9 9.70 -0.49 -11.05
N VAL A 10 9.44 0.79 -10.77
CA VAL A 10 10.33 1.88 -11.16
C VAL A 10 10.88 2.51 -9.89
N THR A 11 12.20 2.41 -9.71
CA THR A 11 12.89 3.06 -8.61
C THR A 11 13.36 4.44 -9.04
N THR A 12 13.35 5.39 -8.10
CA THR A 12 13.68 6.77 -8.41
C THR A 12 14.08 7.49 -7.12
N LEU A 13 14.37 8.78 -7.27
CA LEU A 13 14.85 9.62 -6.19
C LEU A 13 14.20 11.00 -6.29
N LEU A 14 14.12 11.68 -5.15
CA LEU A 14 13.67 13.06 -5.14
C LEU A 14 14.83 13.96 -5.56
N GLU A 15 14.66 14.65 -6.69
CA GLU A 15 15.72 15.51 -7.20
C GLU A 15 15.09 16.54 -8.13
N GLU A 16 15.21 17.82 -7.77
CA GLU A 16 14.65 18.86 -8.61
C GLU A 16 15.48 19.04 -9.89
N PRO A 17 14.84 19.21 -11.04
CA PRO A 17 13.39 19.14 -11.23
C PRO A 17 12.95 17.84 -11.89
N PHE A 18 13.69 16.76 -11.67
CA PHE A 18 13.42 15.50 -12.35
C PHE A 18 12.24 14.77 -11.72
N VAL A 19 12.28 14.55 -10.40
CA VAL A 19 11.20 13.88 -9.68
C VAL A 19 10.95 14.67 -8.40
N MET A 20 9.72 15.17 -8.23
CA MET A 20 9.36 15.99 -7.09
C MET A 20 8.00 15.57 -6.58
N PHE A 21 7.72 15.93 -5.33
CA PHE A 21 6.40 15.70 -4.74
C PHE A 21 5.45 16.78 -5.23
N ARG A 22 4.37 16.36 -5.90
CA ARG A 22 3.37 17.29 -6.39
C ARG A 22 2.66 17.96 -5.23
N LYS A 23 2.74 19.29 -5.17
CA LYS A 23 2.14 20.02 -4.06
C LYS A 23 0.62 20.00 -4.18
N SER A 24 -0.04 19.62 -3.08
CA SER A 24 -1.49 19.56 -3.05
C SER A 24 -1.95 19.72 -1.61
N ASP A 25 -3.22 20.10 -1.45
CA ASP A 25 -3.78 20.21 -0.11
C ASP A 25 -4.24 18.85 0.41
N ARG A 26 -4.81 18.02 -0.46
CA ARG A 26 -5.20 16.67 -0.07
C ARG A 26 -4.02 15.73 -0.18
N THR A 27 -4.08 14.64 0.58
CA THR A 27 -3.00 13.66 0.58
C THR A 27 -3.03 12.84 -0.70
N LEU A 28 -1.88 12.74 -1.37
CA LEU A 28 -1.76 12.03 -2.63
C LEU A 28 -1.26 10.61 -2.41
N TYR A 29 -1.71 9.70 -3.25
CA TYR A 29 -1.38 8.29 -3.13
C TYR A 29 -0.87 7.75 -4.46
N GLY A 30 -0.04 6.72 -4.39
CA GLY A 30 0.43 6.05 -5.59
C GLY A 30 1.33 6.94 -6.42
N ASN A 31 1.22 6.77 -7.74
CA ASN A 31 2.04 7.54 -8.68
C ASN A 31 1.66 9.01 -8.73
N ASP A 32 0.48 9.38 -8.22
CA ASP A 32 0.06 10.77 -8.25
C ASP A 32 0.91 11.66 -7.35
N ARG A 33 1.67 11.07 -6.42
CA ARG A 33 2.47 11.88 -5.51
C ARG A 33 3.60 12.61 -6.23
N PHE A 34 4.00 12.16 -7.41
CA PHE A 34 5.22 12.61 -8.05
C PHE A 34 4.92 13.42 -9.31
N GLU A 35 5.84 14.34 -9.61
CA GLU A 35 5.81 15.11 -10.85
C GLU A 35 7.25 15.47 -11.20
N GLY A 36 7.45 15.91 -12.44
CA GLY A 36 8.78 16.31 -12.86
C GLY A 36 9.15 15.85 -14.26
N TYR A 37 10.38 16.15 -14.68
CA TYR A 37 10.84 15.76 -16.01
C TYR A 37 10.85 14.24 -16.17
N CYS A 38 11.45 13.53 -15.22
CA CYS A 38 11.53 12.08 -15.31
C CYS A 38 10.16 11.43 -15.18
N ILE A 39 9.24 12.07 -14.46
CA ILE A 39 7.87 11.56 -14.38
C ILE A 39 7.16 11.69 -15.72
N ASP A 40 7.32 12.84 -16.38
CA ASP A 40 6.75 13.01 -17.71
C ASP A 40 7.39 12.04 -18.70
N LEU A 41 8.69 11.82 -18.59
CA LEU A 41 9.35 10.87 -19.47
C LEU A 41 8.82 9.45 -19.25
N LEU A 42 8.55 9.08 -17.99
CA LEU A 42 8.06 7.74 -17.71
C LEU A 42 6.67 7.52 -18.28
N LYS A 43 5.80 8.52 -18.14
CA LYS A 43 4.46 8.45 -18.73
C LYS A 43 4.54 8.32 -20.24
N GLU A 44 5.46 9.05 -20.86
CA GLU A 44 5.63 8.95 -22.32
C GLU A 44 6.16 7.57 -22.72
N LEU A 45 7.14 7.06 -21.97
CA LEU A 45 7.68 5.73 -22.26
C LEU A 45 6.65 4.65 -21.98
N ALA A 46 5.90 4.77 -20.90
CA ALA A 46 4.89 3.77 -20.57
C ALA A 46 3.83 3.66 -21.65
N HIS A 47 3.42 4.79 -22.23
CA HIS A 47 2.37 4.75 -23.25
CA HIS A 47 2.38 4.76 -23.25
C HIS A 47 2.91 4.20 -24.56
N ILE A 48 4.14 4.54 -24.92
CA ILE A 48 4.73 4.04 -26.16
C ILE A 48 4.93 2.53 -26.07
N LEU A 49 5.51 2.06 -24.96
CA LEU A 49 5.79 0.64 -24.80
C LEU A 49 4.60 -0.14 -24.27
N GLY A 50 3.58 0.55 -23.74
CA GLY A 50 2.38 -0.12 -23.27
C GLY A 50 2.61 -0.96 -22.04
N PHE A 51 3.04 -0.35 -20.95
CA PHE A 51 3.20 -1.04 -19.68
C PHE A 51 2.73 -0.16 -18.55
N SER A 52 2.29 -0.80 -17.48
CA SER A 52 1.95 -0.12 -16.24
C SER A 52 3.13 -0.18 -15.28
N TYR A 53 3.15 0.75 -14.33
CA TYR A 53 4.29 0.88 -13.45
C TYR A 53 3.85 1.33 -12.07
N GLU A 54 4.77 1.14 -11.11
CA GLU A 54 4.61 1.62 -9.74
C GLU A 54 5.90 2.32 -9.35
N ILE A 55 5.80 3.58 -8.96
CA ILE A 55 6.97 4.37 -8.62
C ILE A 55 7.28 4.17 -7.14
N ARG A 56 8.53 3.79 -6.85
CA ARG A 56 8.97 3.56 -5.48
C ARG A 56 10.28 4.30 -5.24
N LEU A 57 10.27 5.24 -4.29
CA LEU A 57 11.51 5.89 -3.90
C LEU A 57 12.44 4.87 -3.26
N VAL A 58 13.69 4.84 -3.71
CA VAL A 58 14.65 3.88 -3.16
C VAL A 58 14.92 4.21 -1.70
N GLU A 59 15.02 3.16 -0.87
CA GLU A 59 15.02 3.34 0.58
C GLU A 59 16.22 4.17 1.03
N ASP A 60 17.44 3.72 0.69
CA ASP A 60 18.63 4.41 1.17
C ASP A 60 18.82 5.79 0.54
N GLY A 61 17.97 6.17 -0.41
CA GLY A 61 18.04 7.50 -0.98
C GLY A 61 19.31 7.80 -1.76
N LYS A 62 19.87 6.80 -2.43
CA LYS A 62 21.13 6.96 -3.14
C LYS A 62 20.97 6.58 -4.60
N TYR A 63 21.91 7.05 -5.42
CA TYR A 63 21.91 6.76 -6.85
C TYR A 63 22.60 5.43 -7.16
N GLY A 64 23.81 5.23 -6.65
CA GLY A 64 24.52 3.99 -6.87
C GLY A 64 26.02 4.11 -6.83
N ALA A 65 26.64 3.66 -5.73
CA ALA A 65 28.08 3.64 -5.58
C ALA A 65 28.51 2.28 -5.03
N GLN A 66 29.77 1.94 -5.26
CA GLN A 66 30.35 0.71 -4.74
C GLN A 66 31.01 0.97 -3.39
N ASP A 67 30.90 0.00 -2.50
CA ASP A 67 31.55 0.07 -1.20
C ASP A 67 32.90 -0.65 -1.25
N ASP A 68 33.49 -0.87 -0.08
CA ASP A 68 34.81 -1.50 -0.02
C ASP A 68 34.75 -2.96 -0.46
N LYS A 69 33.64 -3.64 -0.24
CA LYS A 69 33.48 -5.03 -0.63
C LYS A 69 32.97 -5.19 -2.05
N GLY A 70 32.79 -4.10 -2.79
CA GLY A 70 32.32 -4.17 -4.15
C GLY A 70 30.81 -4.21 -4.31
N GLN A 71 30.06 -4.14 -3.21
CA GLN A 71 28.61 -4.18 -3.28
C GLN A 71 28.04 -2.81 -3.62
N TRP A 72 27.00 -2.79 -4.44
CA TRP A 72 26.35 -1.55 -4.85
C TRP A 72 25.26 -1.16 -3.85
N ASN A 73 24.83 0.09 -3.94
CA ASN A 73 23.71 0.61 -3.15
C ASN A 73 22.81 1.44 -4.05
N GLY A 74 21.77 2.02 -3.46
CA GLY A 74 20.91 2.92 -4.20
C GLY A 74 20.14 2.21 -5.31
N MET A 75 19.86 2.96 -6.38
CA MET A 75 19.06 2.43 -7.47
C MET A 75 19.79 1.34 -8.23
N VAL A 76 21.11 1.42 -8.34
CA VAL A 76 21.87 0.42 -9.08
C VAL A 76 21.72 -0.95 -8.41
N LYS A 77 21.91 -1.01 -7.10
CA LYS A 77 21.71 -2.25 -6.37
C LYS A 77 20.26 -2.73 -6.50
N GLU A 78 19.31 -1.79 -6.51
CA GLU A 78 17.91 -2.15 -6.69
C GLU A 78 17.69 -2.88 -8.01
N LEU A 79 18.41 -2.47 -9.06
CA LEU A 79 18.29 -3.13 -10.36
C LEU A 79 19.02 -4.46 -10.39
N ILE A 80 20.21 -4.53 -9.76
CA ILE A 80 20.98 -5.76 -9.77
C ILE A 80 20.22 -6.88 -9.07
N ASP A 81 19.62 -6.59 -7.92
CA ASP A 81 18.87 -7.59 -7.18
C ASP A 81 17.47 -7.81 -7.73
N HIS A 82 17.17 -7.29 -8.92
CA HIS A 82 15.90 -7.45 -9.61
C HIS A 82 14.71 -6.99 -8.77
N LYS A 83 14.94 -6.11 -7.80
CA LYS A 83 13.84 -5.53 -7.04
C LYS A 83 13.14 -4.41 -7.79
N ALA A 84 13.64 -4.04 -8.96
CA ALA A 84 13.02 -2.99 -9.77
C ALA A 84 13.32 -3.28 -11.23
N ASP A 85 12.39 -2.86 -12.10
CA ASP A 85 12.54 -3.09 -13.53
C ASP A 85 13.21 -1.91 -14.23
N LEU A 86 12.89 -0.69 -13.82
CA LEU A 86 13.45 0.51 -14.43
C LEU A 86 13.97 1.44 -13.34
N ALA A 87 14.97 2.24 -13.70
CA ALA A 87 15.50 3.29 -12.84
C ALA A 87 15.41 4.60 -13.60
N VAL A 88 14.35 5.37 -13.32
CA VAL A 88 14.07 6.62 -14.01
C VAL A 88 14.45 7.76 -13.06
N ALA A 89 15.62 8.34 -13.27
CA ALA A 89 16.18 9.40 -12.44
C ALA A 89 17.37 10.01 -13.17
N PRO A 90 17.89 11.17 -12.75
CA PRO A 90 19.12 11.67 -13.36
C PRO A 90 20.33 10.80 -13.05
N LEU A 91 20.32 9.56 -13.53
CA LEU A 91 21.38 8.60 -13.26
C LEU A 91 22.46 8.73 -14.33
N THR A 92 23.63 9.23 -13.93
CA THR A 92 24.69 9.51 -14.88
C THR A 92 25.27 8.22 -15.45
N ILE A 93 25.45 8.18 -16.77
CA ILE A 93 26.04 7.03 -17.44
C ILE A 93 27.55 7.06 -17.20
N THR A 94 28.06 6.07 -16.48
CA THR A 94 29.50 5.92 -16.25
C THR A 94 29.92 4.50 -16.60
N ALA A 95 31.22 4.33 -16.85
CA ALA A 95 31.74 3.03 -17.25
C ALA A 95 31.58 1.99 -16.14
N VAL A 96 31.81 2.40 -14.89
CA VAL A 96 31.71 1.46 -13.78
C VAL A 96 30.26 1.01 -13.59
N ARG A 97 29.31 1.94 -13.72
CA ARG A 97 27.91 1.56 -13.61
C ARG A 97 27.46 0.72 -14.81
N GLU A 98 28.00 0.99 -15.99
CA GLU A 98 27.61 0.23 -17.17
C GLU A 98 28.05 -1.22 -17.08
N LYS A 99 29.13 -1.49 -16.33
CA LYS A 99 29.56 -2.85 -16.07
C LYS A 99 28.63 -3.60 -15.12
N ALA A 100 27.67 -2.91 -14.51
CA ALA A 100 26.78 -3.51 -13.53
C ALA A 100 25.31 -3.53 -13.97
N ILE A 101 24.85 -2.54 -14.72
CA ILE A 101 23.48 -2.48 -15.19
C ILE A 101 23.49 -2.24 -16.70
N ASP A 102 22.30 -2.26 -17.29
CA ASP A 102 22.11 -1.99 -18.72
C ASP A 102 21.51 -0.59 -18.85
N PHE A 103 22.33 0.37 -19.24
CA PHE A 103 21.84 1.72 -19.52
C PHE A 103 21.18 1.80 -20.88
N SER A 104 20.07 2.53 -20.95
CA SER A 104 19.54 2.94 -22.24
C SER A 104 20.39 4.06 -22.83
N LYS A 105 20.11 4.40 -24.08
CA LYS A 105 20.77 5.55 -24.68
C LYS A 105 20.36 6.81 -23.93
N PRO A 106 21.21 7.85 -23.93
CA PRO A 106 20.93 9.03 -23.11
C PRO A 106 19.70 9.78 -23.59
N PHE A 107 18.91 10.26 -22.62
CA PHE A 107 17.79 11.15 -22.90
C PHE A 107 18.14 12.60 -22.63
N MET A 108 19.30 12.87 -22.04
CA MET A 108 19.72 14.24 -21.74
C MET A 108 21.24 14.25 -21.65
N THR A 109 21.86 15.27 -22.23
CA THR A 109 23.30 15.44 -22.18
C THR A 109 23.68 16.39 -21.05
N LEU A 110 24.83 16.14 -20.44
CA LEU A 110 25.34 17.02 -19.40
C LEU A 110 26.85 16.83 -19.30
N GLY A 111 27.48 17.74 -18.57
CA GLY A 111 28.89 17.62 -18.25
C GLY A 111 29.16 18.23 -16.89
N VAL A 112 30.28 17.82 -16.30
CA VAL A 112 30.69 18.37 -15.01
C VAL A 112 31.17 19.80 -15.22
N SER A 113 30.71 20.71 -14.36
CA SER A 113 31.11 22.11 -14.42
C SER A 113 31.20 22.62 -12.99
N ILE A 114 31.31 23.94 -12.84
CA ILE A 114 31.55 24.57 -11.56
C ILE A 114 30.40 25.52 -11.24
N LEU A 115 29.83 25.38 -10.05
CA LEU A 115 28.85 26.31 -9.51
C LEU A 115 29.52 27.16 -8.45
N TYR A 116 29.48 28.48 -8.64
CA TYR A 116 30.20 29.39 -7.73
C TYR A 116 29.52 30.75 -7.76
N ARG A 117 30.02 31.66 -6.93
CA ARG A 117 29.46 33.00 -6.85
C ARG A 117 29.86 33.82 -8.09
N LYS A 118 29.06 34.83 -8.38
CA LYS A 118 29.35 35.73 -9.50
C LYS A 118 30.42 36.74 -9.11
N GLY A 119 31.05 37.32 -10.12
CA GLY A 119 32.10 38.30 -9.93
C GLY A 119 33.42 37.76 -9.44
N THR A 120 33.50 36.47 -9.12
CA THR A 120 34.72 35.88 -8.59
C THR A 120 35.74 35.67 -9.71
N PRO A 121 37.03 35.71 -9.37
CA PRO A 121 38.07 35.60 -10.42
C PRO A 121 38.23 34.21 -11.00
N ILE A 122 37.81 33.16 -10.29
CA ILE A 122 38.03 31.79 -10.78
C ILE A 122 37.34 31.60 -12.11
N ASP A 123 38.09 31.06 -13.08
CA ASP A 123 37.61 30.92 -14.45
C ASP A 123 37.51 29.47 -14.92
N SER A 124 38.12 28.53 -14.21
CA SER A 124 38.13 27.14 -14.64
C SER A 124 38.51 26.26 -13.46
N ALA A 125 38.34 24.95 -13.63
CA ALA A 125 38.77 24.00 -12.62
C ALA A 125 40.29 24.03 -12.45
N ASP A 126 41.02 24.30 -13.52
CA ASP A 126 42.47 24.44 -13.41
C ASP A 126 42.85 25.61 -12.50
N ASP A 127 42.07 26.69 -12.53
CA ASP A 127 42.30 27.79 -11.61
C ASP A 127 42.04 27.37 -10.16
N LEU A 128 41.07 26.49 -9.94
CA LEU A 128 40.81 26.00 -8.59
C LEU A 128 41.96 25.14 -8.08
N ALA A 129 42.56 24.34 -8.96
CA ALA A 129 43.62 23.42 -8.53
C ALA A 129 44.89 24.18 -8.15
N LYS A 130 45.20 25.25 -8.90
CA LYS A 130 46.45 25.97 -8.66
C LYS A 130 46.43 26.72 -7.33
N GLN A 131 45.27 27.20 -6.90
CA GLN A 131 45.14 27.93 -5.65
C GLN A 131 44.54 27.03 -4.57
N THR A 132 44.57 27.53 -3.34
CA THR A 132 44.06 26.79 -2.18
C THR A 132 43.10 27.59 -1.31
N LYS A 133 43.06 28.91 -1.43
CA LYS A 133 42.22 29.72 -0.55
C LYS A 133 40.74 29.44 -0.77
N ILE A 134 40.34 29.16 -2.01
CA ILE A 134 38.96 28.85 -2.34
C ILE A 134 38.80 27.34 -2.38
N GLU A 135 37.93 26.82 -1.52
CA GLU A 135 37.72 25.38 -1.44
C GLU A 135 36.73 24.92 -2.51
N TYR A 136 36.79 23.64 -2.84
CA TYR A 136 35.92 23.06 -3.85
C TYR A 136 35.63 21.61 -3.50
N GLY A 137 34.53 21.11 -4.02
CA GLY A 137 34.15 19.73 -3.77
C GLY A 137 32.97 19.32 -4.62
N ALA A 138 32.36 18.20 -4.22
CA ALA A 138 31.22 17.65 -4.95
C ALA A 138 30.36 16.84 -4.00
N VAL A 139 29.22 16.37 -4.50
CA VAL A 139 28.34 15.52 -3.72
C VAL A 139 29.06 14.20 -3.45
N LYS A 140 29.07 13.77 -2.19
CA LYS A 140 29.82 12.60 -1.80
C LYS A 140 29.26 11.34 -2.45
N ASP A 141 30.17 10.50 -2.96
CA ASP A 141 29.85 9.21 -3.56
C ASP A 141 28.95 9.33 -4.79
N GLY A 142 28.83 10.52 -5.36
CA GLY A 142 28.11 10.71 -6.60
C GLY A 142 28.98 10.34 -7.79
N ALA A 143 28.44 10.59 -8.98
CA ALA A 143 29.21 10.32 -10.19
C ALA A 143 30.37 11.28 -10.33
N THR A 144 30.18 12.54 -9.94
CA THR A 144 31.25 13.54 -10.06
C THR A 144 32.40 13.21 -9.12
N MET A 145 32.10 12.92 -7.86
CA MET A 145 33.16 12.60 -6.90
C MET A 145 33.92 11.35 -7.31
N THR A 146 33.20 10.32 -7.77
CA THR A 146 33.85 9.10 -8.22
C THR A 146 34.77 9.37 -9.42
N PHE A 147 34.41 10.33 -10.27
CA PHE A 147 35.27 10.69 -11.39
C PHE A 147 36.61 11.22 -10.91
N PHE A 148 36.60 12.17 -9.97
CA PHE A 148 37.85 12.73 -9.46
C PHE A 148 38.65 11.70 -8.67
N LYS A 149 37.97 10.76 -8.01
CA LYS A 149 38.68 9.76 -7.22
C LYS A 149 39.50 8.83 -8.10
N LYS A 150 38.97 8.46 -9.27
CA LYS A 150 39.63 7.52 -10.18
C LYS A 150 40.42 8.22 -11.29
N SER A 151 40.33 9.54 -11.40
CA SER A 151 40.96 10.24 -12.51
C SER A 151 42.47 10.15 -12.45
N LYS A 152 43.10 9.99 -13.62
CA LYS A 152 44.55 10.04 -13.75
C LYS A 152 45.06 11.36 -14.31
N ILE A 153 44.17 12.24 -14.74
CA ILE A 153 44.57 13.57 -15.19
C ILE A 153 45.22 14.31 -14.03
N SER A 154 46.36 14.95 -14.30
CA SER A 154 47.15 15.56 -13.24
C SER A 154 46.37 16.64 -12.50
N THR A 155 45.58 17.44 -13.23
CA THR A 155 44.78 18.47 -12.59
C THR A 155 43.74 17.86 -11.67
N PHE A 156 43.05 16.82 -12.15
CA PHE A 156 42.01 16.18 -11.34
C PHE A 156 42.59 15.31 -10.23
N GLU A 157 43.79 14.75 -10.43
CA GLU A 157 44.46 14.05 -9.34
C GLU A 157 44.77 15.01 -8.20
N LYS A 158 45.14 16.25 -8.52
CA LYS A 158 45.42 17.23 -7.48
C LYS A 158 44.13 17.71 -6.83
N MET A 159 43.06 17.87 -7.60
CA MET A 159 41.80 18.34 -7.04
C MET A 159 41.18 17.29 -6.11
N TRP A 160 41.32 16.01 -6.45
CA TRP A 160 40.80 14.97 -5.57
C TRP A 160 41.55 14.90 -4.26
N ALA A 161 42.87 15.15 -4.29
CA ALA A 161 43.63 15.22 -3.05
C ALA A 161 43.12 16.33 -2.14
N PHE A 162 42.64 17.44 -2.72
CA PHE A 162 42.13 18.53 -1.91
C PHE A 162 40.79 18.15 -1.27
N MET A 163 39.86 17.62 -2.07
CA MET A 163 38.54 17.29 -1.54
C MET A 163 38.62 16.21 -0.48
N SER A 164 39.44 15.18 -0.72
CA SER A 164 39.54 14.08 0.24
C SER A 164 40.28 14.48 1.50
N SER A 165 41.15 15.49 1.42
CA SER A 165 41.93 15.87 2.61
C SER A 165 41.06 16.55 3.65
N LYS A 166 40.17 17.44 3.22
CA LYS A 166 39.27 18.13 4.14
C LYS A 166 37.90 17.50 4.02
N PRO A 167 37.41 16.80 5.05
CA PRO A 167 36.14 16.07 4.91
C PRO A 167 34.94 16.96 4.60
N SER A 168 35.01 18.26 4.92
CA SER A 168 33.89 19.15 4.68
C SER A 168 33.71 19.49 3.20
N ALA A 169 34.70 19.17 2.35
CA ALA A 169 34.58 19.50 0.95
C ALA A 169 33.47 18.71 0.26
N LEU A 170 33.21 17.48 0.70
CA LEU A 170 32.15 16.67 0.11
C LEU A 170 30.84 16.92 0.83
N VAL A 171 29.80 17.19 0.06
CA VAL A 171 28.49 17.50 0.61
C VAL A 171 27.60 16.26 0.55
N LYS A 172 26.48 16.31 1.25
CA LYS A 172 25.58 15.16 1.31
C LYS A 172 24.71 15.05 0.06
N ASN A 173 24.22 16.18 -0.44
CA ASN A 173 23.40 16.20 -1.65
C ASN A 173 23.49 17.60 -2.26
N ASN A 174 22.79 17.78 -3.38
CA ASN A 174 22.84 19.05 -4.09
C ASN A 174 22.31 20.19 -3.24
N GLU A 175 21.24 19.94 -2.49
CA GLU A 175 20.62 21.01 -1.70
C GLU A 175 21.61 21.60 -0.69
N GLU A 176 22.38 20.74 -0.02
CA GLU A 176 23.40 21.24 0.90
C GLU A 176 24.54 21.92 0.14
N GLY A 177 24.93 21.37 -1.00
CA GLY A 177 26.03 21.95 -1.77
C GLY A 177 25.71 23.34 -2.29
N ILE A 178 24.48 23.57 -2.72
CA ILE A 178 24.09 24.90 -3.20
C ILE A 178 24.22 25.92 -2.06
N GLN A 179 23.89 25.50 -0.84
CA GLN A 179 24.03 26.39 0.31
C GLN A 179 25.50 26.70 0.62
N ARG A 180 26.40 25.72 0.42
CA ARG A 180 27.80 25.95 0.74
C ARG A 180 28.43 26.94 -0.22
N THR A 181 27.96 27.01 -1.46
CA THR A 181 28.36 28.09 -2.36
C THR A 181 27.68 29.41 -2.01
N LEU A 182 26.55 29.34 -1.30
CA LEU A 182 25.82 30.53 -0.88
C LEU A 182 26.21 31.03 0.50
N THR A 183 27.01 30.28 1.25
CA THR A 183 27.41 30.67 2.60
C THR A 183 28.90 30.66 2.85
N ALA A 184 29.69 29.93 2.06
CA ALA A 184 31.13 29.82 2.27
C ALA A 184 31.86 30.09 0.96
N ASP A 185 33.16 30.28 1.07
CA ASP A 185 34.03 30.46 -0.10
C ASP A 185 34.29 29.07 -0.68
N TYR A 186 33.29 28.59 -1.42
CA TYR A 186 33.26 27.20 -1.86
C TYR A 186 32.69 27.11 -3.26
N ALA A 187 33.33 26.34 -4.12
CA ALA A 187 32.86 26.07 -5.47
C ALA A 187 32.44 24.62 -5.56
N LEU A 188 31.28 24.38 -6.17
CA LEU A 188 30.72 23.03 -6.25
C LEU A 188 30.91 22.47 -7.64
N LEU A 189 31.49 21.28 -7.72
CA LEU A 189 31.60 20.55 -8.98
C LEU A 189 30.26 19.86 -9.22
N MET A 190 29.49 20.38 -10.15
CA MET A 190 28.10 20.00 -10.35
C MET A 190 27.84 19.73 -11.83
N GLU A 191 26.90 18.83 -12.10
CA GLU A 191 26.52 18.54 -13.47
C GLU A 191 25.81 19.73 -14.09
N SER A 192 26.04 19.96 -15.39
CA SER A 192 25.65 21.22 -16.01
C SER A 192 24.13 21.40 -16.05
N THR A 193 23.38 20.32 -16.18
CA THR A 193 21.92 20.44 -16.26
C THR A 193 21.35 20.99 -14.96
N THR A 194 21.87 20.54 -13.82
CA THR A 194 21.41 21.08 -12.55
C THR A 194 21.89 22.52 -12.35
N ILE A 195 23.09 22.85 -12.84
CA ILE A 195 23.56 24.23 -12.78
C ILE A 195 22.65 25.13 -13.58
N GLU A 196 22.28 24.70 -14.80
CA GLU A 196 21.37 25.48 -15.64
C GLU A 196 20.03 25.71 -14.96
N TYR A 197 19.59 24.77 -14.11
CA TYR A 197 18.29 24.92 -13.45
C TYR A 197 18.35 25.94 -12.33
N ILE A 198 19.39 25.91 -11.51
CA ILE A 198 19.46 26.82 -10.36
C ILE A 198 19.92 28.21 -10.77
N THR A 199 20.85 28.31 -11.73
CA THR A 199 21.35 29.61 -12.14
C THR A 199 20.28 30.48 -12.81
N GLN A 200 19.12 29.92 -13.13
CA GLN A 200 17.98 30.70 -13.58
C GLN A 200 16.99 30.97 -12.46
N ARG A 201 17.29 30.54 -11.24
CA ARG A 201 16.46 30.80 -10.07
C ARG A 201 17.18 31.58 -8.98
N ASN A 202 18.51 31.46 -8.89
CA ASN A 202 19.32 32.17 -7.91
C ASN A 202 20.36 32.98 -8.67
N CYS A 203 20.12 34.29 -8.80
CA CYS A 203 20.97 35.14 -9.61
C CYS A 203 22.30 35.47 -8.95
N ASN A 204 22.58 34.94 -7.77
CA ASN A 204 23.89 35.08 -7.15
C ASN A 204 24.86 33.98 -7.55
N LEU A 205 24.37 32.92 -8.20
CA LEU A 205 25.20 31.82 -8.64
C LEU A 205 25.37 31.85 -10.16
N THR A 206 26.42 31.20 -10.62
CA THR A 206 26.73 31.16 -12.05
C THR A 206 27.55 29.90 -12.33
N GLN A 207 27.70 29.60 -13.62
CA GLN A 207 28.54 28.50 -14.07
C GLN A 207 29.92 29.02 -14.40
N ILE A 208 30.93 28.52 -13.70
CA ILE A 208 32.32 28.93 -13.91
C ILE A 208 32.94 27.99 -14.94
N GLY A 209 33.38 28.56 -16.06
CA GLY A 209 33.98 27.77 -17.11
C GLY A 209 32.95 27.01 -17.92
N GLY A 210 33.45 26.10 -18.74
CA GLY A 210 32.65 25.24 -19.59
C GLY A 210 32.40 23.89 -18.98
N LEU A 211 32.24 22.89 -19.85
CA LEU A 211 31.99 21.52 -19.41
C LEU A 211 33.31 20.75 -19.36
N ILE A 212 33.51 20.03 -18.26
CA ILE A 212 34.78 19.34 -18.07
C ILE A 212 34.80 18.00 -18.83
N ASP A 213 33.67 17.32 -18.91
CA ASP A 213 33.56 16.08 -19.66
C ASP A 213 32.24 16.11 -20.44
N SER A 214 31.90 14.99 -21.06
CA SER A 214 30.71 14.88 -21.89
C SER A 214 30.02 13.55 -21.56
N LYS A 215 28.93 13.63 -20.81
CA LYS A 215 28.21 12.43 -20.38
C LYS A 215 26.72 12.55 -20.68
N GLY A 216 25.91 11.67 -20.09
CA GLY A 216 24.48 11.70 -20.31
C GLY A 216 23.75 10.97 -19.21
N TYR A 217 22.46 11.28 -19.10
CA TYR A 217 21.56 10.55 -18.21
C TYR A 217 20.88 9.44 -19.00
N GLY A 218 20.84 8.24 -18.41
CA GLY A 218 20.20 7.11 -19.06
C GLY A 218 19.23 6.41 -18.14
N ILE A 219 18.30 5.68 -18.76
CA ILE A 219 17.35 4.88 -18.00
C ILE A 219 18.01 3.56 -17.64
N GLY A 220 17.99 3.22 -16.35
CA GLY A 220 18.66 2.03 -15.87
C GLY A 220 17.72 0.83 -15.85
N THR A 221 18.24 -0.31 -16.30
CA THR A 221 17.53 -1.58 -16.27
C THR A 221 18.50 -2.64 -15.77
N PRO A 222 17.99 -3.74 -15.20
CA PRO A 222 18.88 -4.85 -14.86
C PRO A 222 19.56 -5.37 -16.12
N MET A 223 20.77 -5.89 -15.94
CA MET A 223 21.55 -6.33 -17.10
C MET A 223 20.87 -7.52 -17.77
N GLY A 224 20.69 -7.42 -19.08
CA GLY A 224 19.95 -8.41 -19.84
C GLY A 224 18.46 -8.13 -19.98
N SER A 225 17.99 -6.99 -19.48
CA SER A 225 16.57 -6.66 -19.54
C SER A 225 16.11 -6.49 -20.99
N PRO A 226 14.97 -7.06 -21.38
CA PRO A 226 14.45 -6.83 -22.73
C PRO A 226 13.89 -5.42 -22.93
N TYR A 227 13.71 -4.65 -21.86
CA TYR A 227 13.19 -3.29 -21.95
C TYR A 227 14.25 -2.27 -22.31
N ARG A 228 15.53 -2.63 -22.20
CA ARG A 228 16.60 -1.66 -22.47
C ARG A 228 16.53 -1.13 -23.90
N ASP A 229 16.55 -2.03 -24.89
CA ASP A 229 16.50 -1.59 -26.28
C ASP A 229 15.15 -0.98 -26.61
N LYS A 230 14.06 -1.48 -26.02
CA LYS A 230 12.75 -0.87 -26.25
C LYS A 230 12.72 0.57 -25.76
N ILE A 231 13.28 0.82 -24.58
CA ILE A 231 13.35 2.20 -24.07
C ILE A 231 14.33 3.02 -24.88
N THR A 232 15.44 2.42 -25.31
CA THR A 232 16.41 3.12 -26.15
C THR A 232 15.75 3.63 -27.43
N ILE A 233 15.04 2.75 -28.15
CA ILE A 233 14.39 3.14 -29.38
C ILE A 233 13.32 4.21 -29.12
N ALA A 234 12.60 4.06 -28.00
CA ALA A 234 11.57 5.04 -27.66
C ALA A 234 12.19 6.40 -27.35
N ILE A 235 13.33 6.41 -26.65
CA ILE A 235 14.02 7.67 -26.36
C ILE A 235 14.51 8.31 -27.65
N LEU A 236 15.00 7.50 -28.59
CA LEU A 236 15.46 8.05 -29.86
C LEU A 236 14.32 8.66 -30.65
N GLN A 237 13.16 7.99 -30.68
CA GLN A 237 11.99 8.56 -31.33
C GLN A 237 11.52 9.84 -30.63
N LEU A 238 11.61 9.87 -29.30
CA LEU A 238 11.23 11.07 -28.58
C LEU A 238 12.13 12.25 -28.95
N GLN A 239 13.42 11.99 -29.15
CA GLN A 239 14.34 13.06 -29.51
C GLN A 239 14.09 13.52 -30.94
N GLU A 240 13.92 12.59 -31.87
CA GLU A 240 13.75 12.97 -33.27
C GLU A 240 12.44 13.72 -33.50
N GLU A 241 11.44 13.50 -32.65
CA GLU A 241 10.15 14.18 -32.71
C GLU A 241 10.12 15.47 -31.90
N ASP A 242 11.27 15.94 -31.42
CA ASP A 242 11.40 17.17 -30.65
C ASP A 242 10.61 17.12 -29.34
N LYS A 243 10.27 15.93 -28.85
CA LYS A 243 9.52 15.84 -27.61
C LYS A 243 10.41 16.03 -26.39
N LEU A 244 11.68 15.64 -26.48
CA LEU A 244 12.60 15.86 -25.35
C LEU A 244 12.95 17.34 -25.20
N HIS A 245 12.89 18.10 -26.30
CA HIS A 245 13.14 19.54 -26.21
C HIS A 245 11.98 20.25 -25.52
N ILE A 246 10.74 19.90 -25.88
CA ILE A 246 9.57 20.47 -25.23
C ILE A 246 9.55 20.09 -23.75
N MET A 247 9.96 18.84 -23.45
CA MET A 247 9.85 18.33 -22.09
C MET A 247 10.85 18.99 -21.15
N LYS A 248 12.05 19.30 -21.65
CA LYS A 248 13.03 19.96 -20.79
C LYS A 248 12.68 21.43 -20.58
N GLU A 249 12.22 22.11 -21.63
CA GLU A 249 11.86 23.51 -21.47
CA GLU A 249 11.86 23.51 -21.48
C GLU A 249 10.69 23.70 -20.50
N LYS A 250 9.83 22.69 -20.39
CA LYS A 250 8.70 22.79 -19.46
C LYS A 250 9.17 22.84 -18.01
N TRP A 251 10.16 22.01 -17.66
CA TRP A 251 10.59 21.87 -16.28
C TRP A 251 11.78 22.75 -15.90
N TRP A 252 12.48 23.32 -16.87
CA TRP A 252 13.62 24.19 -16.58
C TRP A 252 13.14 25.65 -16.54
N ARG A 253 12.32 25.93 -15.53
CA ARG A 253 11.70 27.23 -15.36
C ARG A 253 12.60 28.11 -14.49
N GLY A 254 12.04 29.18 -13.93
CA GLY A 254 12.76 30.07 -13.07
C GLY A 254 12.31 31.50 -13.26
N SER A 255 12.62 32.35 -12.28
CA SER A 255 12.34 33.77 -12.41
C SER A 255 13.21 34.42 -13.48
N GLY A 256 14.32 33.78 -13.86
CA GLY A 256 15.22 34.34 -14.85
C GLY A 256 16.28 35.23 -14.25
N CYS A 257 17.49 35.20 -14.80
CA CYS A 257 18.58 36.03 -14.33
C CYS A 257 19.25 36.70 -15.51
N PRO A 258 19.47 38.04 -15.46
CA PRO A 258 20.14 38.77 -16.54
C PRO A 258 21.62 38.40 -16.66
N SER B 7 -17.72 -35.64 32.46
CA SER B 7 -17.47 -34.65 31.41
C SER B 7 -18.76 -34.07 30.86
N LEU B 8 -18.68 -32.84 30.36
CA LEU B 8 -19.81 -32.17 29.76
C LEU B 8 -19.85 -32.46 28.26
N ILE B 9 -21.06 -32.55 27.72
CA ILE B 9 -21.26 -32.78 26.28
C ILE B 9 -21.40 -31.43 25.61
N VAL B 10 -20.54 -31.17 24.63
CA VAL B 10 -20.50 -29.89 23.93
C VAL B 10 -20.89 -30.13 22.48
N THR B 11 -22.01 -29.56 22.06
CA THR B 11 -22.43 -29.60 20.68
C THR B 11 -21.89 -28.37 19.93
N THR B 12 -21.57 -28.58 18.66
CA THR B 12 -20.98 -27.51 17.87
C THR B 12 -21.17 -27.81 16.39
N LEU B 13 -20.64 -26.93 15.55
CA LEU B 13 -20.76 -27.01 14.10
C LEU B 13 -19.44 -26.61 13.47
N LEU B 14 -19.20 -27.09 12.26
CA LEU B 14 -18.04 -26.66 11.50
C LEU B 14 -18.33 -25.31 10.87
N GLU B 15 -17.57 -24.30 11.26
CA GLU B 15 -17.76 -22.95 10.74
C GLU B 15 -16.46 -22.18 10.93
N GLU B 16 -15.87 -21.74 9.82
CA GLU B 16 -14.63 -20.99 9.90
C GLU B 16 -14.89 -19.58 10.41
N PRO B 17 -14.04 -19.06 11.31
CA PRO B 17 -12.92 -19.79 11.90
C PRO B 17 -13.20 -20.26 13.33
N PHE B 18 -14.46 -20.51 13.65
CA PHE B 18 -14.83 -20.84 15.03
C PHE B 18 -14.50 -22.30 15.36
N VAL B 19 -14.99 -23.23 14.55
CA VAL B 19 -14.73 -24.65 14.73
C VAL B 19 -14.42 -25.25 13.38
N MET B 20 -13.23 -25.83 13.24
CA MET B 20 -12.76 -26.39 11.98
C MET B 20 -12.05 -27.71 12.26
N PHE B 21 -11.93 -28.53 11.22
CA PHE B 21 -11.17 -29.76 11.32
C PHE B 21 -9.68 -29.45 11.18
N ARG B 22 -8.92 -29.78 12.21
CA ARG B 22 -7.47 -29.61 12.19
C ARG B 22 -6.86 -30.47 11.08
N LYS B 23 -6.14 -29.83 10.17
CA LYS B 23 -5.49 -30.54 9.07
C LYS B 23 -4.26 -31.28 9.58
N SER B 24 -4.16 -32.56 9.24
CA SER B 24 -3.02 -33.36 9.66
C SER B 24 -2.90 -34.58 8.76
N ASP B 25 -1.70 -35.15 8.73
CA ASP B 25 -1.46 -36.37 7.97
C ASP B 25 -1.84 -37.61 8.77
N ARG B 26 -1.69 -37.57 10.09
CA ARG B 26 -2.14 -38.66 10.93
C ARG B 26 -3.63 -38.55 11.21
N THR B 27 -4.23 -39.66 11.65
CA THR B 27 -5.65 -39.68 11.93
C THR B 27 -5.90 -39.12 13.34
N LEU B 28 -6.80 -38.14 13.43
CA LEU B 28 -7.11 -37.49 14.68
C LEU B 28 -8.39 -38.06 15.28
N TYR B 29 -8.43 -38.12 16.61
CA TYR B 29 -9.56 -38.65 17.34
C TYR B 29 -9.99 -37.69 18.44
N GLY B 30 -11.27 -37.76 18.79
CA GLY B 30 -11.79 -37.01 19.92
C GLY B 30 -11.72 -35.50 19.70
N ASN B 31 -11.49 -34.78 20.80
CA ASN B 31 -11.43 -33.33 20.74
C ASN B 31 -10.20 -32.82 20.01
N ASP B 32 -9.18 -33.67 19.82
CA ASP B 32 -7.97 -33.27 19.12
C ASP B 32 -8.21 -33.03 17.64
N ARG B 33 -9.37 -33.42 17.11
CA ARG B 33 -9.66 -33.24 15.69
C ARG B 33 -9.93 -31.79 15.33
N PHE B 34 -10.29 -30.95 16.30
CA PHE B 34 -10.83 -29.63 16.04
C PHE B 34 -9.86 -28.53 16.43
N GLU B 35 -10.00 -27.39 15.76
CA GLU B 35 -9.26 -26.19 16.08
C GLU B 35 -10.11 -24.98 15.72
N GLY B 36 -9.75 -23.82 16.25
CA GLY B 36 -10.48 -22.60 15.96
C GLY B 36 -10.70 -21.70 17.15
N TYR B 37 -11.42 -20.59 16.91
CA TYR B 37 -11.70 -19.64 17.98
C TYR B 37 -12.55 -20.27 19.08
N CYS B 38 -13.65 -20.94 18.70
CA CYS B 38 -14.51 -21.56 19.70
C CYS B 38 -13.81 -22.72 20.40
N ILE B 39 -12.88 -23.38 19.73
CA ILE B 39 -12.11 -24.43 20.39
C ILE B 39 -11.18 -23.82 21.44
N ASP B 40 -10.51 -22.73 21.09
CA ASP B 40 -9.66 -22.03 22.06
C ASP B 40 -10.48 -21.49 23.22
N LEU B 41 -11.67 -20.93 22.93
CA LEU B 41 -12.53 -20.40 24.00
C LEU B 41 -13.00 -21.51 24.93
N LEU B 42 -13.35 -22.67 24.38
CA LEU B 42 -13.82 -23.78 25.21
C LEU B 42 -12.70 -24.30 26.10
N LYS B 43 -11.50 -24.40 25.54
CA LYS B 43 -10.34 -24.82 26.31
C LYS B 43 -10.08 -23.86 27.47
N GLU B 44 -10.26 -22.56 27.22
CA GLU B 44 -10.06 -21.56 28.25
C GLU B 44 -11.13 -21.66 29.33
N LEU B 45 -12.40 -21.83 28.91
CA LEU B 45 -13.48 -21.95 29.88
C LEU B 45 -13.37 -23.23 30.68
N ALA B 46 -13.02 -24.35 30.03
CA ALA B 46 -12.86 -25.60 30.74
C ALA B 46 -11.76 -25.52 31.80
N HIS B 47 -10.80 -24.61 31.61
CA HIS B 47 -9.73 -24.45 32.58
CA HIS B 47 -9.73 -24.46 32.58
C HIS B 47 -10.16 -23.54 33.72
N ILE B 48 -10.86 -22.46 33.41
CA ILE B 48 -11.31 -21.53 34.45
C ILE B 48 -12.31 -22.20 35.37
N LEU B 49 -13.32 -22.85 34.80
CA LEU B 49 -14.37 -23.49 35.57
C LEU B 49 -14.01 -24.90 36.03
N GLY B 50 -12.97 -25.50 35.46
CA GLY B 50 -12.51 -26.80 35.90
C GLY B 50 -13.44 -27.95 35.55
N PHE B 51 -13.68 -28.17 34.26
CA PHE B 51 -14.48 -29.30 33.82
C PHE B 51 -13.83 -29.91 32.58
N SER B 52 -14.09 -31.19 32.36
CA SER B 52 -13.72 -31.88 31.15
C SER B 52 -14.92 -31.93 30.21
N TYR B 53 -14.64 -32.13 28.92
CA TYR B 53 -15.69 -32.04 27.92
C TYR B 53 -15.42 -33.01 26.79
N GLU B 54 -16.47 -33.28 26.02
CA GLU B 54 -16.38 -34.07 24.80
C GLU B 54 -17.12 -33.32 23.70
N ILE B 55 -16.42 -33.07 22.60
CA ILE B 55 -16.99 -32.30 21.49
C ILE B 55 -17.70 -33.25 20.55
N ARG B 56 -18.96 -32.95 20.25
CA ARG B 56 -19.77 -33.74 19.33
C ARG B 56 -20.41 -32.80 18.32
N LEU B 57 -20.08 -32.98 17.04
CA LEU B 57 -20.73 -32.23 15.98
C LEU B 57 -22.20 -32.61 15.90
N VAL B 58 -23.07 -31.60 15.87
CA VAL B 58 -24.51 -31.87 15.80
C VAL B 58 -24.84 -32.53 14.46
N GLU B 59 -25.76 -33.49 14.50
CA GLU B 59 -25.94 -34.39 13.36
C GLU B 59 -26.57 -33.68 12.17
N ASP B 60 -27.73 -33.06 12.37
CA ASP B 60 -28.43 -32.41 11.26
C ASP B 60 -27.69 -31.19 10.72
N GLY B 61 -26.59 -30.79 11.36
CA GLY B 61 -25.79 -29.68 10.85
C GLY B 61 -26.48 -28.34 10.87
N LYS B 62 -27.32 -28.08 11.86
CA LYS B 62 -28.08 -26.84 11.95
C LYS B 62 -27.73 -26.11 13.24
N TYR B 63 -27.95 -24.80 13.22
CA TYR B 63 -27.75 -23.98 14.42
C TYR B 63 -28.97 -24.05 15.33
N GLY B 64 -30.16 -23.80 14.79
CA GLY B 64 -31.37 -23.85 15.58
C GLY B 64 -32.48 -22.97 15.06
N ALA B 65 -33.50 -23.58 14.44
CA ALA B 65 -34.66 -22.86 13.95
C ALA B 65 -35.92 -23.58 14.41
N GLN B 66 -37.07 -22.94 14.18
CA GLN B 66 -38.36 -23.49 14.55
C GLN B 66 -39.15 -23.89 13.31
N ASP B 67 -39.82 -25.03 13.37
CA ASP B 67 -40.64 -25.51 12.28
C ASP B 67 -42.07 -24.95 12.43
N ASP B 68 -42.99 -25.51 11.64
CA ASP B 68 -44.37 -25.02 11.66
C ASP B 68 -45.06 -25.31 12.98
N LYS B 69 -44.63 -26.35 13.69
CA LYS B 69 -45.25 -26.75 14.96
C LYS B 69 -44.47 -26.27 16.17
N GLY B 70 -43.51 -25.38 15.98
CA GLY B 70 -42.71 -24.88 17.08
C GLY B 70 -41.56 -25.77 17.51
N GLN B 71 -41.34 -26.90 16.84
CA GLN B 71 -40.24 -27.78 17.20
C GLN B 71 -38.93 -27.19 16.72
N TRP B 72 -37.87 -27.38 17.52
CA TRP B 72 -36.55 -26.89 17.20
C TRP B 72 -35.71 -27.98 16.54
N ASN B 73 -34.63 -27.57 15.90
CA ASN B 73 -33.66 -28.47 15.31
C ASN B 73 -32.25 -28.00 15.66
N GLY B 74 -31.26 -28.72 15.15
CA GLY B 74 -29.89 -28.28 15.31
C GLY B 74 -29.41 -28.27 16.75
N MET B 75 -28.51 -27.34 17.04
CA MET B 75 -27.87 -27.27 18.35
C MET B 75 -28.86 -26.84 19.44
N VAL B 76 -29.81 -25.97 19.11
CA VAL B 76 -30.78 -25.53 20.09
C VAL B 76 -31.64 -26.69 20.56
N LYS B 77 -32.09 -27.53 19.61
CA LYS B 77 -32.83 -28.73 19.98
C LYS B 77 -31.98 -29.68 20.82
N GLU B 78 -30.68 -29.72 20.56
CA GLU B 78 -29.79 -30.57 21.35
C GLU B 78 -29.73 -30.11 22.80
N LEU B 79 -29.84 -28.80 23.04
CA LEU B 79 -29.85 -28.30 24.41
C LEU B 79 -31.20 -28.53 25.08
N ILE B 80 -32.29 -28.36 24.32
CA ILE B 80 -33.63 -28.53 24.88
C ILE B 80 -33.84 -29.98 25.35
N ASP B 81 -33.40 -30.94 24.55
CA ASP B 81 -33.55 -32.35 24.87
C ASP B 81 -32.53 -32.85 25.89
N HIS B 82 -31.75 -31.94 26.48
CA HIS B 82 -30.75 -32.29 27.49
C HIS B 82 -29.79 -33.38 27.00
N LYS B 83 -29.47 -33.34 25.71
CA LYS B 83 -28.49 -34.24 25.13
C LYS B 83 -27.12 -33.60 25.01
N ALA B 84 -27.00 -32.32 25.33
CA ALA B 84 -25.73 -31.63 25.37
C ALA B 84 -25.76 -30.62 26.51
N ASP B 85 -24.60 -30.36 27.10
CA ASP B 85 -24.50 -29.43 28.21
C ASP B 85 -24.16 -28.02 27.75
N LEU B 86 -23.31 -27.89 26.73
CA LEU B 86 -22.91 -26.59 26.22
C LEU B 86 -23.06 -26.57 24.70
N ALA B 87 -23.28 -25.38 24.16
CA ALA B 87 -23.34 -25.14 22.72
C ALA B 87 -22.30 -24.07 22.39
N VAL B 88 -21.13 -24.50 21.94
CA VAL B 88 -20.02 -23.59 21.67
C VAL B 88 -19.91 -23.44 20.16
N ALA B 89 -20.45 -22.33 19.64
CA ALA B 89 -20.49 -22.05 18.22
C ALA B 89 -20.89 -20.59 18.02
N PRO B 90 -20.73 -20.02 16.81
CA PRO B 90 -21.25 -18.68 16.57
C PRO B 90 -22.78 -18.65 16.57
N LEU B 91 -23.38 -18.95 17.73
CA LEU B 91 -24.83 -19.02 17.85
C LEU B 91 -25.35 -17.64 18.21
N THR B 92 -26.04 -17.00 17.25
CA THR B 92 -26.49 -15.63 17.44
C THR B 92 -27.58 -15.57 18.50
N ILE B 93 -27.45 -14.61 19.41
CA ILE B 93 -28.43 -14.41 20.48
C ILE B 93 -29.67 -13.73 19.89
N THR B 94 -30.79 -14.44 19.93
CA THR B 94 -32.07 -13.89 19.49
C THR B 94 -33.11 -14.11 20.58
N ALA B 95 -34.18 -13.32 20.53
CA ALA B 95 -35.22 -13.42 21.55
C ALA B 95 -35.91 -14.78 21.51
N VAL B 96 -36.15 -15.31 20.31
CA VAL B 96 -36.82 -16.60 20.19
C VAL B 96 -35.94 -17.72 20.75
N ARG B 97 -34.64 -17.67 20.48
CA ARG B 97 -33.73 -18.67 21.02
C ARG B 97 -33.56 -18.52 22.52
N GLU B 98 -33.57 -17.27 23.02
CA GLU B 98 -33.41 -17.06 24.46
C GLU B 98 -34.61 -17.59 25.24
N LYS B 99 -35.79 -17.63 24.62
CA LYS B 99 -36.95 -18.20 25.29
C LYS B 99 -36.83 -19.71 25.44
N ALA B 100 -36.00 -20.36 24.63
CA ALA B 100 -35.90 -21.82 24.64
C ALA B 100 -34.68 -22.33 25.41
N ILE B 101 -33.57 -21.62 25.38
CA ILE B 101 -32.34 -22.03 26.04
C ILE B 101 -31.84 -20.86 26.90
N ASP B 102 -30.77 -21.12 27.65
CA ASP B 102 -30.13 -20.11 28.49
C ASP B 102 -28.82 -19.71 27.81
N PHE B 103 -28.83 -18.53 27.19
CA PHE B 103 -27.60 -17.98 26.62
C PHE B 103 -26.74 -17.36 27.70
N SER B 104 -25.43 -17.58 27.59
CA SER B 104 -24.51 -16.78 28.38
C SER B 104 -24.43 -15.37 27.79
N LYS B 105 -23.79 -14.46 28.51
CA LYS B 105 -23.55 -13.15 27.95
C LYS B 105 -22.63 -13.26 26.75
N PRO B 106 -22.71 -12.32 25.80
CA PRO B 106 -21.98 -12.49 24.54
C PRO B 106 -20.47 -12.45 24.72
N PHE B 107 -19.78 -13.31 23.98
CA PHE B 107 -18.34 -13.30 23.89
C PHE B 107 -17.82 -12.58 22.66
N MET B 108 -18.72 -12.20 21.74
CA MET B 108 -18.34 -11.48 20.54
C MET B 108 -19.56 -10.74 20.02
N THR B 109 -19.35 -9.50 19.59
CA THR B 109 -20.41 -8.66 19.02
C THR B 109 -20.41 -8.77 17.51
N LEU B 110 -21.60 -8.64 16.91
CA LEU B 110 -21.71 -8.63 15.46
C LEU B 110 -23.00 -7.92 15.08
N GLY B 111 -23.11 -7.63 13.78
CA GLY B 111 -24.32 -7.09 13.21
C GLY B 111 -24.47 -7.56 11.78
N VAL B 112 -25.71 -7.50 11.29
CA VAL B 112 -25.96 -7.87 9.90
C VAL B 112 -25.38 -6.80 8.99
N SER B 113 -24.67 -7.23 7.95
CA SER B 113 -24.08 -6.31 6.99
C SER B 113 -24.12 -6.97 5.61
N ILE B 114 -23.42 -6.37 4.66
CA ILE B 114 -23.48 -6.77 3.26
C ILE B 114 -22.08 -7.17 2.81
N LEU B 115 -21.97 -8.36 2.22
CA LEU B 115 -20.73 -8.82 1.59
C LEU B 115 -20.88 -8.70 0.08
N TYR B 116 -19.95 -7.98 -0.55
CA TYR B 116 -20.03 -7.72 -1.98
C TYR B 116 -18.62 -7.50 -2.51
N ARG B 117 -18.52 -7.32 -3.82
CA ARG B 117 -17.24 -7.12 -4.49
C ARG B 117 -16.80 -5.66 -4.38
N LYS B 118 -15.51 -5.43 -4.66
CA LYS B 118 -14.94 -4.10 -4.59
C LYS B 118 -15.17 -3.33 -5.89
N GLY B 119 -15.02 -2.01 -5.81
CA GLY B 119 -15.14 -1.16 -6.98
C GLY B 119 -16.54 -0.96 -7.50
N THR B 120 -17.53 -0.89 -6.60
CA THR B 120 -18.92 -0.77 -6.99
C THR B 120 -19.55 0.47 -6.38
N PRO B 121 -20.51 1.09 -7.08
CA PRO B 121 -21.21 2.24 -6.51
C PRO B 121 -22.23 1.88 -5.44
N ILE B 122 -22.48 0.59 -5.20
CA ILE B 122 -23.40 0.19 -4.15
C ILE B 122 -22.77 0.49 -2.79
N ASP B 123 -23.50 1.21 -1.95
CA ASP B 123 -22.95 1.70 -0.69
C ASP B 123 -23.81 1.43 0.53
N SER B 124 -25.07 1.06 0.37
CA SER B 124 -25.96 0.83 1.50
C SER B 124 -26.96 -0.24 1.14
N ALA B 125 -27.66 -0.73 2.17
CA ALA B 125 -28.74 -1.68 1.94
C ALA B 125 -29.89 -1.07 1.15
N ASP B 126 -30.03 0.26 1.20
CA ASP B 126 -31.05 0.93 0.41
C ASP B 126 -30.70 0.89 -1.08
N ASP B 127 -29.40 0.98 -1.41
CA ASP B 127 -29.00 0.92 -2.81
C ASP B 127 -29.35 -0.43 -3.42
N LEU B 128 -29.25 -1.51 -2.65
CA LEU B 128 -29.63 -2.82 -3.16
C LEU B 128 -31.14 -2.91 -3.38
N ALA B 129 -31.93 -2.31 -2.48
CA ALA B 129 -33.38 -2.44 -2.57
C ALA B 129 -33.94 -1.69 -3.78
N LYS B 130 -33.34 -0.54 -4.11
CA LYS B 130 -33.83 0.28 -5.21
C LYS B 130 -33.48 -0.27 -6.58
N GLN B 131 -32.68 -1.33 -6.66
CA GLN B 131 -32.25 -1.91 -7.93
C GLN B 131 -32.64 -3.37 -7.99
N THR B 132 -32.49 -3.97 -9.17
CA THR B 132 -32.83 -5.36 -9.40
C THR B 132 -31.78 -6.14 -10.19
N LYS B 133 -30.77 -5.47 -10.77
CA LYS B 133 -29.76 -6.20 -11.53
C LYS B 133 -28.78 -6.94 -10.63
N ILE B 134 -28.57 -6.46 -9.41
CA ILE B 134 -27.71 -7.11 -8.45
C ILE B 134 -28.61 -7.85 -7.46
N GLU B 135 -28.55 -9.18 -7.48
CA GLU B 135 -29.38 -9.96 -6.57
C GLU B 135 -28.72 -10.05 -5.19
N TYR B 136 -29.54 -10.37 -4.19
CA TYR B 136 -29.06 -10.48 -2.82
C TYR B 136 -29.88 -11.53 -2.09
N GLY B 137 -29.29 -12.04 -1.01
CA GLY B 137 -29.96 -13.03 -0.20
C GLY B 137 -29.17 -13.30 1.07
N ALA B 138 -29.52 -14.41 1.73
CA ALA B 138 -28.86 -14.77 2.98
C ALA B 138 -28.95 -16.29 3.13
N VAL B 139 -28.27 -16.79 4.17
CA VAL B 139 -28.32 -18.21 4.47
C VAL B 139 -29.74 -18.59 4.90
N LYS B 140 -30.26 -19.66 4.29
CA LYS B 140 -31.64 -20.05 4.54
C LYS B 140 -31.84 -20.47 5.99
N ASP B 141 -32.92 -19.96 6.59
CA ASP B 141 -33.35 -20.32 7.95
C ASP B 141 -32.34 -19.91 9.01
N GLY B 142 -31.38 -19.05 8.66
CA GLY B 142 -30.47 -18.51 9.64
C GLY B 142 -31.08 -17.36 10.41
N ALA B 143 -30.26 -16.75 11.27
CA ALA B 143 -30.73 -15.59 12.02
C ALA B 143 -30.91 -14.37 11.11
N THR B 144 -30.08 -14.25 10.07
CA THR B 144 -30.18 -13.10 9.18
C THR B 144 -31.46 -13.14 8.35
N MET B 145 -31.82 -14.32 7.84
CA MET B 145 -33.04 -14.44 7.06
C MET B 145 -34.27 -14.18 7.92
N THR B 146 -34.29 -14.72 9.14
CA THR B 146 -35.40 -14.47 10.05
C THR B 146 -35.52 -12.99 10.39
N PHE B 147 -34.40 -12.27 10.41
CA PHE B 147 -34.44 -10.83 10.67
C PHE B 147 -35.25 -10.12 9.59
N PHE B 148 -34.94 -10.38 8.32
CA PHE B 148 -35.69 -9.75 7.23
C PHE B 148 -37.13 -10.26 7.19
N LYS B 149 -37.35 -11.51 7.59
CA LYS B 149 -38.71 -12.07 7.57
C LYS B 149 -39.63 -11.34 8.52
N LYS B 150 -39.11 -10.97 9.70
CA LYS B 150 -39.90 -10.27 10.70
C LYS B 150 -39.72 -8.75 10.66
N SER B 151 -38.78 -8.25 9.88
CA SER B 151 -38.49 -6.81 9.88
C SER B 151 -39.65 -6.03 9.29
N LYS B 152 -40.02 -4.94 9.97
CA LYS B 152 -41.07 -4.05 9.51
C LYS B 152 -40.50 -2.73 9.00
N ILE B 153 -39.18 -2.58 8.94
CA ILE B 153 -38.57 -1.43 8.28
C ILE B 153 -38.79 -1.54 6.78
N SER B 154 -39.15 -0.43 6.14
CA SER B 154 -39.57 -0.46 4.74
C SER B 154 -38.45 -0.96 3.83
N THR B 155 -37.21 -0.54 4.09
CA THR B 155 -36.10 -1.02 3.27
C THR B 155 -35.93 -2.53 3.38
N PHE B 156 -35.99 -3.06 4.60
CA PHE B 156 -35.81 -4.49 4.80
C PHE B 156 -37.05 -5.28 4.38
N GLU B 157 -38.23 -4.66 4.47
CA GLU B 157 -39.44 -5.28 3.93
C GLU B 157 -39.33 -5.49 2.43
N LYS B 158 -38.90 -4.45 1.70
CA LYS B 158 -38.75 -4.56 0.26
C LYS B 158 -37.67 -5.58 -0.11
N MET B 159 -36.63 -5.71 0.71
CA MET B 159 -35.60 -6.71 0.44
C MET B 159 -36.11 -8.12 0.73
N TRP B 160 -36.92 -8.27 1.78
CA TRP B 160 -37.48 -9.58 2.09
C TRP B 160 -38.48 -10.00 1.02
N ALA B 161 -39.20 -9.05 0.43
CA ALA B 161 -40.09 -9.37 -0.68
C ALA B 161 -39.32 -9.98 -1.85
N PHE B 162 -38.07 -9.57 -2.05
CA PHE B 162 -37.26 -10.13 -3.12
C PHE B 162 -36.88 -11.57 -2.83
N MET B 163 -36.33 -11.84 -1.64
CA MET B 163 -35.90 -13.20 -1.32
C MET B 163 -37.10 -14.14 -1.22
N SER B 164 -38.24 -13.64 -0.73
CA SER B 164 -39.42 -14.49 -0.63
CA SER B 164 -39.42 -14.49 -0.63
C SER B 164 -40.03 -14.75 -2.00
N SER B 165 -39.88 -13.82 -2.94
CA SER B 165 -40.41 -14.06 -4.27
C SER B 165 -39.52 -14.99 -5.07
N LYS B 166 -38.20 -14.79 -5.00
CA LYS B 166 -37.26 -15.68 -5.67
C LYS B 166 -36.59 -16.56 -4.61
N PRO B 167 -37.01 -17.82 -4.46
CA PRO B 167 -36.44 -18.65 -3.38
C PRO B 167 -34.97 -18.99 -3.58
N SER B 168 -34.46 -18.96 -4.81
CA SER B 168 -33.07 -19.33 -5.07
C SER B 168 -32.09 -18.27 -4.59
N ALA B 169 -32.57 -17.08 -4.22
CA ALA B 169 -31.69 -16.02 -3.75
C ALA B 169 -31.03 -16.40 -2.43
N LEU B 170 -31.67 -17.27 -1.65
CA LEU B 170 -31.14 -17.72 -0.37
C LEU B 170 -30.19 -18.90 -0.60
N VAL B 171 -29.03 -18.85 0.03
CA VAL B 171 -28.01 -19.87 -0.14
C VAL B 171 -28.11 -20.86 1.01
N LYS B 172 -27.50 -22.03 0.81
CA LYS B 172 -27.59 -23.10 1.81
C LYS B 172 -26.68 -22.84 3.00
N ASN B 173 -25.50 -22.29 2.77
CA ASN B 173 -24.57 -22.01 3.86
C ASN B 173 -23.61 -20.91 3.41
N ASN B 174 -22.70 -20.54 4.31
CA ASN B 174 -21.76 -19.46 4.02
C ASN B 174 -20.86 -19.80 2.83
N GLU B 175 -20.46 -21.07 2.71
CA GLU B 175 -19.57 -21.47 1.63
C GLU B 175 -20.21 -21.20 0.27
N GLU B 176 -21.48 -21.53 0.12
CA GLU B 176 -22.17 -21.25 -1.15
C GLU B 176 -22.37 -19.77 -1.37
N GLY B 177 -22.71 -19.02 -0.31
CA GLY B 177 -22.93 -17.60 -0.47
C GLY B 177 -21.67 -16.84 -0.84
N ILE B 178 -20.54 -17.20 -0.23
CA ILE B 178 -19.27 -16.58 -0.59
C ILE B 178 -18.91 -16.92 -2.02
N GLN B 179 -19.16 -18.15 -2.45
CA GLN B 179 -18.86 -18.56 -3.81
C GLN B 179 -19.75 -17.84 -4.82
N ARG B 180 -20.97 -17.49 -4.43
CA ARG B 180 -21.86 -16.78 -5.36
C ARG B 180 -21.45 -15.33 -5.51
N THR B 181 -20.98 -14.70 -4.44
CA THR B 181 -20.51 -13.32 -4.53
C THR B 181 -19.21 -13.20 -5.32
N LEU B 182 -18.46 -14.29 -5.46
CA LEU B 182 -17.20 -14.28 -6.20
C LEU B 182 -17.37 -14.59 -7.67
N THR B 183 -18.49 -15.18 -8.06
CA THR B 183 -18.71 -15.60 -9.44
C THR B 183 -19.98 -15.05 -10.07
N ALA B 184 -20.84 -14.38 -9.31
CA ALA B 184 -22.04 -13.78 -9.86
C ALA B 184 -22.21 -12.37 -9.29
N ASP B 185 -23.08 -11.60 -9.93
CA ASP B 185 -23.43 -10.26 -9.45
C ASP B 185 -24.42 -10.42 -8.30
N TYR B 186 -23.89 -10.74 -7.11
CA TYR B 186 -24.69 -11.13 -5.98
C TYR B 186 -24.07 -10.57 -4.70
N ALA B 187 -24.91 -10.02 -3.84
CA ALA B 187 -24.50 -9.52 -2.54
C ALA B 187 -25.10 -10.41 -1.46
N LEU B 188 -24.28 -10.80 -0.49
CA LEU B 188 -24.72 -11.70 0.56
C LEU B 188 -24.97 -10.94 1.85
N LEU B 189 -26.16 -11.12 2.42
CA LEU B 189 -26.50 -10.54 3.71
C LEU B 189 -25.91 -11.43 4.80
N MET B 190 -24.82 -10.97 5.41
CA MET B 190 -24.00 -11.79 6.28
C MET B 190 -23.70 -11.06 7.59
N GLU B 191 -23.49 -11.84 8.64
CA GLU B 191 -23.10 -11.26 9.93
C GLU B 191 -21.71 -10.67 9.83
N SER B 192 -21.48 -9.57 10.54
CA SER B 192 -20.30 -8.75 10.31
C SER B 192 -19.01 -9.48 10.67
N THR B 193 -19.04 -10.37 11.65
CA THR B 193 -17.82 -11.07 12.05
C THR B 193 -17.31 -11.97 10.94
N THR B 194 -18.22 -12.67 10.24
CA THR B 194 -17.79 -13.49 9.13
C THR B 194 -17.34 -12.63 7.94
N ILE B 195 -17.98 -11.47 7.74
CA ILE B 195 -17.55 -10.56 6.70
C ILE B 195 -16.12 -10.08 6.96
N GLU B 196 -15.83 -9.67 8.19
CA GLU B 196 -14.48 -9.25 8.54
C GLU B 196 -13.47 -10.39 8.33
N TYR B 197 -13.91 -11.63 8.50
CA TYR B 197 -13.03 -12.77 8.32
C TYR B 197 -12.71 -13.01 6.85
N ILE B 198 -13.71 -12.90 5.97
CA ILE B 198 -13.50 -13.22 4.57
C ILE B 198 -12.77 -12.10 3.85
N THR B 199 -13.10 -10.84 4.15
CA THR B 199 -12.46 -9.72 3.46
C THR B 199 -10.98 -9.60 3.77
N GLN B 200 -10.47 -10.28 4.80
CA GLN B 200 -9.05 -10.35 5.08
C GLN B 200 -8.34 -11.43 4.27
N ARG B 201 -9.09 -12.37 3.70
CA ARG B 201 -8.50 -13.44 2.90
C ARG B 201 -8.83 -13.34 1.42
N ASN B 202 -9.98 -12.79 1.06
CA ASN B 202 -10.35 -12.53 -0.33
C ASN B 202 -10.30 -11.01 -0.53
N CYS B 203 -9.21 -10.54 -1.12
CA CYS B 203 -8.96 -9.10 -1.23
C CYS B 203 -9.78 -8.42 -2.32
N ASN B 204 -10.62 -9.15 -3.05
CA ASN B 204 -11.52 -8.54 -4.01
C ASN B 204 -12.94 -8.38 -3.46
N LEU B 205 -13.20 -8.84 -2.24
CA LEU B 205 -14.47 -8.65 -1.57
C LEU B 205 -14.34 -7.53 -0.53
N THR B 206 -15.48 -6.97 -0.15
CA THR B 206 -15.51 -5.88 0.82
C THR B 206 -16.86 -5.87 1.52
N GLN B 207 -16.93 -5.07 2.59
CA GLN B 207 -18.17 -4.86 3.32
C GLN B 207 -18.85 -3.60 2.81
N ILE B 208 -20.14 -3.72 2.49
CA ILE B 208 -20.93 -2.60 1.98
C ILE B 208 -21.78 -2.06 3.13
N GLY B 209 -21.60 -0.78 3.43
CA GLY B 209 -22.34 -0.16 4.49
C GLY B 209 -21.84 -0.55 5.87
N GLY B 210 -22.64 -0.17 6.86
CA GLY B 210 -22.37 -0.45 8.26
C GLY B 210 -23.11 -1.67 8.76
N LEU B 211 -23.41 -1.66 10.06
CA LEU B 211 -24.13 -2.75 10.71
C LEU B 211 -25.62 -2.42 10.76
N ILE B 212 -26.45 -3.39 10.40
CA ILE B 212 -27.88 -3.13 10.34
C ILE B 212 -28.52 -3.23 11.72
N ASP B 213 -28.03 -4.14 12.56
CA ASP B 213 -28.50 -4.28 13.93
C ASP B 213 -27.30 -4.49 14.84
N SER B 214 -27.55 -4.78 16.11
CA SER B 214 -26.49 -4.94 17.11
C SER B 214 -26.83 -6.17 17.96
N LYS B 215 -26.12 -7.27 17.70
CA LYS B 215 -26.36 -8.52 18.41
C LYS B 215 -25.05 -9.08 18.94
N GLY B 216 -25.05 -10.35 19.33
CA GLY B 216 -23.85 -10.97 19.85
C GLY B 216 -23.93 -12.48 19.78
N TYR B 217 -22.76 -13.12 19.84
CA TYR B 217 -22.68 -14.57 19.93
C TYR B 217 -22.58 -14.97 21.40
N GLY B 218 -23.39 -15.96 21.78
CA GLY B 218 -23.37 -16.46 23.15
C GLY B 218 -23.31 -17.97 23.16
N ILE B 219 -22.79 -18.50 24.27
CA ILE B 219 -22.76 -19.95 24.47
C ILE B 219 -24.10 -20.39 25.04
N GLY B 220 -24.72 -21.37 24.38
CA GLY B 220 -26.03 -21.84 24.77
C GLY B 220 -25.96 -22.99 25.76
N THR B 221 -26.83 -22.94 26.76
CA THR B 221 -26.99 -24.00 27.74
C THR B 221 -28.48 -24.27 27.94
N PRO B 222 -28.83 -25.49 28.38
CA PRO B 222 -30.24 -25.74 28.73
C PRO B 222 -30.67 -24.82 29.87
N MET B 223 -31.96 -24.50 29.89
CA MET B 223 -32.46 -23.56 30.88
C MET B 223 -32.34 -24.14 32.29
N GLY B 224 -31.81 -23.33 33.20
CA GLY B 224 -31.55 -23.78 34.55
C GLY B 224 -30.19 -24.37 34.76
N SER B 225 -29.34 -24.40 33.73
CA SER B 225 -28.02 -24.99 33.85
C SER B 225 -27.19 -24.18 34.85
N PRO B 226 -26.51 -24.82 35.79
CA PRO B 226 -25.63 -24.08 36.70
C PRO B 226 -24.39 -23.53 36.02
N TYR B 227 -24.09 -23.99 34.80
CA TYR B 227 -22.89 -23.53 34.09
C TYR B 227 -23.09 -22.21 33.37
N ARG B 228 -24.34 -21.77 33.17
CA ARG B 228 -24.59 -20.55 32.42
C ARG B 228 -23.93 -19.34 33.08
N ASP B 229 -24.26 -19.09 34.35
CA ASP B 229 -23.69 -17.93 35.04
C ASP B 229 -22.20 -18.09 35.26
N LYS B 230 -21.72 -19.32 35.43
CA LYS B 230 -20.29 -19.55 35.57
C LYS B 230 -19.55 -19.23 34.28
N ILE B 231 -20.16 -19.53 33.13
CA ILE B 231 -19.54 -19.22 31.85
C ILE B 231 -19.63 -17.73 31.56
N THR B 232 -20.75 -17.10 31.92
CA THR B 232 -20.90 -15.66 31.72
C THR B 232 -19.82 -14.89 32.47
N ILE B 233 -19.63 -15.21 33.76
CA ILE B 233 -18.61 -14.53 34.55
C ILE B 233 -17.22 -14.79 33.96
N ALA B 234 -16.98 -16.02 33.51
CA ALA B 234 -15.69 -16.34 32.91
C ALA B 234 -15.48 -15.58 31.62
N ILE B 235 -16.53 -15.43 30.81
CA ILE B 235 -16.42 -14.65 29.58
C ILE B 235 -16.15 -13.18 29.91
N LEU B 236 -16.77 -12.67 30.97
CA LEU B 236 -16.51 -11.29 31.38
C LEU B 236 -15.07 -11.11 31.82
N GLN B 237 -14.53 -12.07 32.59
CA GLN B 237 -13.13 -11.99 32.99
C GLN B 237 -12.21 -12.10 31.77
N LEU B 238 -12.58 -12.95 30.81
CA LEU B 238 -11.77 -13.08 29.59
C LEU B 238 -11.77 -11.78 28.80
N GLN B 239 -12.90 -11.08 28.77
CA GLN B 239 -12.95 -9.81 28.03
C GLN B 239 -12.12 -8.74 28.73
N GLU B 240 -12.27 -8.61 30.05
CA GLU B 240 -11.57 -7.56 30.80
C GLU B 240 -10.06 -7.75 30.80
N GLU B 241 -9.57 -8.97 30.62
CA GLU B 241 -8.14 -9.24 30.55
C GLU B 241 -7.59 -9.11 29.14
N ASP B 242 -8.39 -8.59 28.20
CA ASP B 242 -8.01 -8.45 26.80
C ASP B 242 -7.72 -9.80 26.15
N LYS B 243 -8.17 -10.89 26.77
CA LYS B 243 -7.93 -12.21 26.24
C LYS B 243 -8.83 -12.49 25.03
N LEU B 244 -10.07 -12.02 25.06
CA LEU B 244 -10.94 -12.18 23.90
C LEU B 244 -10.44 -11.38 22.71
N HIS B 245 -9.74 -10.26 22.95
CA HIS B 245 -9.19 -9.49 21.84
C HIS B 245 -7.96 -10.18 21.25
N ILE B 246 -7.08 -10.69 22.10
CA ILE B 246 -5.94 -11.48 21.61
C ILE B 246 -6.44 -12.71 20.87
N MET B 247 -7.46 -13.37 21.42
CA MET B 247 -7.97 -14.60 20.83
C MET B 247 -8.59 -14.37 19.46
N LYS B 248 -9.25 -13.22 19.25
CA LYS B 248 -9.89 -12.97 17.96
C LYS B 248 -8.87 -12.64 16.90
N GLU B 249 -7.86 -11.82 17.23
CA GLU B 249 -6.83 -11.47 16.26
C GLU B 249 -6.02 -12.70 15.84
N LYS B 250 -5.96 -13.73 16.68
CA LYS B 250 -5.25 -14.95 16.29
C LYS B 250 -5.88 -15.62 15.08
N TRP B 251 -7.22 -15.62 15.03
CA TRP B 251 -7.94 -16.37 14.01
C TRP B 251 -8.52 -15.50 12.90
N TRP B 252 -8.60 -14.18 13.10
CA TRP B 252 -9.16 -13.29 12.09
C TRP B 252 -8.13 -12.66 11.17
N ARG B 253 -6.88 -12.53 11.60
CA ARG B 253 -5.84 -11.98 10.75
C ARG B 253 -4.89 -13.06 10.25
N SER C 7 -45.65 -4.08 43.28
CA SER C 7 -44.83 -3.19 42.47
C SER C 7 -43.34 -3.46 42.69
N LEU C 8 -42.54 -3.19 41.66
CA LEU C 8 -41.10 -3.37 41.75
C LEU C 8 -40.42 -2.08 42.22
N ILE C 9 -39.36 -2.23 43.00
CA ILE C 9 -38.56 -1.11 43.45
C ILE C 9 -37.39 -0.94 42.50
N VAL C 10 -37.27 0.24 41.89
CA VAL C 10 -36.24 0.53 40.90
C VAL C 10 -35.33 1.61 41.46
N THR C 11 -34.08 1.26 41.71
CA THR C 11 -33.07 2.23 42.11
C THR C 11 -32.34 2.74 40.87
N THR C 12 -31.93 4.01 40.92
CA THR C 12 -31.32 4.64 39.76
C THR C 12 -30.49 5.84 40.22
N LEU C 13 -29.89 6.53 39.25
CA LEU C 13 -29.01 7.65 39.50
C LEU C 13 -29.27 8.75 38.47
N LEU C 14 -28.93 9.97 38.84
CA LEU C 14 -29.01 11.09 37.91
C LEU C 14 -27.78 11.07 37.01
N GLU C 15 -28.00 10.91 35.71
CA GLU C 15 -26.90 10.86 34.74
C GLU C 15 -27.46 11.19 33.36
N GLU C 16 -26.96 12.27 32.77
CA GLU C 16 -27.42 12.66 31.44
C GLU C 16 -26.88 11.69 30.39
N PRO C 17 -27.69 11.28 29.41
CA PRO C 17 -29.12 11.60 29.33
C PRO C 17 -29.99 10.42 29.78
N PHE C 18 -29.46 9.60 30.69
CA PHE C 18 -30.16 8.37 31.07
C PHE C 18 -31.32 8.67 32.03
N VAL C 19 -31.04 9.36 33.13
CA VAL C 19 -32.05 9.72 34.11
C VAL C 19 -31.82 11.16 34.53
N MET C 20 -32.83 12.01 34.34
CA MET C 20 -32.71 13.42 34.65
C MET C 20 -33.99 13.91 35.32
N PHE C 21 -33.88 15.04 36.01
CA PHE C 21 -35.04 15.70 36.59
C PHE C 21 -35.78 16.48 35.50
N ARG C 22 -37.03 16.11 35.26
CA ARG C 22 -37.84 16.76 34.24
C ARG C 22 -38.23 18.16 34.69
N LYS C 23 -37.75 19.18 33.97
CA LYS C 23 -38.01 20.56 34.36
C LYS C 23 -39.46 20.94 34.06
N SER C 24 -40.13 21.49 35.06
CA SER C 24 -41.55 21.81 34.93
C SER C 24 -41.88 22.99 35.83
N ASP C 25 -42.98 23.67 35.50
CA ASP C 25 -43.47 24.76 36.34
C ASP C 25 -44.29 24.26 37.52
N ARG C 26 -44.95 23.12 37.37
CA ARG C 26 -45.70 22.48 38.45
C ARG C 26 -44.83 21.45 39.15
N THR C 27 -45.06 21.30 40.46
CA THR C 27 -44.30 20.33 41.24
C THR C 27 -44.65 18.92 40.79
N LEU C 28 -43.62 18.13 40.49
CA LEU C 28 -43.81 16.77 40.00
C LEU C 28 -43.68 15.77 41.15
N TYR C 29 -44.46 14.69 41.05
CA TYR C 29 -44.53 13.68 42.09
C TYR C 29 -44.34 12.29 41.48
N GLY C 30 -43.85 11.36 42.29
CA GLY C 30 -43.73 9.98 41.89
C GLY C 30 -42.75 9.78 40.76
N ASN C 31 -43.08 8.81 39.88
CA ASN C 31 -42.21 8.50 38.75
C ASN C 31 -42.20 9.60 37.70
N ASP C 32 -43.21 10.49 37.71
CA ASP C 32 -43.25 11.56 36.72
C ASP C 32 -42.16 12.61 36.95
N ARG C 33 -41.39 12.51 38.03
CA ARG C 33 -40.30 13.46 38.24
C ARG C 33 -39.15 13.24 37.28
N PHE C 34 -39.04 12.05 36.69
CA PHE C 34 -37.85 11.65 35.94
C PHE C 34 -38.15 11.51 34.46
N GLU C 35 -37.12 11.72 33.65
CA GLU C 35 -37.18 11.48 32.22
C GLU C 35 -35.78 11.08 31.74
N GLY C 36 -35.72 10.55 30.53
CA GLY C 36 -34.43 10.15 29.97
C GLY C 36 -34.47 8.83 29.26
N TYR C 37 -33.31 8.38 28.76
CA TYR C 37 -33.23 7.10 28.05
C TYR C 37 -33.65 5.95 28.96
N CYS C 38 -33.10 5.89 30.17
CA CYS C 38 -33.44 4.80 31.08
C CYS C 38 -34.89 4.88 31.53
N ILE C 39 -35.45 6.08 31.60
CA ILE C 39 -36.86 6.20 31.95
C ILE C 39 -37.73 5.69 30.81
N ASP C 40 -37.39 6.05 29.56
CA ASP C 40 -38.11 5.52 28.42
C ASP C 40 -37.95 4.01 28.31
N LEU C 41 -36.74 3.51 28.58
CA LEU C 41 -36.52 2.06 28.59
C LEU C 41 -37.35 1.40 29.68
N LEU C 42 -37.45 2.04 30.84
CA LEU C 42 -38.20 1.46 31.96
C LEU C 42 -39.69 1.39 31.63
N LYS C 43 -40.21 2.43 30.97
CA LYS C 43 -41.61 2.42 30.55
C LYS C 43 -41.87 1.27 29.59
N GLU C 44 -41.01 1.10 28.60
CA GLU C 44 -41.22 0.06 27.59
C GLU C 44 -41.09 -1.33 28.19
N LEU C 45 -40.14 -1.53 29.11
CA LEU C 45 -40.00 -2.82 29.77
C LEU C 45 -41.23 -3.14 30.60
N ALA C 46 -41.75 -2.15 31.34
CA ALA C 46 -42.96 -2.36 32.12
C ALA C 46 -44.14 -2.69 31.22
N HIS C 47 -44.15 -2.17 30.00
CA HIS C 47 -45.24 -2.47 29.07
CA HIS C 47 -45.24 -2.47 29.07
C HIS C 47 -45.17 -3.93 28.59
N ILE C 48 -43.96 -4.42 28.32
CA ILE C 48 -43.81 -5.78 27.81
C ILE C 48 -44.08 -6.81 28.90
N LEU C 49 -43.47 -6.62 30.07
CA LEU C 49 -43.59 -7.57 31.16
C LEU C 49 -44.82 -7.37 32.03
N GLY C 50 -45.49 -6.23 31.93
CA GLY C 50 -46.71 -6.00 32.66
C GLY C 50 -46.52 -5.88 34.16
N PHE C 51 -45.75 -4.88 34.60
CA PHE C 51 -45.56 -4.63 36.02
C PHE C 51 -45.58 -3.13 36.27
N SER C 52 -45.95 -2.75 37.49
CA SER C 52 -45.83 -1.37 37.97
C SER C 52 -44.54 -1.22 38.76
N TYR C 53 -44.08 0.02 38.87
CA TYR C 53 -42.77 0.25 39.48
C TYR C 53 -42.77 1.58 40.22
N GLU C 54 -41.78 1.72 41.10
CA GLU C 54 -41.53 2.95 41.84
C GLU C 54 -40.05 3.25 41.75
N ILE C 55 -39.72 4.45 41.27
CA ILE C 55 -38.33 4.86 41.08
C ILE C 55 -37.82 5.53 42.35
N ARG C 56 -36.69 5.06 42.85
CA ARG C 56 -36.06 5.62 44.05
C ARG C 56 -34.59 5.92 43.74
N LEU C 57 -34.21 7.19 43.81
CA LEU C 57 -32.79 7.51 43.69
C LEU C 57 -32.02 6.95 44.87
N VAL C 58 -30.93 6.23 44.60
CA VAL C 58 -30.15 5.65 45.67
C VAL C 58 -29.51 6.77 46.47
N GLU C 59 -29.47 6.61 47.80
CA GLU C 59 -29.12 7.74 48.67
C GLU C 59 -27.64 8.10 48.55
N ASP C 60 -26.75 7.10 48.59
CA ASP C 60 -25.33 7.42 48.55
C ASP C 60 -24.87 7.90 47.18
N GLY C 61 -25.75 7.87 46.17
CA GLY C 61 -25.43 8.41 44.87
C GLY C 61 -24.35 7.71 44.10
N LYS C 62 -24.06 6.45 44.42
CA LYS C 62 -23.01 5.69 43.76
C LYS C 62 -23.60 4.55 42.94
N TYR C 63 -22.80 4.06 41.99
CA TYR C 63 -23.24 2.96 41.13
C TYR C 63 -23.02 1.61 41.80
N GLY C 64 -21.80 1.36 42.28
CA GLY C 64 -21.51 0.10 42.93
C GLY C 64 -20.05 -0.29 42.82
N ALA C 65 -19.31 -0.17 43.92
CA ALA C 65 -17.91 -0.55 43.98
C ALA C 65 -17.67 -1.40 45.21
N GLN C 66 -16.64 -2.24 45.13
CA GLN C 66 -16.31 -3.18 46.20
C GLN C 66 -14.97 -2.78 46.81
N ASP C 67 -14.97 -2.52 48.12
CA ASP C 67 -13.76 -2.11 48.81
C ASP C 67 -12.89 -3.32 49.08
N ASP C 68 -11.84 -3.14 49.90
CA ASP C 68 -10.91 -4.23 50.18
C ASP C 68 -11.55 -5.34 51.00
N LYS C 69 -12.65 -5.06 51.68
CA LYS C 69 -13.29 -6.02 52.56
C LYS C 69 -14.45 -6.76 51.92
N GLY C 70 -14.69 -6.54 50.62
CA GLY C 70 -15.80 -7.17 49.93
C GLY C 70 -17.13 -6.46 50.09
N GLN C 71 -17.17 -5.33 50.78
CA GLN C 71 -18.41 -4.62 51.02
C GLN C 71 -18.79 -3.78 49.81
N TRP C 72 -20.07 -3.84 49.42
CA TRP C 72 -20.57 -3.09 48.29
C TRP C 72 -21.26 -1.80 48.74
N ASN C 73 -21.41 -0.88 47.79
CA ASN C 73 -22.15 0.36 48.01
C ASN C 73 -23.01 0.63 46.79
N GLY C 74 -23.72 1.76 46.82
CA GLY C 74 -24.49 2.20 45.66
C GLY C 74 -25.63 1.27 45.30
N MET C 75 -25.96 1.24 44.01
CA MET C 75 -27.10 0.47 43.54
C MET C 75 -26.86 -1.04 43.64
N VAL C 76 -25.61 -1.49 43.46
CA VAL C 76 -25.32 -2.91 43.53
C VAL C 76 -25.61 -3.44 44.92
N LYS C 77 -25.26 -2.68 45.96
CA LYS C 77 -25.53 -3.11 47.32
C LYS C 77 -27.03 -3.18 47.59
N GLU C 78 -27.79 -2.23 47.04
CA GLU C 78 -29.24 -2.24 47.22
C GLU C 78 -29.86 -3.52 46.66
N LEU C 79 -29.32 -4.02 45.55
CA LEU C 79 -29.84 -5.26 44.97
C LEU C 79 -29.45 -6.45 45.83
N ILE C 80 -28.23 -6.46 46.37
CA ILE C 80 -27.78 -7.58 47.19
C ILE C 80 -28.64 -7.69 48.45
N ASP C 81 -28.92 -6.57 49.11
CA ASP C 81 -29.72 -6.54 50.33
C ASP C 81 -31.22 -6.62 50.06
N HIS C 82 -31.63 -6.88 48.83
CA HIS C 82 -33.04 -6.99 48.45
C HIS C 82 -33.82 -5.71 48.78
N LYS C 83 -33.14 -4.57 48.77
CA LYS C 83 -33.78 -3.28 48.96
C LYS C 83 -34.25 -2.65 47.65
N ALA C 84 -34.16 -3.39 46.56
CA ALA C 84 -34.61 -2.92 45.24
C ALA C 84 -34.69 -4.12 44.31
N ASP C 85 -35.63 -4.05 43.37
CA ASP C 85 -35.83 -5.13 42.41
C ASP C 85 -35.05 -4.93 41.12
N LEU C 86 -34.96 -3.69 40.64
CA LEU C 86 -34.27 -3.38 39.40
C LEU C 86 -33.31 -2.22 39.61
N ALA C 87 -32.26 -2.19 38.80
CA ALA C 87 -31.32 -1.08 38.74
C ALA C 87 -31.26 -0.62 37.29
N VAL C 88 -32.00 0.43 36.97
CA VAL C 88 -32.10 0.94 35.60
C VAL C 88 -31.24 2.20 35.54
N ALA C 89 -30.03 2.06 35.02
CA ALA C 89 -29.04 3.12 34.95
C ALA C 89 -27.92 2.68 34.03
N PRO C 90 -27.02 3.57 33.60
CA PRO C 90 -25.86 3.12 32.83
C PRO C 90 -24.92 2.30 33.70
N LEU C 91 -25.38 1.13 34.15
CA LEU C 91 -24.61 0.27 35.03
C LEU C 91 -23.78 -0.68 34.17
N THR C 92 -22.46 -0.47 34.16
CA THR C 92 -21.58 -1.25 33.30
C THR C 92 -21.51 -2.69 33.76
N ILE C 93 -21.62 -3.61 32.81
CA ILE C 93 -21.52 -5.05 33.10
C ILE C 93 -20.04 -5.35 33.32
N THR C 94 -19.69 -5.74 34.53
CA THR C 94 -18.34 -6.12 34.88
C THR C 94 -18.36 -7.49 35.56
N ALA C 95 -17.20 -8.15 35.53
CA ALA C 95 -17.10 -9.47 36.13
C ALA C 95 -17.32 -9.41 37.64
N VAL C 96 -16.77 -8.39 38.29
CA VAL C 96 -16.89 -8.28 39.75
C VAL C 96 -18.34 -8.02 40.15
N ARG C 97 -19.04 -7.15 39.40
CA ARG C 97 -20.44 -6.89 39.72
C ARG C 97 -21.32 -8.08 39.41
N GLU C 98 -21.01 -8.82 38.33
CA GLU C 98 -21.82 -9.96 37.96
C GLU C 98 -21.71 -11.10 38.97
N LYS C 99 -20.61 -11.17 39.72
CA LYS C 99 -20.47 -12.20 40.74
C LYS C 99 -21.37 -11.96 41.94
N ALA C 100 -21.90 -10.74 42.09
CA ALA C 100 -22.72 -10.37 43.22
C ALA C 100 -24.20 -10.18 42.88
N ILE C 101 -24.51 -9.72 41.68
CA ILE C 101 -25.89 -9.51 41.25
C ILE C 101 -26.11 -10.22 39.93
N ASP C 102 -27.34 -10.20 39.46
CA ASP C 102 -27.73 -10.81 38.18
C ASP C 102 -27.99 -9.71 37.16
N PHE C 103 -27.05 -9.51 36.24
CA PHE C 103 -27.22 -8.58 35.14
C PHE C 103 -28.11 -9.20 34.06
N SER C 104 -28.98 -8.38 33.49
CA SER C 104 -29.64 -8.77 32.26
C SER C 104 -28.65 -8.63 31.10
N LYS C 105 -29.03 -9.16 29.95
CA LYS C 105 -28.22 -8.96 28.76
C LYS C 105 -28.19 -7.47 28.39
N PRO C 106 -27.13 -7.02 27.72
CA PRO C 106 -26.95 -5.57 27.52
C PRO C 106 -28.03 -4.97 26.62
N PHE C 107 -28.45 -3.76 26.98
CA PHE C 107 -29.32 -2.95 26.14
C PHE C 107 -28.54 -1.88 25.38
N MET C 108 -27.25 -1.70 25.67
CA MET C 108 -26.45 -0.71 24.99
C MET C 108 -24.98 -1.12 25.09
N THR C 109 -24.26 -0.97 23.98
CA THR C 109 -22.84 -1.26 23.92
C THR C 109 -22.02 0.00 24.12
N LEU C 110 -20.85 -0.15 24.73
CA LEU C 110 -19.93 0.96 24.90
C LEU C 110 -18.52 0.40 25.11
N GLY C 111 -17.55 1.29 25.05
CA GLY C 111 -16.17 0.95 25.38
C GLY C 111 -15.49 2.16 25.97
N VAL C 112 -14.40 1.90 26.70
CA VAL C 112 -13.63 2.99 27.30
C VAL C 112 -12.88 3.72 26.19
N SER C 113 -12.93 5.06 26.22
CA SER C 113 -12.22 5.89 25.27
C SER C 113 -11.75 7.15 26.00
N ILE C 114 -11.30 8.13 25.23
CA ILE C 114 -10.66 9.33 25.75
C ILE C 114 -11.47 10.56 25.35
N LEU C 115 -11.79 11.42 26.32
CA LEU C 115 -12.39 12.72 26.07
C LEU C 115 -11.31 13.78 26.24
N TYR C 116 -11.09 14.58 25.20
CA TYR C 116 -10.01 15.55 25.20
C TYR C 116 -10.37 16.71 24.28
N ARG C 117 -9.54 17.75 24.32
CA ARG C 117 -9.73 18.91 23.46
C ARG C 117 -9.36 18.59 22.01
N LYS C 118 -9.90 19.39 21.10
CA LYS C 118 -9.59 19.25 19.68
C LYS C 118 -8.31 20.00 19.33
N GLY C 119 -7.82 19.75 18.12
CA GLY C 119 -6.60 20.40 17.65
C GLY C 119 -5.36 20.03 18.43
N THR C 120 -5.20 18.74 18.74
CA THR C 120 -4.06 18.26 19.51
C THR C 120 -3.46 17.05 18.81
N PRO C 121 -2.12 16.94 18.74
CA PRO C 121 -1.52 15.77 18.10
C PRO C 121 -1.79 14.45 18.81
N ILE C 122 -2.42 14.48 20.00
CA ILE C 122 -2.77 13.25 20.68
C ILE C 122 -3.75 12.44 19.82
N ASP C 123 -3.38 11.19 19.55
CA ASP C 123 -4.16 10.33 18.65
C ASP C 123 -4.57 9.01 19.27
N SER C 124 -3.97 8.59 20.38
CA SER C 124 -4.26 7.29 20.97
C SER C 124 -3.96 7.34 22.46
N ALA C 125 -4.40 6.30 23.18
CA ALA C 125 -4.07 6.20 24.58
C ALA C 125 -2.57 6.02 24.80
N ASP C 126 -1.88 5.47 23.79
CA ASP C 126 -0.44 5.28 23.90
C ASP C 126 0.30 6.63 23.89
N ASP C 127 -0.22 7.60 23.14
CA ASP C 127 0.40 8.92 23.12
C ASP C 127 0.32 9.60 24.47
N LEU C 128 -0.79 9.39 25.20
CA LEU C 128 -0.92 9.97 26.53
C LEU C 128 0.04 9.30 27.51
N ALA C 129 0.26 7.99 27.36
CA ALA C 129 1.08 7.25 28.32
C ALA C 129 2.54 7.67 28.24
N LYS C 130 3.06 7.88 27.04
CA LYS C 130 4.48 8.15 26.85
C LYS C 130 4.87 9.60 27.16
N GLN C 131 3.93 10.44 27.60
CA GLN C 131 4.22 11.81 27.99
C GLN C 131 3.70 12.05 29.39
N THR C 132 4.04 13.22 29.94
CA THR C 132 3.70 13.54 31.33
C THR C 132 3.07 14.91 31.52
N LYS C 133 3.11 15.80 30.52
CA LYS C 133 2.55 17.14 30.69
C LYS C 133 1.04 17.07 30.83
N ILE C 134 0.38 16.28 29.99
CA ILE C 134 -1.06 16.18 29.96
C ILE C 134 -1.49 15.15 31.02
N GLU C 135 -2.05 15.63 32.12
CA GLU C 135 -2.57 14.72 33.13
C GLU C 135 -3.89 14.10 32.65
N TYR C 136 -4.09 12.83 33.02
CA TYR C 136 -5.28 12.10 32.62
C TYR C 136 -5.80 11.29 33.80
N GLY C 137 -7.07 10.93 33.73
CA GLY C 137 -7.67 10.16 34.79
C GLY C 137 -9.05 9.67 34.41
N ALA C 138 -9.80 9.25 35.43
CA ALA C 138 -11.14 8.72 35.22
C ALA C 138 -11.96 8.94 36.49
N VAL C 139 -13.24 8.61 36.42
CA VAL C 139 -14.12 8.73 37.56
C VAL C 139 -13.68 7.74 38.64
N LYS C 140 -13.47 8.25 39.85
CA LYS C 140 -12.97 7.43 40.95
C LYS C 140 -13.90 6.26 41.22
N ASP C 141 -13.32 5.07 41.35
CA ASP C 141 -14.03 3.85 41.75
C ASP C 141 -15.08 3.42 40.74
N GLY C 142 -15.02 3.96 39.52
CA GLY C 142 -15.92 3.53 38.46
C GLY C 142 -15.44 2.27 37.77
N ALA C 143 -16.18 1.88 36.73
CA ALA C 143 -15.80 0.71 35.95
C ALA C 143 -14.56 0.99 35.10
N THR C 144 -14.40 2.23 34.63
CA THR C 144 -13.24 2.57 33.83
C THR C 144 -11.97 2.56 34.68
N MET C 145 -12.02 3.11 35.88
CA MET C 145 -10.85 3.12 36.75
C MET C 145 -10.44 1.71 37.14
N THR C 146 -11.40 0.86 37.46
CA THR C 146 -11.09 -0.53 37.80
C THR C 146 -10.44 -1.25 36.63
N PHE C 147 -10.82 -0.88 35.40
CA PHE C 147 -10.19 -1.48 34.22
C PHE C 147 -8.70 -1.20 34.19
N PHE C 148 -8.32 0.08 34.35
CA PHE C 148 -6.91 0.41 34.35
C PHE C 148 -6.17 -0.18 35.55
N LYS C 149 -6.86 -0.32 36.68
CA LYS C 149 -6.23 -0.90 37.86
C LYS C 149 -5.90 -2.37 37.65
N LYS C 150 -6.77 -3.11 36.96
CA LYS C 150 -6.60 -4.54 36.74
C LYS C 150 -5.93 -4.87 35.41
N SER C 151 -5.77 -3.90 34.52
CA SER C 151 -5.24 -4.18 33.20
C SER C 151 -3.77 -4.58 33.28
N LYS C 152 -3.37 -5.52 32.43
CA LYS C 152 -1.98 -5.95 32.33
C LYS C 152 -1.34 -5.53 31.02
N ILE C 153 -2.02 -4.72 30.21
CA ILE C 153 -1.42 -4.16 29.02
C ILE C 153 -0.43 -3.08 29.44
N SER C 154 0.76 -3.09 28.84
CA SER C 154 1.84 -2.21 29.28
C SER C 154 1.44 -0.74 29.20
N THR C 155 0.67 -0.38 28.17
CA THR C 155 0.23 1.00 28.05
C THR C 155 -0.72 1.36 29.19
N PHE C 156 -1.68 0.48 29.48
CA PHE C 156 -2.65 0.77 30.53
C PHE C 156 -2.05 0.61 31.93
N GLU C 157 -1.06 -0.27 32.08
CA GLU C 157 -0.35 -0.33 33.36
C GLU C 157 0.40 0.97 33.62
N LYS C 158 1.06 1.51 32.60
CA LYS C 158 1.76 2.78 32.72
C LYS C 158 0.81 3.92 33.03
N MET C 159 -0.41 3.87 32.47
CA MET C 159 -1.38 4.93 32.72
C MET C 159 -1.97 4.84 34.12
N TRP C 160 -2.19 3.62 34.60
CA TRP C 160 -2.71 3.44 35.95
C TRP C 160 -1.70 3.85 37.01
N ALA C 161 -0.41 3.64 36.75
CA ALA C 161 0.63 4.12 37.68
C ALA C 161 0.56 5.62 37.85
N PHE C 162 0.18 6.35 36.80
CA PHE C 162 0.07 7.80 36.88
C PHE C 162 -1.11 8.22 37.75
N MET C 163 -2.29 7.63 37.50
CA MET C 163 -3.49 8.03 38.22
C MET C 163 -3.40 7.71 39.69
N SER C 164 -2.94 6.50 40.03
CA SER C 164 -2.92 6.08 41.43
C SER C 164 -1.92 6.86 42.25
N SER C 165 -0.88 7.42 41.63
CA SER C 165 0.14 8.15 42.39
C SER C 165 -0.35 9.54 42.77
N LYS C 166 -1.04 10.23 41.86
CA LYS C 166 -1.55 11.56 42.13
C LYS C 166 -3.04 11.49 42.42
N PRO C 167 -3.48 11.74 43.66
CA PRO C 167 -4.91 11.56 43.98
C PRO C 167 -5.84 12.51 43.23
N SER C 168 -5.34 13.65 42.78
CA SER C 168 -6.19 14.60 42.07
C SER C 168 -6.53 14.19 40.65
N ALA C 169 -5.84 13.20 40.09
CA ALA C 169 -6.10 12.80 38.71
C ALA C 169 -7.48 12.19 38.56
N LEU C 170 -7.99 11.52 39.59
CA LEU C 170 -9.31 10.91 39.54
C LEU C 170 -10.37 11.91 40.00
N VAL C 171 -11.44 12.03 39.22
CA VAL C 171 -12.51 12.95 39.52
C VAL C 171 -13.65 12.19 40.19
N LYS C 172 -14.60 12.94 40.77
CA LYS C 172 -15.68 12.30 41.52
C LYS C 172 -16.80 11.83 40.60
N ASN C 173 -17.12 12.60 39.56
CA ASN C 173 -18.20 12.24 38.65
C ASN C 173 -17.85 12.76 37.26
N ASN C 174 -18.73 12.48 36.29
CA ASN C 174 -18.47 12.88 34.92
C ASN C 174 -18.44 14.39 34.77
N GLU C 175 -19.34 15.10 35.45
CA GLU C 175 -19.41 16.56 35.30
C GLU C 175 -18.11 17.21 35.74
N GLU C 176 -17.52 16.74 36.84
CA GLU C 176 -16.23 17.27 37.28
C GLU C 176 -15.13 16.93 36.27
N GLY C 177 -15.16 15.71 35.73
CA GLY C 177 -14.16 15.33 34.74
C GLY C 177 -14.28 16.11 33.45
N ILE C 178 -15.51 16.37 33.00
CA ILE C 178 -15.72 17.16 31.79
C ILE C 178 -15.19 18.57 31.97
N GLN C 179 -15.57 19.22 33.08
CA GLN C 179 -15.12 20.59 33.34
C GLN C 179 -13.62 20.66 33.49
N ARG C 180 -12.99 19.57 33.96
CA ARG C 180 -11.54 19.57 34.10
C ARG C 180 -10.86 19.50 32.74
N THR C 181 -11.43 18.75 31.80
CA THR C 181 -10.92 18.76 30.43
C THR C 181 -11.09 20.12 29.77
N LEU C 182 -11.97 20.96 30.30
CA LEU C 182 -12.20 22.29 29.76
C LEU C 182 -11.33 23.36 30.40
N THR C 183 -10.96 23.20 31.67
CA THR C 183 -10.20 24.23 32.38
C THR C 183 -8.72 23.93 32.50
N ALA C 184 -8.30 22.68 32.26
CA ALA C 184 -6.90 22.31 32.39
C ALA C 184 -6.51 21.43 31.21
N ASP C 185 -5.21 21.23 31.05
CA ASP C 185 -4.68 20.33 30.03
C ASP C 185 -4.85 18.91 30.57
N TYR C 186 -6.07 18.40 30.40
CA TYR C 186 -6.49 17.16 31.04
C TYR C 186 -7.35 16.35 30.07
N ALA C 187 -7.08 15.05 29.98
CA ALA C 187 -7.87 14.12 29.19
C ALA C 187 -8.59 13.17 30.13
N LEU C 188 -9.87 12.95 29.90
CA LEU C 188 -10.68 12.11 30.75
C LEU C 188 -10.94 10.77 30.07
N LEU C 189 -10.62 9.68 30.76
CA LEU C 189 -10.95 8.34 30.29
C LEU C 189 -12.40 8.04 30.64
N MET C 190 -13.26 8.05 29.63
CA MET C 190 -14.70 8.04 29.78
C MET C 190 -15.29 6.98 28.87
N GLU C 191 -16.45 6.46 29.25
CA GLU C 191 -17.13 5.49 28.41
C GLU C 191 -17.64 6.16 27.14
N SER C 192 -17.62 5.41 26.04
CA SER C 192 -17.79 5.99 24.71
C SER C 192 -19.18 6.59 24.51
N THR C 193 -20.21 6.02 25.14
CA THR C 193 -21.56 6.54 24.94
C THR C 193 -21.70 7.95 25.50
N THR C 194 -21.11 8.22 26.66
CA THR C 194 -21.15 9.57 27.20
C THR C 194 -20.28 10.52 26.39
N ILE C 195 -19.15 10.04 25.87
CA ILE C 195 -18.33 10.85 24.98
C ILE C 195 -19.12 11.24 23.74
N GLU C 196 -19.81 10.27 23.14
CA GLU C 196 -20.65 10.55 21.98
C GLU C 196 -21.73 11.58 22.32
N TYR C 197 -22.18 11.61 23.57
CA TYR C 197 -23.20 12.57 23.98
C TYR C 197 -22.63 13.97 24.11
N ILE C 198 -21.43 14.10 24.67
CA ILE C 198 -20.84 15.41 24.91
C ILE C 198 -20.29 16.03 23.64
N THR C 199 -19.68 15.22 22.78
CA THR C 199 -19.08 15.73 21.54
C THR C 199 -20.11 16.33 20.58
N GLN C 200 -21.40 16.06 20.77
CA GLN C 200 -22.44 16.67 19.95
C GLN C 200 -23.01 17.94 20.57
N ARG C 201 -22.64 18.26 21.81
CA ARG C 201 -23.15 19.43 22.50
C ARG C 201 -22.08 20.41 22.94
N ASN C 202 -20.85 19.96 23.13
CA ASN C 202 -19.71 20.82 23.46
C ASN C 202 -18.69 20.62 22.34
N CYS C 203 -18.64 21.56 21.40
CA CYS C 203 -17.87 21.39 20.17
C CYS C 203 -16.36 21.60 20.34
N ASN C 204 -15.87 21.95 21.52
CA ASN C 204 -14.42 22.05 21.70
C ASN C 204 -13.82 20.76 22.25
N LEU C 205 -14.63 19.74 22.49
CA LEU C 205 -14.18 18.43 22.93
C LEU C 205 -14.32 17.43 21.80
N THR C 206 -13.57 16.34 21.91
CA THR C 206 -13.60 15.28 20.91
C THR C 206 -13.18 13.97 21.55
N GLN C 207 -13.37 12.88 20.81
CA GLN C 207 -12.93 11.55 21.23
C GLN C 207 -11.57 11.28 20.61
N ILE C 208 -10.63 10.82 21.44
CA ILE C 208 -9.27 10.50 20.99
C ILE C 208 -9.16 9.01 20.80
N GLY C 209 -8.86 8.58 19.58
CA GLY C 209 -8.73 7.17 19.30
C GLY C 209 -10.07 6.45 19.32
N GLY C 210 -9.98 5.13 19.31
CA GLY C 210 -11.15 4.28 19.36
C GLY C 210 -11.45 3.79 20.77
N LEU C 211 -12.12 2.65 20.84
CA LEU C 211 -12.50 2.04 22.11
C LEU C 211 -11.48 0.99 22.50
N ILE C 212 -11.01 1.03 23.75
CA ILE C 212 -9.96 0.12 24.19
C ILE C 212 -10.53 -1.23 24.62
N ASP C 213 -11.77 -1.28 25.09
CA ASP C 213 -12.40 -2.54 25.45
C ASP C 213 -13.81 -2.59 24.87
N SER C 214 -14.55 -3.65 25.21
CA SER C 214 -15.88 -3.87 24.67
C SER C 214 -16.80 -4.36 25.78
N LYS C 215 -17.67 -3.47 26.27
CA LYS C 215 -18.57 -3.81 27.37
C LYS C 215 -20.00 -3.43 27.03
N GLY C 216 -20.88 -3.40 28.03
CA GLY C 216 -22.27 -3.04 27.80
C GLY C 216 -22.94 -2.62 29.09
N TYR C 217 -24.05 -1.91 28.93
CA TYR C 217 -24.91 -1.54 30.04
C TYR C 217 -26.00 -2.59 30.21
N GLY C 218 -26.22 -3.03 31.44
CA GLY C 218 -27.24 -4.01 31.72
C GLY C 218 -28.12 -3.59 32.87
N ILE C 219 -29.32 -4.15 32.89
CA ILE C 219 -30.25 -3.92 33.98
C ILE C 219 -29.88 -4.83 35.15
N GLY C 220 -29.70 -4.24 36.33
CA GLY C 220 -29.28 -4.99 37.49
C GLY C 220 -30.47 -5.50 38.28
N THR C 221 -30.39 -6.75 38.70
CA THR C 221 -31.39 -7.39 39.56
C THR C 221 -30.67 -8.17 40.64
N PRO C 222 -31.32 -8.40 41.78
CA PRO C 222 -30.74 -9.31 42.77
C PRO C 222 -30.54 -10.70 42.19
N MET C 223 -29.55 -11.41 42.71
CA MET C 223 -29.21 -12.73 42.18
C MET C 223 -30.36 -13.70 42.42
N GLY C 224 -30.75 -14.41 41.37
CA GLY C 224 -31.89 -15.31 41.41
C GLY C 224 -33.21 -14.68 41.06
N SER C 225 -33.24 -13.41 40.67
CA SER C 225 -34.50 -12.76 40.35
C SER C 225 -35.12 -13.39 39.11
N PRO C 226 -36.41 -13.73 39.15
CA PRO C 226 -37.06 -14.25 37.94
C PRO C 226 -37.31 -13.19 36.88
N TYR C 227 -37.15 -11.90 37.21
CA TYR C 227 -37.38 -10.85 36.24
C TYR C 227 -36.18 -10.61 35.35
N ARG C 228 -34.99 -11.11 35.73
CA ARG C 228 -33.79 -10.88 34.92
C ARG C 228 -33.96 -11.46 33.53
N ASP C 229 -34.29 -12.75 33.44
CA ASP C 229 -34.46 -13.39 32.13
C ASP C 229 -35.64 -12.79 31.38
N LYS C 230 -36.70 -12.39 32.10
CA LYS C 230 -37.81 -11.72 31.44
C LYS C 230 -37.37 -10.36 30.88
N ILE C 231 -36.48 -9.66 31.58
CA ILE C 231 -35.94 -8.42 31.04
C ILE C 231 -34.96 -8.70 29.90
N THR C 232 -34.16 -9.76 30.03
CA THR C 232 -33.25 -10.13 28.95
C THR C 232 -34.02 -10.40 27.65
N ILE C 233 -35.07 -11.22 27.74
CA ILE C 233 -35.89 -11.52 26.56
C ILE C 233 -36.56 -10.27 26.03
N ALA C 234 -37.03 -9.40 26.94
CA ALA C 234 -37.69 -8.17 26.53
C ALA C 234 -36.71 -7.22 25.84
N ILE C 235 -35.47 -7.13 26.34
CA ILE C 235 -34.47 -6.28 25.71
C ILE C 235 -34.13 -6.79 24.32
N LEU C 236 -34.08 -8.11 24.15
CA LEU C 236 -33.82 -8.68 22.83
C LEU C 236 -34.92 -8.33 21.85
N GLN C 237 -36.18 -8.37 22.29
CA GLN C 237 -37.28 -7.97 21.42
C GLN C 237 -37.19 -6.51 21.04
N LEU C 238 -36.80 -5.66 22.00
CA LEU C 238 -36.66 -4.24 21.72
C LEU C 238 -35.54 -3.97 20.72
N GLN C 239 -34.44 -4.72 20.81
CA GLN C 239 -33.34 -4.55 19.87
C GLN C 239 -33.73 -5.02 18.48
N GLU C 240 -34.36 -6.19 18.38
CA GLU C 240 -34.72 -6.73 17.08
C GLU C 240 -35.74 -5.88 16.36
N GLU C 241 -36.54 -5.10 17.10
CA GLU C 241 -37.52 -4.19 16.53
C GLU C 241 -36.94 -2.80 16.27
N ASP C 242 -35.62 -2.63 16.40
CA ASP C 242 -34.93 -1.35 16.17
C ASP C 242 -35.40 -0.26 17.13
N LYS C 243 -36.07 -0.63 18.23
CA LYS C 243 -36.58 0.38 19.15
C LYS C 243 -35.48 0.90 20.07
N LEU C 244 -34.55 0.05 20.49
CA LEU C 244 -33.38 0.54 21.24
C LEU C 244 -32.56 1.49 20.41
N HIS C 245 -32.51 1.29 19.09
CA HIS C 245 -31.84 2.24 18.20
C HIS C 245 -32.59 3.57 18.19
N ILE C 246 -33.89 3.54 17.91
CA ILE C 246 -34.69 4.76 17.90
C ILE C 246 -34.64 5.44 19.26
N MET C 247 -34.61 4.65 20.33
CA MET C 247 -34.61 5.22 21.68
C MET C 247 -33.31 5.96 21.97
N LYS C 248 -32.18 5.45 21.48
CA LYS C 248 -30.92 6.12 21.73
C LYS C 248 -30.79 7.40 20.91
N GLU C 249 -31.17 7.35 19.62
CA GLU C 249 -31.09 8.54 18.79
C GLU C 249 -31.96 9.66 19.34
N LYS C 250 -33.01 9.32 20.09
CA LYS C 250 -33.92 10.32 20.63
C LYS C 250 -33.23 11.19 21.68
N TRP C 251 -32.37 10.59 22.50
CA TRP C 251 -31.74 11.31 23.61
C TRP C 251 -30.29 11.70 23.35
N TRP C 252 -29.66 11.13 22.32
CA TRP C 252 -28.27 11.42 22.01
C TRP C 252 -28.09 12.48 20.93
N ARG C 253 -29.15 12.81 20.18
CA ARG C 253 -29.04 13.76 19.09
C ARG C 253 -28.88 15.17 19.61
N GLY C 254 -27.78 15.83 19.23
CA GLY C 254 -27.50 17.19 19.63
C GLY C 254 -27.66 18.18 18.50
N SER C 255 -27.16 19.39 18.75
CA SER C 255 -27.23 20.44 17.73
C SER C 255 -26.25 20.19 16.59
N GLY C 256 -25.14 19.51 16.87
CA GLY C 256 -24.11 19.28 15.87
C GLY C 256 -22.91 20.17 16.08
N CYS C 257 -21.80 19.77 15.46
CA CYS C 257 -20.56 20.54 15.56
C CYS C 257 -19.84 20.58 14.22
N PRO C 258 -19.57 21.77 13.68
CA PRO C 258 -18.85 21.96 12.41
C PRO C 258 -17.41 21.45 12.48
N ARG D 6 40.14 -15.70 -34.48
CA ARG D 6 39.31 -15.06 -35.49
C ARG D 6 39.36 -13.54 -35.35
N SER D 7 39.67 -12.86 -36.45
CA SER D 7 39.70 -11.41 -36.49
C SER D 7 38.31 -10.86 -36.83
N LEU D 8 38.06 -9.64 -36.40
CA LEU D 8 36.79 -8.98 -36.67
C LEU D 8 36.86 -8.23 -38.00
N ILE D 9 35.74 -8.22 -38.72
CA ILE D 9 35.64 -7.49 -39.98
C ILE D 9 35.05 -6.12 -39.68
N VAL D 10 35.77 -5.07 -40.07
CA VAL D 10 35.37 -3.69 -39.80
C VAL D 10 35.06 -3.03 -41.14
N THR D 11 33.80 -2.68 -41.34
CA THR D 11 33.41 -1.91 -42.52
C THR D 11 33.42 -0.43 -42.18
N THR D 12 33.79 0.38 -43.16
CA THR D 12 33.93 1.81 -42.92
C THR D 12 33.86 2.55 -44.26
N LEU D 13 34.01 3.87 -44.19
CA LEU D 13 33.91 4.75 -45.35
C LEU D 13 34.98 5.81 -45.27
N LEU D 14 35.36 6.35 -46.43
CA LEU D 14 36.28 7.47 -46.48
C LEU D 14 35.52 8.76 -46.19
N GLU D 15 35.90 9.45 -45.11
CA GLU D 15 35.24 10.69 -44.72
C GLU D 15 36.19 11.48 -43.84
N GLU D 16 36.55 12.69 -44.28
CA GLU D 16 37.44 13.52 -43.48
C GLU D 16 36.73 14.04 -42.24
N PRO D 17 37.39 14.03 -41.07
CA PRO D 17 38.70 13.44 -40.86
C PRO D 17 38.63 12.09 -40.15
N PHE D 18 37.54 11.36 -40.36
CA PHE D 18 37.31 10.11 -39.64
C PHE D 18 38.16 8.98 -40.21
N VAL D 19 38.08 8.76 -41.52
CA VAL D 19 38.84 7.70 -42.19
C VAL D 19 39.42 8.28 -43.48
N MET D 20 40.74 8.23 -43.60
CA MET D 20 41.43 8.80 -44.76
C MET D 20 42.54 7.85 -45.19
N PHE D 21 42.98 8.01 -46.43
CA PHE D 21 44.09 7.24 -46.97
C PHE D 21 45.41 7.81 -46.48
N ARG D 22 46.24 6.97 -45.86
CA ARG D 22 47.59 7.38 -45.52
C ARG D 22 48.41 7.58 -46.79
N LYS D 23 49.28 8.58 -46.78
CA LYS D 23 50.21 8.83 -47.86
C LYS D 23 51.60 8.35 -47.44
N SER D 24 52.29 7.71 -48.37
CA SER D 24 53.56 7.07 -48.04
C SER D 24 54.36 6.81 -49.31
N ASP D 25 55.67 6.62 -49.13
CA ASP D 25 56.53 6.26 -50.26
C ASP D 25 56.45 4.78 -50.57
N ARG D 26 56.19 3.96 -49.56
CA ARG D 26 55.97 2.54 -49.74
C ARG D 26 54.50 2.27 -50.04
N THR D 27 54.25 1.19 -50.77
CA THR D 27 52.89 0.72 -50.96
C THR D 27 52.38 0.13 -49.65
N LEU D 28 51.21 0.58 -49.21
CA LEU D 28 50.63 0.15 -47.95
C LEU D 28 49.62 -0.97 -48.19
N TYR D 29 49.57 -1.90 -47.23
CA TYR D 29 48.68 -3.04 -47.30
C TYR D 29 47.91 -3.14 -46.00
N GLY D 30 46.71 -3.73 -46.07
CA GLY D 30 45.93 -3.98 -44.88
C GLY D 30 45.46 -2.70 -44.21
N ASN D 31 45.40 -2.75 -42.87
CA ASN D 31 44.92 -1.62 -42.09
C ASN D 31 45.90 -0.45 -42.10
N ASP D 32 47.16 -0.68 -42.50
CA ASP D 32 48.13 0.40 -42.54
C ASP D 32 47.75 1.49 -43.53
N ARG D 33 46.85 1.21 -44.47
CA ARG D 33 46.47 2.18 -45.48
C ARG D 33 45.66 3.34 -44.93
N PHE D 34 45.05 3.19 -43.76
CA PHE D 34 44.06 4.14 -43.27
C PHE D 34 44.57 4.92 -42.07
N GLU D 35 44.05 6.14 -41.94
CA GLU D 35 44.31 6.99 -40.79
C GLU D 35 43.09 7.87 -40.56
N GLY D 36 43.03 8.48 -39.38
CA GLY D 36 41.92 9.37 -39.07
C GLY D 36 41.38 9.17 -37.67
N TYR D 37 40.33 9.91 -37.31
CA TYR D 37 39.75 9.82 -35.97
C TYR D 37 39.23 8.42 -35.70
N CYS D 38 38.43 7.87 -36.61
CA CYS D 38 37.85 6.54 -36.40
C CYS D 38 38.92 5.45 -36.41
N ILE D 39 40.01 5.67 -37.15
CA ILE D 39 41.08 4.69 -37.13
C ILE D 39 41.78 4.69 -35.77
N ASP D 40 42.05 5.87 -35.22
CA ASP D 40 42.61 5.94 -33.88
C ASP D 40 41.65 5.36 -32.85
N LEU D 41 40.36 5.64 -32.99
CA LEU D 41 39.37 5.07 -32.10
C LEU D 41 39.33 3.54 -32.23
N LEU D 42 39.47 3.04 -33.45
CA LEU D 42 39.44 1.60 -33.66
C LEU D 42 40.66 0.91 -33.03
N LYS D 43 41.85 1.50 -33.21
CA LYS D 43 43.02 0.93 -32.56
C LYS D 43 42.90 0.97 -31.05
N GLU D 44 42.22 1.99 -30.52
CA GLU D 44 42.06 2.10 -29.07
C GLU D 44 41.07 1.06 -28.56
N LEU D 45 39.98 0.83 -29.29
CA LEU D 45 39.05 -0.23 -28.90
C LEU D 45 39.72 -1.60 -28.96
N ALA D 46 40.48 -1.85 -30.03
CA ALA D 46 41.21 -3.11 -30.13
C ALA D 46 42.23 -3.27 -29.02
N HIS D 47 42.83 -2.16 -28.57
CA HIS D 47 43.76 -2.21 -27.45
C HIS D 47 43.03 -2.56 -26.15
N ILE D 48 41.87 -1.95 -25.92
CA ILE D 48 41.16 -2.15 -24.66
C ILE D 48 40.55 -3.55 -24.62
N LEU D 49 39.84 -3.94 -25.67
CA LEU D 49 39.15 -5.22 -25.70
C LEU D 49 40.03 -6.38 -26.15
N GLY D 50 41.20 -6.10 -26.73
CA GLY D 50 42.11 -7.16 -27.11
C GLY D 50 41.63 -8.01 -28.27
N PHE D 51 41.43 -7.40 -29.44
CA PHE D 51 41.05 -8.14 -30.63
C PHE D 51 41.81 -7.60 -31.84
N SER D 52 41.98 -8.45 -32.84
CA SER D 52 42.51 -8.06 -34.14
C SER D 52 41.37 -7.84 -35.12
N TYR D 53 41.63 -7.06 -36.15
CA TYR D 53 40.57 -6.65 -37.06
C TYR D 53 41.12 -6.49 -38.48
N GLU D 54 40.19 -6.44 -39.44
CA GLU D 54 40.50 -6.17 -40.83
C GLU D 54 39.53 -5.10 -41.34
N ILE D 55 40.07 -4.00 -41.86
CA ILE D 55 39.28 -2.88 -42.33
C ILE D 55 38.92 -3.10 -43.80
N ARG D 56 37.63 -2.98 -44.12
CA ARG D 56 37.13 -3.12 -45.48
C ARG D 56 36.22 -1.95 -45.80
N LEU D 57 36.58 -1.17 -46.81
CA LEU D 57 35.68 -0.12 -47.28
C LEU D 57 34.43 -0.75 -47.88
N VAL D 58 33.25 -0.28 -47.46
CA VAL D 58 32.01 -0.84 -47.97
C VAL D 58 31.88 -0.50 -49.46
N GLU D 59 31.41 -1.47 -50.24
CA GLU D 59 31.52 -1.36 -51.70
C GLU D 59 30.59 -0.27 -52.24
N ASP D 60 29.32 -0.28 -51.83
CA ASP D 60 28.40 0.72 -52.37
C ASP D 60 28.67 2.13 -51.86
N GLY D 61 29.61 2.29 -50.94
CA GLY D 61 30.00 3.61 -50.47
C GLY D 61 28.93 4.38 -49.74
N LYS D 62 28.03 3.69 -49.05
CA LYS D 62 26.92 4.33 -48.36
C LYS D 62 26.92 3.96 -46.89
N TYR D 63 26.24 4.80 -46.10
CA TYR D 63 26.16 4.59 -44.65
C TYR D 63 25.04 3.64 -44.28
N GLY D 64 23.84 3.88 -44.78
CA GLY D 64 22.72 3.00 -44.49
C GLY D 64 21.36 3.66 -44.57
N ALA D 65 20.63 3.36 -45.65
CA ALA D 65 19.27 3.83 -45.83
C ALA D 65 18.41 2.66 -46.25
N GLN D 66 17.12 2.72 -45.90
CA GLN D 66 16.16 1.69 -46.26
C GLN D 66 15.25 2.20 -47.37
N ASP D 67 14.96 1.33 -48.33
CA ASP D 67 14.12 1.69 -49.46
C ASP D 67 12.65 1.57 -49.07
N ASP D 68 11.75 1.68 -50.06
CA ASP D 68 10.32 1.63 -49.77
C ASP D 68 9.88 0.24 -49.31
N LYS D 69 10.61 -0.81 -49.70
CA LYS D 69 10.30 -2.17 -49.29
C LYS D 69 11.01 -2.56 -47.99
N GLY D 70 11.69 -1.62 -47.33
CA GLY D 70 12.30 -1.87 -46.05
C GLY D 70 13.71 -2.43 -46.09
N GLN D 71 14.27 -2.66 -47.28
CA GLN D 71 15.60 -3.25 -47.40
C GLN D 71 16.68 -2.18 -47.23
N TRP D 72 17.77 -2.56 -46.56
CA TRP D 72 18.86 -1.65 -46.25
C TRP D 72 20.00 -1.76 -47.26
N ASN D 73 20.86 -0.75 -47.25
CA ASN D 73 22.08 -0.74 -48.05
C ASN D 73 23.24 -0.23 -47.17
N GLY D 74 24.41 -0.11 -47.78
CA GLY D 74 25.55 0.48 -47.10
C GLY D 74 26.05 -0.37 -45.94
N MET D 75 26.63 0.32 -44.94
CA MET D 75 27.24 -0.38 -43.82
C MET D 75 26.20 -1.08 -42.95
N VAL D 76 25.00 -0.51 -42.84
CA VAL D 76 23.96 -1.12 -42.01
C VAL D 76 23.57 -2.48 -42.58
N LYS D 77 23.51 -2.60 -43.90
CA LYS D 77 23.18 -3.88 -44.52
C LYS D 77 24.27 -4.91 -44.25
N GLU D 78 25.54 -4.49 -44.24
CA GLU D 78 26.62 -5.42 -43.96
C GLU D 78 26.47 -6.03 -42.56
N LEU D 79 26.06 -5.21 -41.58
CA LEU D 79 25.86 -5.73 -40.23
C LEU D 79 24.66 -6.65 -40.17
N ILE D 80 23.58 -6.31 -40.87
CA ILE D 80 22.38 -7.15 -40.86
C ILE D 80 22.69 -8.52 -41.48
N ASP D 81 23.40 -8.52 -42.60
CA ASP D 81 23.75 -9.75 -43.30
C ASP D 81 24.94 -10.48 -42.68
N HIS D 82 25.39 -10.06 -41.50
CA HIS D 82 26.53 -10.66 -40.80
C HIS D 82 27.79 -10.66 -41.67
N LYS D 83 27.88 -9.70 -42.59
CA LYS D 83 29.04 -9.53 -43.45
C LYS D 83 30.12 -8.66 -42.82
N ALA D 84 29.89 -8.17 -41.60
CA ALA D 84 30.87 -7.34 -40.91
C ALA D 84 30.57 -7.40 -39.42
N ASP D 85 31.63 -7.28 -38.61
CA ASP D 85 31.48 -7.34 -37.16
C ASP D 85 31.31 -5.94 -36.56
N LEU D 86 32.03 -4.95 -37.07
CA LEU D 86 31.94 -3.58 -36.59
C LEU D 86 31.77 -2.62 -37.76
N ALA D 87 31.12 -1.50 -37.48
CA ALA D 87 31.00 -0.39 -38.42
C ALA D 87 31.55 0.84 -37.72
N VAL D 88 32.81 1.18 -38.00
CA VAL D 88 33.49 2.27 -37.33
C VAL D 88 33.54 3.44 -38.32
N ALA D 89 32.64 4.39 -38.13
CA ALA D 89 32.47 5.54 -39.00
C ALA D 89 31.56 6.55 -38.31
N PRO D 90 31.48 7.79 -38.80
CA PRO D 90 30.48 8.72 -38.24
C PRO D 90 29.07 8.29 -38.57
N LEU D 91 28.66 7.14 -38.04
CA LEU D 91 27.35 6.57 -38.30
C LEU D 91 26.37 7.14 -37.29
N THR D 92 25.45 7.99 -37.76
CA THR D 92 24.55 8.69 -36.87
C THR D 92 23.56 7.74 -36.23
N ILE D 93 23.37 7.88 -34.92
CA ILE D 93 22.41 7.06 -34.18
C ILE D 93 21.01 7.58 -34.49
N THR D 94 20.21 6.74 -35.14
CA THR D 94 18.81 7.07 -35.42
C THR D 94 17.94 5.92 -34.93
N ALA D 95 16.66 6.22 -34.71
CA ALA D 95 15.73 5.20 -34.23
C ALA D 95 15.53 4.11 -35.26
N VAL D 96 15.44 4.47 -36.54
CA VAL D 96 15.23 3.47 -37.59
C VAL D 96 16.44 2.57 -37.71
N ARG D 97 17.65 3.13 -37.63
CA ARG D 97 18.85 2.30 -37.69
C ARG D 97 19.01 1.45 -36.44
N GLU D 98 18.63 2.00 -35.28
CA GLU D 98 18.73 1.24 -34.03
C GLU D 98 17.75 0.07 -34.00
N LYS D 99 16.66 0.14 -34.76
CA LYS D 99 15.74 -0.99 -34.86
C LYS D 99 16.28 -2.12 -35.72
N ALA D 100 17.38 -1.90 -36.43
CA ALA D 100 17.95 -2.91 -37.32
C ALA D 100 19.30 -3.43 -36.86
N ILE D 101 20.13 -2.59 -36.22
CA ILE D 101 21.45 -2.99 -35.76
C ILE D 101 21.58 -2.62 -34.30
N ASP D 102 22.71 -3.00 -33.70
CA ASP D 102 23.02 -2.70 -32.30
C ASP D 102 24.07 -1.60 -32.28
N PHE D 103 23.64 -0.38 -31.97
CA PHE D 103 24.55 0.73 -31.80
C PHE D 103 25.22 0.66 -30.43
N SER D 104 26.50 0.99 -30.39
CA SER D 104 27.13 1.26 -29.10
C SER D 104 26.69 2.65 -28.64
N LYS D 105 27.01 2.97 -27.38
CA LYS D 105 26.74 4.31 -26.90
C LYS D 105 27.61 5.31 -27.68
N PRO D 106 27.17 6.56 -27.79
CA PRO D 106 27.87 7.51 -28.67
C PRO D 106 29.27 7.82 -28.19
N PHE D 107 30.19 7.92 -29.16
CA PHE D 107 31.54 8.39 -28.90
C PHE D 107 31.74 9.85 -29.27
N MET D 108 30.76 10.49 -29.91
CA MET D 108 30.86 11.87 -30.30
C MET D 108 29.45 12.43 -30.44
N THR D 109 29.23 13.64 -29.94
CA THR D 109 27.95 14.31 -30.03
C THR D 109 27.94 15.27 -31.22
N LEU D 110 26.76 15.41 -31.82
CA LEU D 110 26.60 16.35 -32.93
C LEU D 110 25.12 16.72 -33.05
N GLY D 111 24.86 17.74 -33.86
CA GLY D 111 23.51 18.11 -34.21
C GLY D 111 23.48 18.66 -35.62
N VAL D 112 22.29 18.62 -36.23
CA VAL D 112 22.13 19.15 -37.57
C VAL D 112 22.16 20.67 -37.52
N SER D 113 22.92 21.27 -38.44
CA SER D 113 23.02 22.72 -38.56
C SER D 113 23.16 23.08 -40.02
N ILE D 114 23.52 24.33 -40.30
CA ILE D 114 23.53 24.88 -41.65
C ILE D 114 24.95 25.30 -42.01
N LEU D 115 25.42 24.86 -43.17
CA LEU D 115 26.68 25.32 -43.75
C LEU D 115 26.34 26.30 -44.86
N TYR D 116 26.85 27.53 -44.76
CA TYR D 116 26.53 28.57 -45.72
C TYR D 116 27.66 29.59 -45.73
N ARG D 117 27.54 30.58 -46.61
CA ARG D 117 28.53 31.63 -46.74
C ARG D 117 28.44 32.63 -45.59
N LYS D 118 29.43 33.50 -45.50
CA LYS D 118 29.43 34.57 -44.51
C LYS D 118 28.84 35.84 -45.10
N GLY D 119 28.51 36.78 -44.22
CA GLY D 119 27.95 38.05 -44.64
C GLY D 119 26.53 37.97 -45.13
N THR D 120 25.67 37.22 -44.43
CA THR D 120 24.29 37.05 -44.83
C THR D 120 23.42 37.31 -43.61
N PRO D 121 22.33 38.08 -43.74
CA PRO D 121 21.44 38.29 -42.59
C PRO D 121 20.69 37.05 -42.14
N ILE D 122 20.91 35.90 -42.77
CA ILE D 122 20.28 34.66 -42.35
C ILE D 122 20.81 34.28 -40.97
N ASP D 123 19.88 34.05 -40.03
CA ASP D 123 20.23 33.76 -38.65
C ASP D 123 19.75 32.40 -38.17
N SER D 124 18.92 31.70 -38.94
CA SER D 124 18.35 30.44 -38.50
C SER D 124 17.80 29.69 -39.70
N ALA D 125 17.48 28.41 -39.48
CA ALA D 125 16.82 27.62 -40.52
C ALA D 125 15.43 28.15 -40.84
N ASP D 126 14.81 28.86 -39.89
CA ASP D 126 13.52 29.49 -40.15
C ASP D 126 13.62 30.52 -41.26
N ASP D 127 14.76 31.21 -41.37
CA ASP D 127 14.94 32.20 -42.42
C ASP D 127 15.03 31.55 -43.80
N LEU D 128 15.62 30.37 -43.89
CA LEU D 128 15.69 29.67 -45.17
C LEU D 128 14.32 29.22 -45.63
N ALA D 129 13.46 28.79 -44.70
CA ALA D 129 12.16 28.27 -45.08
C ALA D 129 11.25 29.35 -45.65
N LYS D 130 11.31 30.55 -45.08
CA LYS D 130 10.41 31.63 -45.47
C LYS D 130 10.80 32.31 -46.78
N GLN D 131 11.89 31.87 -47.43
CA GLN D 131 12.35 32.48 -48.67
C GLN D 131 12.57 31.39 -49.72
N THR D 132 12.81 31.83 -50.95
CA THR D 132 12.98 30.94 -52.08
C THR D 132 14.23 31.20 -52.91
N LYS D 133 14.82 32.39 -52.85
CA LYS D 133 15.99 32.71 -53.67
C LYS D 133 17.16 31.80 -53.33
N ILE D 134 17.33 31.47 -52.06
CA ILE D 134 18.46 30.68 -51.59
C ILE D 134 18.02 29.23 -51.47
N GLU D 135 18.61 28.37 -52.28
CA GLU D 135 18.31 26.95 -52.26
C GLU D 135 19.04 26.26 -51.12
N TYR D 136 18.43 25.21 -50.57
CA TYR D 136 19.05 24.44 -49.50
C TYR D 136 18.73 22.96 -49.67
N GLY D 137 19.57 22.13 -49.07
CA GLY D 137 19.37 20.70 -49.16
C GLY D 137 20.31 19.96 -48.23
N ALA D 138 20.44 18.66 -48.47
CA ALA D 138 21.29 17.80 -47.66
C ALA D 138 21.74 16.60 -48.49
N VAL D 139 22.63 15.81 -47.90
CA VAL D 139 23.09 14.59 -48.55
C VAL D 139 21.92 13.61 -48.67
N LYS D 140 21.70 13.12 -49.89
CA LYS D 140 20.56 12.26 -50.16
C LYS D 140 20.61 10.97 -49.33
N ASP D 141 19.46 10.56 -48.82
CA ASP D 141 19.29 9.31 -48.07
C ASP D 141 20.18 9.25 -46.83
N GLY D 142 20.73 10.38 -46.40
CA GLY D 142 21.48 10.44 -45.17
C GLY D 142 20.58 10.56 -43.96
N ALA D 143 21.21 10.70 -42.80
CA ALA D 143 20.45 10.87 -41.57
C ALA D 143 19.77 12.24 -41.53
N THR D 144 20.43 13.27 -42.04
CA THR D 144 19.86 14.62 -42.03
C THR D 144 18.62 14.69 -42.91
N MET D 145 18.70 14.16 -44.13
CA MET D 145 17.56 14.19 -45.02
C MET D 145 16.38 13.41 -44.46
N THR D 146 16.65 12.24 -43.88
CA THR D 146 15.57 11.47 -43.27
C THR D 146 14.94 12.21 -42.11
N PHE D 147 15.73 13.02 -41.39
CA PHE D 147 15.18 13.83 -40.30
C PHE D 147 14.12 14.80 -40.83
N PHE D 148 14.46 15.55 -41.88
CA PHE D 148 13.50 16.49 -42.47
C PHE D 148 12.32 15.77 -43.09
N LYS D 149 12.54 14.57 -43.65
CA LYS D 149 11.47 13.83 -44.31
C LYS D 149 10.40 13.40 -43.31
N LYS D 150 10.80 12.96 -42.12
CA LYS D 150 9.85 12.46 -41.13
C LYS D 150 9.45 13.50 -40.09
N SER D 151 10.09 14.67 -40.08
CA SER D 151 9.81 15.66 -39.05
C SER D 151 8.39 16.21 -39.19
N LYS D 152 7.82 16.64 -38.06
CA LYS D 152 6.50 17.27 -38.04
C LYS D 152 6.55 18.75 -37.71
N ILE D 153 7.72 19.28 -37.34
CA ILE D 153 7.83 20.71 -37.07
C ILE D 153 7.50 21.49 -38.33
N SER D 154 6.68 22.53 -38.19
CA SER D 154 6.15 23.24 -39.35
C SER D 154 7.28 23.82 -40.21
N THR D 155 8.33 24.35 -39.57
CA THR D 155 9.44 24.91 -40.34
C THR D 155 10.16 23.82 -41.14
N PHE D 156 10.42 22.68 -40.51
CA PHE D 156 11.15 21.61 -41.20
C PHE D 156 10.25 20.90 -42.21
N GLU D 157 8.94 20.88 -41.97
CA GLU D 157 8.02 20.34 -42.97
C GLU D 157 8.06 21.18 -44.25
N LYS D 158 8.07 22.51 -44.11
CA LYS D 158 8.16 23.37 -45.28
C LYS D 158 9.50 23.20 -45.99
N MET D 159 10.57 22.93 -45.24
CA MET D 159 11.87 22.76 -45.85
C MET D 159 11.97 21.45 -46.62
N TRP D 160 11.35 20.38 -46.10
CA TRP D 160 11.38 19.10 -46.79
C TRP D 160 10.59 19.14 -48.09
N ALA D 161 9.49 19.91 -48.13
CA ALA D 161 8.76 20.07 -49.38
C ALA D 161 9.64 20.70 -50.45
N PHE D 162 10.56 21.56 -50.05
CA PHE D 162 11.46 22.20 -51.01
C PHE D 162 12.48 21.20 -51.54
N MET D 163 13.13 20.45 -50.63
CA MET D 163 14.19 19.54 -51.05
C MET D 163 13.66 18.41 -51.92
N SER D 164 12.50 17.84 -51.55
CA SER D 164 11.95 16.72 -52.29
C SER D 164 11.42 17.14 -53.67
N SER D 165 11.06 18.40 -53.84
CA SER D 165 10.52 18.84 -55.13
C SER D 165 11.62 19.01 -56.18
N LYS D 166 12.77 19.55 -55.79
CA LYS D 166 13.88 19.74 -56.71
C LYS D 166 14.91 18.65 -56.49
N PRO D 167 15.09 17.71 -57.42
CA PRO D 167 16.02 16.60 -57.17
C PRO D 167 17.47 17.03 -57.03
N SER D 168 17.84 18.18 -57.62
CA SER D 168 19.22 18.65 -57.54
C SER D 168 19.57 19.25 -56.19
N ALA D 169 18.57 19.52 -55.34
CA ALA D 169 18.85 20.10 -54.04
C ALA D 169 19.60 19.13 -53.14
N LEU D 170 19.36 17.82 -53.32
CA LEU D 170 20.04 16.80 -52.54
C LEU D 170 21.33 16.42 -53.23
N VAL D 171 22.43 16.42 -52.48
CA VAL D 171 23.74 16.13 -53.02
C VAL D 171 24.10 14.68 -52.73
N LYS D 172 25.03 14.15 -53.53
CA LYS D 172 25.42 12.74 -53.39
C LYS D 172 26.18 12.50 -52.10
N ASN D 173 26.96 13.47 -51.63
CA ASN D 173 27.78 13.32 -50.45
C ASN D 173 28.20 14.69 -49.96
N ASN D 174 28.96 14.71 -48.86
CA ASN D 174 29.39 15.99 -48.29
C ASN D 174 30.26 16.78 -49.25
N GLU D 175 31.13 16.09 -50.00
CA GLU D 175 32.05 16.80 -50.89
C GLU D 175 31.29 17.60 -51.95
N GLU D 176 30.24 17.02 -52.51
CA GLU D 176 29.41 17.76 -53.47
C GLU D 176 28.67 18.90 -52.79
N GLY D 177 28.16 18.66 -51.58
CA GLY D 177 27.45 19.71 -50.87
C GLY D 177 28.36 20.86 -50.49
N ILE D 178 29.59 20.56 -50.08
CA ILE D 178 30.56 21.60 -49.81
C ILE D 178 30.87 22.38 -51.08
N GLN D 179 31.02 21.67 -52.20
CA GLN D 179 31.31 22.31 -53.47
C GLN D 179 30.15 23.19 -53.91
N ARG D 180 28.91 22.75 -53.65
CA ARG D 180 27.75 23.51 -54.10
C ARG D 180 27.58 24.80 -53.30
N THR D 181 27.91 24.78 -52.00
CA THR D 181 27.85 25.99 -51.20
C THR D 181 28.90 27.02 -51.63
N LEU D 182 29.94 26.58 -52.33
CA LEU D 182 30.99 27.48 -52.79
C LEU D 182 30.74 28.04 -54.18
N THR D 183 29.96 27.33 -55.01
CA THR D 183 29.77 27.70 -56.40
C THR D 183 28.38 28.23 -56.72
N ALA D 184 27.42 28.09 -55.80
CA ALA D 184 26.06 28.57 -56.02
C ALA D 184 25.51 29.11 -54.71
N ASP D 185 24.38 29.82 -54.82
CA ASP D 185 23.69 30.36 -53.66
C ASP D 185 22.91 29.22 -53.00
N TYR D 186 23.64 28.42 -52.21
CA TYR D 186 23.14 27.17 -51.68
C TYR D 186 23.63 26.97 -50.25
N ALA D 187 22.71 26.55 -49.38
CA ALA D 187 23.01 26.25 -47.99
C ALA D 187 22.85 24.74 -47.77
N LEU D 188 23.83 24.14 -47.09
CA LEU D 188 23.82 22.70 -46.85
C LEU D 188 23.44 22.40 -45.40
N LEU D 189 22.44 21.54 -45.24
CA LEU D 189 22.07 21.05 -43.91
C LEU D 189 23.00 19.89 -43.57
N MET D 190 23.97 20.15 -42.69
CA MET D 190 25.04 19.21 -42.43
C MET D 190 25.23 19.06 -40.93
N GLU D 191 25.74 17.90 -40.52
CA GLU D 191 25.98 17.65 -39.10
C GLU D 191 27.10 18.53 -38.57
N SER D 192 26.96 18.93 -37.30
CA SER D 192 27.77 20.00 -36.73
C SER D 192 29.24 19.65 -36.66
N THR D 193 29.58 18.37 -36.45
CA THR D 193 30.98 17.99 -36.35
C THR D 193 31.72 18.25 -37.66
N THR D 194 31.09 17.94 -38.79
CA THR D 194 31.71 18.24 -40.08
C THR D 194 31.73 19.74 -40.36
N ILE D 195 30.71 20.47 -39.93
CA ILE D 195 30.71 21.93 -40.09
C ILE D 195 31.89 22.54 -39.36
N GLU D 196 32.12 22.11 -38.12
CA GLU D 196 33.25 22.60 -37.34
C GLU D 196 34.57 22.32 -38.03
N TYR D 197 34.65 21.24 -38.82
CA TYR D 197 35.89 20.87 -39.47
C TYR D 197 36.21 21.80 -40.64
N ILE D 198 35.19 22.13 -41.45
CA ILE D 198 35.42 22.96 -42.63
C ILE D 198 35.53 24.43 -42.26
N THR D 199 34.72 24.89 -41.30
CA THR D 199 34.74 26.30 -40.92
C THR D 199 36.07 26.72 -40.32
N GLN D 200 36.93 25.76 -39.96
CA GLN D 200 38.26 26.04 -39.45
C GLN D 200 39.32 26.00 -40.55
N ARG D 201 38.97 25.55 -41.74
CA ARG D 201 39.91 25.43 -42.85
C ARG D 201 39.51 26.22 -44.07
N ASN D 202 38.23 26.39 -44.34
CA ASN D 202 37.73 27.22 -45.42
C ASN D 202 37.00 28.40 -44.79
N CYS D 203 37.65 29.56 -44.77
CA CYS D 203 37.14 30.72 -44.06
C CYS D 203 36.00 31.40 -44.80
N ASN D 204 35.62 30.90 -45.99
CA ASN D 204 34.51 31.45 -46.74
C ASN D 204 33.17 30.97 -46.18
N LEU D 205 33.14 29.78 -45.58
CA LEU D 205 31.93 29.16 -45.07
C LEU D 205 31.81 29.40 -43.56
N THR D 206 30.59 29.24 -43.06
CA THR D 206 30.31 29.44 -41.64
C THR D 206 29.07 28.63 -41.26
N GLN D 207 28.84 28.53 -39.96
CA GLN D 207 27.66 27.88 -39.42
C GLN D 207 26.56 28.91 -39.17
N ILE D 208 25.34 28.58 -39.59
CA ILE D 208 24.19 29.45 -39.42
C ILE D 208 23.28 28.85 -38.36
N GLY D 209 22.93 29.65 -37.36
CA GLY D 209 22.11 29.19 -36.27
C GLY D 209 22.83 28.20 -35.37
N GLY D 210 22.06 27.58 -34.49
CA GLY D 210 22.54 26.59 -33.56
C GLY D 210 22.30 25.19 -34.04
N LEU D 211 22.16 24.27 -33.10
CA LEU D 211 21.88 22.87 -33.41
C LEU D 211 20.38 22.63 -33.31
N ILE D 212 19.82 21.99 -34.34
CA ILE D 212 18.37 21.80 -34.36
C ILE D 212 17.98 20.56 -33.56
N ASP D 213 18.85 19.55 -33.48
CA ASP D 213 18.57 18.35 -32.72
C ASP D 213 19.83 17.98 -31.91
N SER D 214 19.77 16.83 -31.24
CA SER D 214 20.87 16.37 -30.39
C SER D 214 21.06 14.88 -30.64
N LYS D 215 22.11 14.53 -31.38
CA LYS D 215 22.36 13.14 -31.72
C LYS D 215 23.80 12.74 -31.41
N GLY D 216 24.22 11.60 -31.94
CA GLY D 216 25.58 11.13 -31.70
C GLY D 216 25.99 10.10 -32.72
N TYR D 217 27.30 9.92 -32.84
CA TYR D 217 27.87 8.87 -33.68
C TYR D 217 28.11 7.64 -32.81
N GLY D 218 27.72 6.47 -33.32
CA GLY D 218 27.90 5.24 -32.60
C GLY D 218 28.56 4.18 -33.46
N ILE D 219 29.17 3.21 -32.79
CA ILE D 219 29.78 2.07 -33.47
C ILE D 219 28.70 1.04 -33.75
N GLY D 220 28.58 0.64 -35.02
CA GLY D 220 27.54 -0.29 -35.41
C GLY D 220 27.99 -1.73 -35.31
N THR D 221 27.13 -2.57 -34.77
CA THR D 221 27.32 -4.01 -34.66
C THR D 221 26.05 -4.70 -35.07
N PRO D 222 26.13 -5.95 -35.54
CA PRO D 222 24.91 -6.72 -35.79
C PRO D 222 24.10 -6.87 -34.52
N MET D 223 22.78 -6.99 -34.68
CA MET D 223 21.92 -7.10 -33.52
C MET D 223 22.21 -8.39 -32.77
N GLY D 224 22.40 -8.27 -31.46
CA GLY D 224 22.79 -9.38 -30.63
C GLY D 224 24.28 -9.59 -30.49
N SER D 225 25.10 -8.72 -31.09
CA SER D 225 26.54 -8.87 -31.02
C SER D 225 27.02 -8.71 -29.58
N PRO D 226 27.87 -9.60 -29.08
CA PRO D 226 28.44 -9.42 -27.73
C PRO D 226 29.47 -8.30 -27.65
N TYR D 227 29.94 -7.76 -28.78
CA TYR D 227 30.93 -6.69 -28.76
C TYR D 227 30.32 -5.33 -28.51
N ARG D 228 29.00 -5.18 -28.65
CA ARG D 228 28.36 -3.88 -28.47
C ARG D 228 28.59 -3.35 -27.05
N ASP D 229 28.22 -4.14 -26.05
CA ASP D 229 28.37 -3.69 -24.67
C ASP D 229 29.84 -3.55 -24.28
N LYS D 230 30.72 -4.38 -24.84
CA LYS D 230 32.15 -4.22 -24.59
C LYS D 230 32.68 -2.92 -25.17
N ILE D 231 32.20 -2.55 -26.37
CA ILE D 231 32.62 -1.30 -26.97
C ILE D 231 32.02 -0.12 -26.24
N THR D 232 30.76 -0.25 -25.79
CA THR D 232 30.14 0.81 -25.00
C THR D 232 30.96 1.12 -23.76
N ILE D 233 31.34 0.10 -23.00
CA ILE D 233 32.12 0.30 -21.79
C ILE D 233 33.48 0.89 -22.13
N ALA D 234 34.09 0.44 -23.23
CA ALA D 234 35.39 0.97 -23.63
C ALA D 234 35.28 2.43 -24.05
N ILE D 235 34.20 2.80 -24.75
CA ILE D 235 34.00 4.19 -25.13
C ILE D 235 33.79 5.06 -23.89
N LEU D 236 33.07 4.53 -22.90
CA LEU D 236 32.88 5.26 -21.65
C LEU D 236 34.19 5.47 -20.92
N GLN D 237 35.04 4.42 -20.88
CA GLN D 237 36.36 4.57 -20.27
C GLN D 237 37.21 5.57 -21.05
N LEU D 238 37.12 5.54 -22.38
CA LEU D 238 37.88 6.49 -23.19
C LEU D 238 37.43 7.92 -22.94
N GLN D 239 36.12 8.14 -22.76
CA GLN D 239 35.64 9.49 -22.52
C GLN D 239 36.08 9.98 -21.14
N GLU D 240 35.92 9.14 -20.11
CA GLU D 240 36.27 9.54 -18.75
C GLU D 240 37.75 9.80 -18.59
N GLU D 241 38.59 9.20 -19.45
CA GLU D 241 40.02 9.46 -19.43
C GLU D 241 40.41 10.64 -20.31
N ASP D 242 39.43 11.39 -20.81
CA ASP D 242 39.65 12.57 -21.66
C ASP D 242 40.36 12.22 -22.95
N LYS D 243 40.28 10.96 -23.39
CA LYS D 243 40.98 10.54 -24.61
C LYS D 243 40.15 10.73 -25.87
N LEU D 244 38.83 10.57 -25.79
CA LEU D 244 37.98 10.97 -26.91
C LEU D 244 38.10 12.47 -27.15
N HIS D 245 38.38 13.24 -26.10
CA HIS D 245 38.56 14.68 -26.23
CA HIS D 245 38.55 14.68 -26.25
C HIS D 245 39.88 15.00 -26.92
N ILE D 246 40.94 14.28 -26.56
CA ILE D 246 42.26 14.54 -27.13
C ILE D 246 42.32 14.14 -28.60
N MET D 247 41.83 12.95 -28.93
CA MET D 247 41.93 12.50 -30.32
C MET D 247 40.96 13.22 -31.23
N LYS D 248 39.91 13.86 -30.68
CA LYS D 248 39.09 14.71 -31.52
C LYS D 248 39.79 16.02 -31.82
N GLU D 249 40.38 16.64 -30.80
CA GLU D 249 41.17 17.84 -31.02
C GLU D 249 42.40 17.57 -31.86
N LYS D 250 42.82 16.30 -31.97
CA LYS D 250 43.98 15.96 -32.78
C LYS D 250 43.69 16.11 -34.26
N TRP D 251 42.49 15.73 -34.70
CA TRP D 251 42.15 15.70 -36.11
C TRP D 251 41.31 16.88 -36.56
N TRP D 252 40.73 17.65 -35.63
CA TRP D 252 39.87 18.78 -35.97
C TRP D 252 40.58 20.12 -35.97
N ARG D 253 41.79 20.21 -35.44
CA ARG D 253 42.48 21.48 -35.29
C ARG D 253 43.22 21.83 -36.57
N GLY D 254 42.70 22.79 -37.32
CA GLY D 254 43.35 23.32 -38.50
C GLY D 254 44.11 24.59 -38.21
N SER D 255 44.34 25.37 -39.26
CA SER D 255 45.00 26.66 -39.10
C SER D 255 44.10 27.70 -38.47
N GLY D 256 42.79 27.47 -38.47
CA GLY D 256 41.84 28.42 -37.92
C GLY D 256 41.44 29.49 -38.92
N CYS D 257 40.38 30.22 -38.57
CA CYS D 257 39.87 31.29 -39.39
C CYS D 257 39.64 32.52 -38.53
N PRO D 258 40.20 33.68 -38.89
CA PRO D 258 39.99 34.93 -38.15
C PRO D 258 38.53 35.36 -38.16
N SER E 7 32.53 -3.25 50.54
CA SER E 7 31.72 -4.43 50.77
C SER E 7 30.26 -4.18 50.42
N LEU E 8 29.56 -5.24 50.02
CA LEU E 8 28.13 -5.15 49.70
C LEU E 8 27.30 -5.42 50.94
N ILE E 9 26.17 -4.74 51.04
CA ILE E 9 25.22 -4.95 52.13
C ILE E 9 24.18 -5.95 51.68
N VAL E 10 24.04 -7.04 52.42
CA VAL E 10 23.13 -8.13 52.10
C VAL E 10 22.04 -8.19 53.15
N THR E 11 20.80 -7.95 52.74
CA THR E 11 19.65 -8.10 53.63
C THR E 11 19.08 -9.50 53.49
N THR E 12 18.56 -10.03 54.59
CA THR E 12 18.08 -11.41 54.61
C THR E 12 17.09 -11.57 55.76
N LEU E 13 16.60 -12.80 55.92
CA LEU E 13 15.59 -13.14 56.91
C LEU E 13 15.93 -14.47 57.55
N LEU E 14 15.44 -14.67 58.77
CA LEU E 14 15.57 -15.94 59.44
C LEU E 14 14.49 -16.88 58.91
N GLU E 15 14.91 -17.97 58.26
CA GLU E 15 13.94 -18.91 57.69
C GLU E 15 14.63 -20.26 57.51
N GLU E 16 14.15 -21.29 58.19
CA GLU E 16 14.72 -22.62 58.05
C GLU E 16 14.32 -23.21 56.69
N PRO E 17 15.26 -23.87 56.00
CA PRO E 17 16.67 -23.98 56.39
C PRO E 17 17.57 -23.04 55.58
N PHE E 18 17.03 -21.92 55.14
CA PHE E 18 17.79 -21.02 54.28
C PHE E 18 18.78 -20.16 55.06
N VAL E 19 18.29 -19.44 56.08
CA VAL E 19 19.14 -18.60 56.93
C VAL E 19 18.71 -18.80 58.37
N MET E 20 19.65 -19.22 59.22
CA MET E 20 19.36 -19.53 60.61
C MET E 20 20.47 -18.99 61.49
N PHE E 21 20.16 -18.83 62.78
CA PHE E 21 21.18 -18.47 63.76
C PHE E 21 21.99 -19.71 64.10
N ARG E 22 23.31 -19.62 63.95
CA ARG E 22 24.18 -20.73 64.31
C ARG E 22 24.29 -20.83 65.82
N LYS E 23 24.09 -22.04 66.35
CA LYS E 23 24.13 -22.24 67.78
C LYS E 23 25.57 -22.32 68.28
N SER E 24 25.84 -21.69 69.41
CA SER E 24 27.17 -21.67 69.99
C SER E 24 27.08 -21.19 71.44
N ASP E 25 28.10 -21.55 72.23
CA ASP E 25 28.17 -21.06 73.60
C ASP E 25 28.82 -19.69 73.67
N ARG E 26 29.82 -19.45 72.84
CA ARG E 26 30.47 -18.14 72.78
C ARG E 26 29.64 -17.18 71.94
N THR E 27 29.92 -15.89 72.11
CA THR E 27 29.21 -14.85 71.36
C THR E 27 29.74 -14.76 69.94
N LEU E 28 28.85 -14.79 68.97
CA LEU E 28 29.20 -14.76 67.56
C LEU E 28 29.06 -13.34 67.01
N TYR E 29 29.93 -13.01 66.06
CA TYR E 29 29.98 -11.67 65.48
C TYR E 29 29.96 -11.77 63.96
N GLY E 30 29.43 -10.72 63.33
CA GLY E 30 29.46 -10.60 61.88
C GLY E 30 28.67 -11.68 61.19
N ASN E 31 29.16 -12.10 60.02
CA ASN E 31 28.50 -13.13 59.24
C ASN E 31 28.59 -14.50 59.90
N ASP E 32 29.48 -14.66 60.86
CA ASP E 32 29.60 -15.95 61.56
C ASP E 32 28.35 -16.30 62.34
N ARG E 33 27.44 -15.35 62.55
CA ARG E 33 26.21 -15.63 63.28
C ARG E 33 25.25 -16.51 62.49
N PHE E 34 25.39 -16.57 61.17
CA PHE E 34 24.39 -17.17 60.31
C PHE E 34 24.91 -18.44 59.63
N GLU E 35 23.99 -19.34 59.33
CA GLU E 35 24.28 -20.54 58.56
C GLU E 35 23.03 -20.92 57.77
N GLY E 36 23.20 -21.80 56.80
CA GLY E 36 22.06 -22.28 56.03
C GLY E 36 22.32 -22.38 54.54
N TYR E 37 21.28 -22.77 53.79
CA TYR E 37 21.41 -22.92 52.34
C TYR E 37 21.75 -21.57 51.70
N CYS E 38 21.02 -20.52 52.04
CA CYS E 38 21.30 -19.22 51.46
C CYS E 38 22.66 -18.69 51.90
N ILE E 39 23.12 -19.09 53.07
CA ILE E 39 24.45 -18.70 53.52
C ILE E 39 25.52 -19.41 52.70
N ASP E 40 25.34 -20.71 52.45
CA ASP E 40 26.27 -21.44 51.59
C ASP E 40 26.23 -20.90 50.17
N LEU E 41 25.03 -20.57 49.67
CA LEU E 41 24.92 -19.97 48.35
C LEU E 41 25.62 -18.61 48.32
N LEU E 42 25.48 -17.82 49.40
CA LEU E 42 26.09 -16.50 49.42
C LEU E 42 27.61 -16.59 49.43
N LYS E 43 28.18 -17.50 50.23
CA LYS E 43 29.63 -17.66 50.20
C LYS E 43 30.11 -18.12 48.83
N GLU E 44 29.38 -19.08 48.23
CA GLU E 44 29.81 -19.60 46.94
C GLU E 44 29.75 -18.54 45.85
N LEU E 45 28.78 -17.64 45.91
CA LEU E 45 28.72 -16.56 44.93
C LEU E 45 29.86 -15.57 45.13
N ALA E 46 30.15 -15.21 46.38
CA ALA E 46 31.26 -14.32 46.66
C ALA E 46 32.58 -14.96 46.24
N HIS E 47 32.70 -16.27 46.45
CA HIS E 47 33.87 -17.05 46.05
CA HIS E 47 33.94 -16.93 46.05
C HIS E 47 34.05 -17.08 44.53
N ILE E 48 32.99 -16.82 43.78
CA ILE E 48 33.02 -16.82 42.33
C ILE E 48 33.15 -15.40 41.77
N LEU E 49 32.34 -14.47 42.27
CA LEU E 49 32.36 -13.11 41.77
C LEU E 49 33.41 -12.24 42.44
N GLY E 50 34.00 -12.71 43.55
CA GLY E 50 35.07 -11.99 44.20
C GLY E 50 34.67 -10.69 44.85
N PHE E 51 33.75 -10.76 45.82
CA PHE E 51 33.35 -9.58 46.57
C PHE E 51 33.18 -9.96 48.04
N SER E 52 33.37 -8.99 48.91
CA SER E 52 33.07 -9.15 50.33
C SER E 52 31.69 -8.59 50.62
N TYR E 53 31.10 -9.05 51.72
CA TYR E 53 29.73 -8.67 52.02
C TYR E 53 29.54 -8.59 53.54
N GLU E 54 28.46 -7.91 53.93
CA GLU E 54 28.04 -7.82 55.31
C GLU E 54 26.56 -8.13 55.37
N ILE E 55 26.19 -9.12 56.16
CA ILE E 55 24.81 -9.56 56.26
C ILE E 55 24.08 -8.77 57.34
N ARG E 56 22.94 -8.19 56.98
CA ARG E 56 22.12 -7.42 57.92
C ARG E 56 20.69 -7.92 57.82
N LEU E 57 20.16 -8.44 58.93
CA LEU E 57 18.76 -8.84 58.98
C LEU E 57 17.84 -7.63 58.82
N VAL E 58 16.85 -7.75 57.94
CA VAL E 58 15.92 -6.65 57.73
C VAL E 58 15.10 -6.45 59.00
N GLU E 59 14.82 -5.19 59.32
CA GLU E 59 14.31 -4.86 60.65
C GLU E 59 12.88 -5.35 60.84
N ASP E 60 12.00 -5.07 59.87
CA ASP E 60 10.60 -5.45 60.01
C ASP E 60 10.36 -6.95 59.84
N GLY E 61 11.39 -7.73 59.50
CA GLY E 61 11.24 -9.16 59.40
C GLY E 61 10.31 -9.62 58.30
N LYS E 62 10.24 -8.90 57.19
CA LYS E 62 9.30 -9.19 56.12
C LYS E 62 10.05 -9.37 54.80
N TYR E 63 9.40 -10.05 53.86
CA TYR E 63 10.02 -10.33 52.57
C TYR E 63 9.85 -9.16 51.60
N GLY E 64 8.62 -8.69 51.43
CA GLY E 64 8.37 -7.57 50.55
C GLY E 64 6.97 -7.58 49.96
N ALA E 65 6.12 -6.70 50.48
CA ALA E 65 4.75 -6.55 50.00
C ALA E 65 4.47 -5.06 49.82
N GLN E 66 3.41 -4.77 49.07
CA GLN E 66 2.96 -3.40 48.84
C GLN E 66 1.72 -3.12 49.66
N ASP E 67 1.61 -1.88 50.15
CA ASP E 67 0.42 -1.43 50.85
C ASP E 67 -0.55 -0.80 49.86
N ASP E 68 -1.60 -0.16 50.35
CA ASP E 68 -2.62 0.40 49.46
C ASP E 68 -2.08 1.56 48.64
N LYS E 69 -1.09 2.30 49.15
CA LYS E 69 -0.58 3.47 48.48
C LYS E 69 0.68 3.19 47.65
N GLY E 70 1.11 1.94 47.57
CA GLY E 70 2.21 1.56 46.72
C GLY E 70 3.57 1.45 47.39
N GLN E 71 3.66 1.73 48.69
CA GLN E 71 4.92 1.64 49.40
C GLN E 71 5.26 0.19 49.71
N TRP E 72 6.54 -0.15 49.61
CA TRP E 72 7.02 -1.49 49.89
C TRP E 72 7.53 -1.61 51.32
N ASN E 73 7.67 -2.84 51.79
CA ASN E 73 8.26 -3.15 53.08
C ASN E 73 9.23 -4.30 52.93
N GLY E 74 9.82 -4.73 54.05
CA GLY E 74 10.69 -5.90 54.05
C GLY E 74 11.95 -5.68 53.23
N MET E 75 12.47 -6.78 52.67
CA MET E 75 13.72 -6.73 51.93
C MET E 75 13.58 -5.94 50.63
N VAL E 76 12.41 -5.98 50.00
CA VAL E 76 12.23 -5.25 48.76
C VAL E 76 12.39 -3.75 48.98
N LYS E 77 11.79 -3.22 50.06
CA LYS E 77 11.97 -1.83 50.40
C LYS E 77 13.44 -1.52 50.72
N GLU E 78 14.18 -2.52 51.21
CA GLU E 78 15.60 -2.32 51.47
C GLU E 78 16.37 -2.09 50.19
N LEU E 79 16.04 -2.84 49.13
CA LEU E 79 16.72 -2.67 47.85
C LEU E 79 16.28 -1.39 47.16
N ILE E 80 14.98 -1.06 47.23
CA ILE E 80 14.46 0.13 46.57
C ILE E 80 15.10 1.39 47.15
N ASP E 81 15.24 1.45 48.47
CA ASP E 81 15.88 2.59 49.13
C ASP E 81 17.41 2.53 49.05
N HIS E 82 17.95 1.54 48.33
CA HIS E 82 19.40 1.36 48.21
CA HIS E 82 19.40 1.34 48.22
C HIS E 82 20.05 1.21 49.59
N LYS E 83 19.32 0.63 50.55
CA LYS E 83 19.87 0.32 51.85
C LYS E 83 20.46 -1.08 51.91
N ALA E 84 20.41 -1.81 50.79
CA ALA E 84 21.04 -3.11 50.66
C ALA E 84 21.35 -3.35 49.19
N ASP E 85 22.42 -4.09 48.95
CA ASP E 85 22.86 -4.40 47.59
C ASP E 85 22.31 -5.73 47.10
N LEU E 86 22.20 -6.71 47.99
CA LEU E 86 21.71 -8.03 47.64
C LEU E 86 20.64 -8.45 48.64
N ALA E 87 19.72 -9.30 48.19
CA ALA E 87 18.70 -9.90 49.03
C ALA E 87 18.82 -11.41 48.89
N VAL E 88 19.47 -12.05 49.86
CA VAL E 88 19.74 -13.48 49.83
C VAL E 88 18.78 -14.14 50.82
N ALA E 89 17.69 -14.70 50.29
CA ALA E 89 16.64 -15.32 51.09
C ALA E 89 15.73 -16.10 50.14
N PRO E 90 14.85 -16.97 50.65
CA PRO E 90 13.87 -17.60 49.74
C PRO E 90 12.86 -16.59 49.24
N LEU E 91 13.33 -15.61 48.47
CA LEU E 91 12.49 -14.54 47.96
C LEU E 91 11.86 -14.99 46.64
N THR E 92 10.56 -15.23 46.66
CA THR E 92 9.87 -15.77 45.49
C THR E 92 9.81 -14.73 44.38
N ILE E 93 10.13 -15.16 43.17
CA ILE E 93 10.07 -14.29 42.00
C ILE E 93 8.61 -14.11 41.60
N THR E 94 8.11 -12.88 41.72
CA THR E 94 6.76 -12.54 41.29
C THR E 94 6.82 -11.34 40.36
N ALA E 95 5.75 -11.19 39.57
CA ALA E 95 5.71 -10.09 38.60
C ALA E 95 5.72 -8.73 39.29
N VAL E 96 4.98 -8.61 40.41
CA VAL E 96 4.89 -7.33 41.10
C VAL E 96 6.24 -6.95 41.69
N ARG E 97 6.97 -7.92 42.24
CA ARG E 97 8.29 -7.65 42.80
C ARG E 97 9.30 -7.34 41.70
N GLU E 98 9.18 -8.01 40.55
CA GLU E 98 10.12 -7.77 39.45
C GLU E 98 9.97 -6.37 38.86
N LYS E 99 8.78 -5.77 38.97
CA LYS E 99 8.59 -4.41 38.51
C LYS E 99 9.31 -3.39 39.39
N ALA E 100 9.69 -3.77 40.60
CA ALA E 100 10.33 -2.87 41.55
C ALA E 100 11.83 -3.14 41.74
N ILE E 101 12.26 -4.39 41.68
CA ILE E 101 13.65 -4.75 41.85
C ILE E 101 14.08 -5.62 40.67
N ASP E 102 15.37 -5.95 40.64
CA ASP E 102 15.95 -6.81 39.61
C ASP E 102 16.25 -8.17 40.23
N PHE E 103 15.42 -9.16 39.92
CA PHE E 103 15.68 -10.53 40.34
C PHE E 103 16.75 -11.16 39.45
N SER E 104 17.64 -11.93 40.06
CA SER E 104 18.49 -12.81 39.29
C SER E 104 17.69 -14.00 38.78
N LYS E 105 18.30 -14.78 37.90
CA LYS E 105 17.67 -16.01 37.48
C LYS E 105 17.52 -16.94 38.68
N PRO E 106 16.53 -17.84 38.66
CA PRO E 106 16.25 -18.63 39.87
C PRO E 106 17.39 -19.58 40.20
N PHE E 107 17.65 -19.72 41.50
CA PHE E 107 18.58 -20.72 41.99
C PHE E 107 17.88 -21.96 42.53
N MET E 108 16.55 -21.94 42.63
CA MET E 108 15.79 -23.07 43.12
C MET E 108 14.38 -23.00 42.57
N THR E 109 13.84 -24.14 42.16
CA THR E 109 12.49 -24.20 41.64
C THR E 109 11.51 -24.58 42.75
N LEU E 110 10.29 -24.07 42.65
CA LEU E 110 9.28 -24.38 43.64
C LEU E 110 7.91 -24.19 43.04
N GLY E 111 6.90 -24.70 43.76
CA GLY E 111 5.52 -24.46 43.41
C GLY E 111 4.66 -24.43 44.64
N VAL E 112 3.48 -23.82 44.51
CA VAL E 112 2.52 -23.79 45.60
C VAL E 112 1.88 -25.16 45.74
N SER E 113 1.80 -25.65 46.97
CA SER E 113 1.15 -26.92 47.25
C SER E 113 0.46 -26.83 48.61
N ILE E 114 0.03 -27.96 49.14
CA ILE E 114 -0.76 -28.03 50.36
C ILE E 114 0.01 -28.83 51.41
N LEU E 115 0.15 -28.26 52.60
CA LEU E 115 0.70 -28.96 53.75
C LEU E 115 -0.45 -29.33 54.68
N TYR E 116 -0.58 -30.62 54.98
CA TYR E 116 -1.70 -31.12 55.77
C TYR E 116 -1.27 -32.40 56.46
N ARG E 117 -2.11 -32.87 57.38
CA ARG E 117 -1.82 -34.10 58.10
C ARG E 117 -2.00 -35.31 57.20
N LYS E 118 -1.27 -36.38 57.51
CA LYS E 118 -1.33 -37.61 56.74
C LYS E 118 -2.53 -38.46 57.19
N GLY E 119 -3.00 -39.31 56.28
CA GLY E 119 -4.09 -40.21 56.58
C GLY E 119 -5.48 -39.65 56.36
N THR E 120 -5.64 -38.75 55.40
CA THR E 120 -6.89 -38.09 55.12
C THR E 120 -7.35 -38.35 53.69
N PRO E 121 -8.66 -38.45 53.45
CA PRO E 121 -9.14 -38.64 52.07
C PRO E 121 -8.95 -37.42 51.18
N ILE E 122 -8.51 -36.28 51.73
CA ILE E 122 -8.27 -35.09 50.93
C ILE E 122 -7.11 -35.37 49.96
N ASP E 123 -7.35 -35.10 48.67
CA ASP E 123 -6.37 -35.41 47.63
C ASP E 123 -5.96 -34.22 46.79
N SER E 124 -6.73 -33.14 46.77
CA SER E 124 -6.38 -31.98 45.95
C SER E 124 -6.92 -30.72 46.61
N ALA E 125 -6.47 -29.56 46.10
CA ALA E 125 -6.99 -28.29 46.57
C ALA E 125 -8.47 -28.12 46.23
N ASP E 126 -8.96 -28.83 45.20
CA ASP E 126 -10.39 -28.79 44.90
C ASP E 126 -11.20 -29.49 45.98
N ASP E 127 -10.63 -30.51 46.62
CA ASP E 127 -11.32 -31.17 47.72
C ASP E 127 -11.47 -30.24 48.92
N LEU E 128 -10.45 -29.40 49.16
CA LEU E 128 -10.52 -28.45 50.26
C LEU E 128 -11.54 -27.34 49.97
N ALA E 129 -11.64 -26.91 48.71
CA ALA E 129 -12.52 -25.80 48.38
C ALA E 129 -13.98 -26.17 48.53
N LYS E 130 -14.36 -27.39 48.15
CA LYS E 130 -15.75 -27.80 48.17
C LYS E 130 -16.28 -28.10 49.57
N GLN E 131 -15.42 -28.10 50.59
CA GLN E 131 -15.83 -28.40 51.95
C GLN E 131 -15.53 -27.21 52.86
N THR E 132 -15.97 -27.33 54.11
CA THR E 132 -15.83 -26.26 55.08
C THR E 132 -15.27 -26.72 56.43
N LYS E 133 -15.43 -27.99 56.80
CA LYS E 133 -14.95 -28.47 58.10
C LYS E 133 -13.45 -28.24 58.27
N ILE E 134 -12.66 -28.51 57.22
CA ILE E 134 -11.22 -28.31 57.26
C ILE E 134 -10.91 -26.89 56.81
N GLU E 135 -10.20 -26.15 57.64
CA GLU E 135 -9.77 -24.80 57.29
C GLU E 135 -8.45 -24.82 56.54
N TYR E 136 -8.21 -23.77 55.77
CA TYR E 136 -6.97 -23.64 55.03
C TYR E 136 -6.57 -22.16 54.94
N GLY E 137 -5.29 -21.94 54.72
CA GLY E 137 -4.79 -20.58 54.59
C GLY E 137 -3.35 -20.56 54.15
N ALA E 138 -2.73 -19.40 54.30
CA ALA E 138 -1.34 -19.20 53.92
C ALA E 138 -0.74 -18.08 54.75
N VAL E 139 0.57 -17.89 54.60
CA VAL E 139 1.24 -16.79 55.28
C VAL E 139 0.74 -15.47 54.70
N LYS E 140 0.33 -14.56 55.58
CA LYS E 140 -0.29 -13.32 55.13
C LYS E 140 0.68 -12.48 54.33
N ASP E 141 0.19 -11.90 53.23
CA ASP E 141 0.93 -10.99 52.35
C ASP E 141 2.15 -11.64 51.72
N GLY E 142 2.23 -12.96 51.74
CA GLY E 142 3.29 -13.68 51.05
C GLY E 142 2.98 -13.83 49.58
N ALA E 143 3.87 -14.57 48.89
CA ALA E 143 3.65 -14.82 47.48
C ALA E 143 2.48 -15.77 47.26
N THR E 144 2.27 -16.73 48.16
CA THR E 144 1.19 -17.69 47.98
C THR E 144 -0.17 -17.04 48.19
N MET E 145 -0.31 -16.19 49.22
CA MET E 145 -1.57 -15.49 49.43
C MET E 145 -1.90 -14.59 48.25
N THR E 146 -0.90 -13.89 47.73
CA THR E 146 -1.12 -13.04 46.56
C THR E 146 -1.54 -13.86 45.34
N PHE E 147 -1.06 -15.11 45.25
CA PHE E 147 -1.46 -15.97 44.14
C PHE E 147 -2.96 -16.23 44.16
N PHE E 148 -3.49 -16.66 45.30
CA PHE E 148 -4.93 -16.92 45.41
C PHE E 148 -5.74 -15.64 45.28
N LYS E 149 -5.20 -14.51 45.74
CA LYS E 149 -5.93 -13.26 45.67
C LYS E 149 -6.14 -12.82 44.22
N LYS E 150 -5.14 -13.06 43.37
CA LYS E 150 -5.21 -12.63 41.97
C LYS E 150 -5.69 -13.74 41.04
N SER E 151 -5.81 -14.97 41.52
CA SER E 151 -6.16 -16.08 40.65
C SER E 151 -7.61 -15.95 40.17
N LYS E 152 -7.87 -16.42 38.95
CA LYS E 152 -9.20 -16.42 38.38
C LYS E 152 -9.76 -17.82 38.20
N ILE E 153 -8.99 -18.86 38.53
CA ILE E 153 -9.51 -20.22 38.48
C ILE E 153 -10.61 -20.39 39.51
N SER E 154 -11.70 -21.05 39.11
CA SER E 154 -12.87 -21.15 39.98
C SER E 154 -12.53 -21.78 41.32
N THR E 155 -11.73 -22.85 41.30
CA THR E 155 -11.36 -23.51 42.55
C THR E 155 -10.59 -22.57 43.46
N PHE E 156 -9.63 -21.83 42.91
CA PHE E 156 -8.82 -20.91 43.72
C PHE E 156 -9.58 -19.65 44.08
N GLU E 157 -10.55 -19.23 43.25
CA GLU E 157 -11.44 -18.16 43.66
C GLU E 157 -12.27 -18.57 44.86
N LYS E 158 -12.73 -19.83 44.87
CA LYS E 158 -13.51 -20.33 45.99
C LYS E 158 -12.68 -20.40 47.26
N MET E 159 -11.39 -20.74 47.13
CA MET E 159 -10.53 -20.82 48.29
C MET E 159 -10.16 -19.44 48.81
N TRP E 160 -9.94 -18.48 47.91
CA TRP E 160 -9.61 -17.13 48.35
C TRP E 160 -10.79 -16.47 49.06
N ALA E 161 -12.02 -16.77 48.63
CA ALA E 161 -13.18 -16.26 49.35
C ALA E 161 -13.20 -16.75 50.79
N PHE E 162 -12.71 -17.97 51.03
CA PHE E 162 -12.67 -18.51 52.39
C PHE E 162 -11.59 -17.83 53.23
N MET E 163 -10.38 -17.72 52.68
CA MET E 163 -9.27 -17.16 53.46
C MET E 163 -9.51 -15.69 53.79
N SER E 164 -10.05 -14.94 52.83
CA SER E 164 -10.28 -13.52 53.07
C SER E 164 -11.44 -13.28 54.03
N SER E 165 -12.45 -14.16 54.02
CA SER E 165 -13.59 -13.97 54.90
C SER E 165 -13.21 -14.24 56.36
N LYS E 166 -12.42 -15.28 56.61
CA LYS E 166 -12.02 -15.59 57.97
C LYS E 166 -10.59 -15.12 58.19
N PRO E 167 -10.36 -14.04 58.95
CA PRO E 167 -9.00 -13.49 59.08
C PRO E 167 -8.02 -14.42 59.78
N SER E 168 -8.49 -15.34 60.61
CA SER E 168 -7.57 -16.22 61.33
C SER E 168 -6.97 -17.30 60.44
N ALA E 169 -7.50 -17.49 59.24
CA ALA E 169 -6.96 -18.52 58.36
C ALA E 169 -5.54 -18.18 57.88
N LEU E 170 -5.22 -16.90 57.80
CA LEU E 170 -3.90 -16.46 57.37
C LEU E 170 -2.96 -16.40 58.57
N VAL E 171 -1.79 -16.99 58.44
CA VAL E 171 -0.82 -17.06 59.52
C VAL E 171 0.21 -15.97 59.35
N LYS E 172 0.98 -15.72 60.42
CA LYS E 172 1.99 -14.66 60.42
C LYS E 172 3.28 -15.11 59.75
N ASN E 173 3.66 -16.37 59.90
CA ASN E 173 4.87 -16.90 59.30
C ASN E 173 4.71 -18.40 59.11
N ASN E 174 5.73 -19.04 58.56
CA ASN E 174 5.66 -20.47 58.30
C ASN E 174 5.54 -21.26 59.59
N GLU E 175 6.25 -20.83 60.64
CA GLU E 175 6.25 -21.57 61.90
C GLU E 175 4.84 -21.63 62.50
N GLU E 176 4.10 -20.53 62.44
CA GLU E 176 2.73 -20.56 62.94
C GLU E 176 1.86 -21.47 62.08
N GLY E 177 2.05 -21.45 60.76
CA GLY E 177 1.28 -22.31 59.89
C GLY E 177 1.57 -23.78 60.11
N ILE E 178 2.84 -24.12 60.33
CA ILE E 178 3.20 -25.51 60.62
C ILE E 178 2.57 -25.96 61.93
N GLN E 179 2.66 -25.12 62.96
CA GLN E 179 2.10 -25.47 64.26
C GLN E 179 0.59 -25.59 64.20
N ARG E 180 -0.05 -24.83 63.31
CA ARG E 180 -1.51 -24.92 63.20
C ARG E 180 -1.94 -26.20 62.50
N THR E 181 -1.12 -26.73 61.60
CA THR E 181 -1.43 -28.01 60.97
C THR E 181 -1.20 -29.18 61.91
N LEU E 182 -0.42 -28.99 62.97
CA LEU E 182 -0.14 -30.06 63.93
C LEU E 182 -1.11 -30.08 65.11
N THR E 183 -1.85 -29.00 65.34
CA THR E 183 -2.74 -28.90 66.49
C THR E 183 -4.21 -28.74 66.14
N ALA E 184 -4.54 -28.19 64.97
CA ALA E 184 -5.92 -27.98 64.57
C ALA E 184 -6.14 -28.61 63.20
N ASP E 185 -7.41 -28.73 62.83
CA ASP E 185 -7.80 -29.26 61.51
C ASP E 185 -7.58 -28.15 60.48
N TYR E 186 -6.32 -28.01 60.07
CA TYR E 186 -5.89 -26.88 59.26
C TYR E 186 -4.90 -27.36 58.21
N ALA E 187 -5.09 -26.92 56.97
CA ALA E 187 -4.17 -27.20 55.88
C ALA E 187 -3.50 -25.90 55.47
N LEU E 188 -2.20 -25.94 55.29
CA LEU E 188 -1.43 -24.74 54.94
C LEU E 188 -1.06 -24.76 53.47
N LEU E 189 -1.40 -23.67 52.78
CA LEU E 189 -0.95 -23.48 51.40
C LEU E 189 0.48 -22.96 51.44
N MET E 190 1.43 -23.82 51.12
CA MET E 190 2.84 -23.57 51.37
C MET E 190 3.64 -23.88 50.11
N GLU E 191 4.78 -23.20 49.96
CA GLU E 191 5.67 -23.47 48.84
C GLU E 191 6.28 -24.85 48.97
N SER E 192 6.48 -25.51 47.83
CA SER E 192 6.80 -26.94 47.83
C SER E 192 8.15 -27.23 48.47
N THR E 193 9.11 -26.32 48.35
CA THR E 193 10.44 -26.56 48.91
C THR E 193 10.39 -26.66 50.44
N THR E 194 9.59 -25.80 51.08
CA THR E 194 9.44 -25.88 52.52
C THR E 194 8.64 -27.12 52.93
N ILE E 195 7.65 -27.50 52.12
CA ILE E 195 6.90 -28.73 52.39
C ILE E 195 7.84 -29.93 52.34
N GLU E 196 8.68 -29.99 51.31
CA GLU E 196 9.65 -31.08 51.20
C GLU E 196 10.56 -31.14 52.42
N TYR E 197 10.85 -29.99 53.01
CA TYR E 197 11.70 -29.92 54.19
C TYR E 197 10.97 -30.40 55.44
N ILE E 198 9.71 -30.01 55.60
CA ILE E 198 8.96 -30.35 56.80
C ILE E 198 8.47 -31.79 56.76
N THR E 199 8.03 -32.26 55.59
CA THR E 199 7.53 -33.64 55.47
C THR E 199 8.62 -34.67 55.69
N GLN E 200 9.89 -34.28 55.67
CA GLN E 200 10.99 -35.19 55.96
C GLN E 200 11.41 -35.17 57.42
N ARG E 201 10.88 -34.24 58.21
CA ARG E 201 11.21 -34.13 59.63
C ARG E 201 10.02 -34.34 60.56
N ASN E 202 8.79 -34.11 60.09
CA ASN E 202 7.59 -34.41 60.85
C ASN E 202 6.73 -35.33 59.98
N CYS E 203 6.76 -36.63 60.28
CA CYS E 203 6.09 -37.62 59.44
C CYS E 203 4.59 -37.64 59.62
N ASN E 204 4.03 -36.76 60.46
CA ASN E 204 2.58 -36.69 60.59
C ASN E 204 1.97 -35.83 59.49
N LEU E 205 2.74 -34.89 58.96
CA LEU E 205 2.31 -34.05 57.86
C LEU E 205 2.75 -34.65 56.54
N THR E 206 2.08 -34.22 55.47
CA THR E 206 2.39 -34.70 54.13
C THR E 206 1.94 -33.64 53.13
N GLN E 207 2.36 -33.81 51.88
CA GLN E 207 1.96 -32.92 50.81
C GLN E 207 0.75 -33.51 50.09
N ILE E 208 -0.27 -32.68 49.89
CA ILE E 208 -1.50 -33.10 49.23
C ILE E 208 -1.49 -32.55 47.81
N GLY E 209 -1.76 -33.41 46.84
CA GLY E 209 -1.77 -33.01 45.45
C GLY E 209 -0.38 -32.69 44.95
N GLY E 210 -0.35 -32.10 43.76
CA GLY E 210 0.87 -31.68 43.11
C GLY E 210 1.19 -30.22 43.34
N LEU E 211 1.89 -29.63 42.38
CA LEU E 211 2.25 -28.22 42.44
C LEU E 211 1.23 -27.39 41.66
N ILE E 212 0.79 -26.29 42.27
CA ILE E 212 -0.27 -25.49 41.68
C ILE E 212 0.28 -24.53 40.62
N ASP E 213 1.50 -24.02 40.81
CA ASP E 213 2.12 -23.14 39.83
C ASP E 213 3.59 -23.55 39.69
N SER E 214 4.34 -22.77 38.92
CA SER E 214 5.76 -23.07 38.67
C SER E 214 6.53 -21.75 38.72
N LYS E 215 7.20 -21.52 39.84
CA LYS E 215 7.98 -20.29 40.03
C LYS E 215 9.34 -20.68 40.58
N GLY E 216 10.06 -19.70 41.12
CA GLY E 216 11.39 -19.95 41.64
C GLY E 216 11.84 -18.87 42.61
N TYR E 217 12.87 -19.21 43.38
CA TYR E 217 13.53 -18.26 44.27
C TYR E 217 14.67 -17.57 43.54
N GLY E 218 14.74 -16.25 43.65
CA GLY E 218 15.80 -15.48 43.03
C GLY E 218 16.41 -14.50 44.00
N ILE E 219 17.65 -14.12 43.71
CA ILE E 219 18.36 -13.13 44.50
C ILE E 219 17.99 -11.73 44.01
N GLY E 220 17.56 -10.88 44.94
CA GLY E 220 17.10 -9.54 44.59
C GLY E 220 18.22 -8.51 44.62
N THR E 221 18.19 -7.62 43.64
CA THR E 221 19.12 -6.51 43.51
C THR E 221 18.36 -5.24 43.19
N PRO E 222 18.92 -4.07 43.50
CA PRO E 222 18.30 -2.82 43.06
C PRO E 222 18.21 -2.77 41.54
N MET E 223 17.22 -2.04 41.06
CA MET E 223 16.98 -2.01 39.62
C MET E 223 18.16 -1.37 38.90
N GLY E 224 18.66 -2.07 37.88
CA GLY E 224 19.82 -1.64 37.14
C GLY E 224 21.16 -2.09 37.70
N SER E 225 21.15 -2.88 38.78
CA SER E 225 22.40 -3.28 39.40
C SER E 225 23.23 -4.14 38.46
N PRO E 226 24.53 -3.86 38.31
CA PRO E 226 25.38 -4.74 37.48
C PRO E 226 25.65 -6.09 38.11
N TYR E 227 25.33 -6.27 39.40
CA TYR E 227 25.54 -7.55 40.04
C TYR E 227 24.44 -8.56 39.74
N ARG E 228 23.29 -8.11 39.23
CA ARG E 228 22.20 -9.04 38.95
C ARG E 228 22.64 -10.07 37.91
N ASP E 229 23.12 -9.60 36.77
CA ASP E 229 23.57 -10.52 35.72
C ASP E 229 24.81 -11.30 36.15
N LYS E 230 25.69 -10.68 36.93
CA LYS E 230 26.88 -11.39 37.42
C LYS E 230 26.47 -12.51 38.36
N ILE E 231 25.48 -12.25 39.23
CA ILE E 231 24.95 -13.32 40.08
C ILE E 231 24.20 -14.35 39.25
N THR E 232 23.48 -13.90 38.23
CA THR E 232 22.78 -14.82 37.33
C THR E 232 23.75 -15.80 36.68
N ILE E 233 24.83 -15.29 36.09
CA ILE E 233 25.80 -16.15 35.42
C ILE E 233 26.45 -17.10 36.43
N ALA E 234 26.71 -16.62 37.63
CA ALA E 234 27.31 -17.47 38.66
C ALA E 234 26.34 -18.57 39.08
N ILE E 235 25.05 -18.25 39.19
CA ILE E 235 24.04 -19.26 39.54
C ILE E 235 23.95 -20.30 38.43
N LEU E 236 24.06 -19.88 37.17
CA LEU E 236 24.02 -20.83 36.06
C LEU E 236 25.23 -21.76 36.11
N GLN E 237 26.41 -21.23 36.41
CA GLN E 237 27.60 -22.08 36.55
C GLN E 237 27.45 -23.04 37.71
N LEU E 238 26.85 -22.58 38.82
CA LEU E 238 26.64 -23.46 39.96
C LEU E 238 25.69 -24.61 39.61
N GLN E 239 24.66 -24.32 38.81
CA GLN E 239 23.71 -25.37 38.44
C GLN E 239 24.35 -26.39 37.50
N GLU E 240 25.10 -25.90 36.50
CA GLU E 240 25.70 -26.81 35.52
C GLU E 240 26.73 -27.73 36.17
N GLU E 241 27.33 -27.31 37.27
CA GLU E 241 28.30 -28.11 37.99
C GLU E 241 27.67 -29.00 39.06
N ASP E 242 26.34 -29.07 39.08
CA ASP E 242 25.58 -29.87 40.05
C ASP E 242 25.82 -29.42 41.49
N LYS E 243 26.28 -28.19 41.69
CA LYS E 243 26.59 -27.72 43.03
C LYS E 243 25.37 -27.21 43.77
N LEU E 244 24.41 -26.61 43.07
CA LEU E 244 23.13 -26.28 43.70
C LEU E 244 22.42 -27.55 44.16
N HIS E 245 22.53 -28.63 43.35
CA HIS E 245 21.94 -29.90 43.74
CA HIS E 245 21.93 -29.89 43.75
C HIS E 245 22.56 -30.43 45.03
N ILE E 246 23.90 -30.38 45.12
CA ILE E 246 24.59 -30.82 46.33
C ILE E 246 24.26 -29.90 47.50
N MET E 247 24.16 -28.60 47.22
CA MET E 247 23.90 -27.63 48.29
C MET E 247 22.53 -27.84 48.91
N LYS E 248 21.51 -28.11 48.10
CA LYS E 248 20.16 -28.29 48.62
C LYS E 248 20.05 -29.58 49.43
N GLU E 249 20.75 -30.63 48.99
CA GLU E 249 20.73 -31.90 49.72
C GLU E 249 21.41 -31.78 51.07
N LYS E 250 22.35 -30.84 51.21
CA LYS E 250 23.04 -30.65 52.49
C LYS E 250 22.10 -30.18 53.58
N TRP E 251 21.15 -29.30 53.23
CA TRP E 251 20.29 -28.66 54.22
C TRP E 251 18.89 -29.25 54.28
N TRP E 252 18.50 -30.06 53.29
CA TRP E 252 17.17 -30.67 53.27
C TRP E 252 17.17 -32.07 53.86
N ARG E 253 18.11 -32.92 53.44
CA ARG E 253 18.17 -34.29 53.94
C ARG E 253 19.10 -34.38 55.14
N SER F 7 -22.94 24.98 -61.85
CA SER F 7 -23.16 23.87 -60.92
C SER F 7 -21.85 23.34 -60.34
N LEU F 8 -21.92 22.78 -59.15
CA LEU F 8 -20.76 22.20 -58.49
C LEU F 8 -20.65 20.72 -58.83
N ILE F 9 -19.41 20.24 -58.93
CA ILE F 9 -19.10 18.84 -59.21
C ILE F 9 -18.86 18.13 -57.89
N VAL F 10 -19.63 17.07 -57.63
CA VAL F 10 -19.55 16.32 -56.38
C VAL F 10 -19.04 14.91 -56.68
N THR F 11 -17.87 14.58 -56.15
CA THR F 11 -17.32 13.23 -56.25
C THR F 11 -17.70 12.42 -55.01
N THR F 12 -17.90 11.12 -55.21
CA THR F 12 -18.34 10.26 -54.12
C THR F 12 -18.02 8.81 -54.45
N LEU F 13 -18.40 7.91 -53.54
CA LEU F 13 -18.10 6.49 -53.62
C LEU F 13 -19.32 5.69 -53.16
N LEU F 14 -19.40 4.45 -53.62
CA LEU F 14 -20.43 3.53 -53.14
C LEU F 14 -20.00 2.96 -51.79
N GLU F 15 -20.78 3.25 -50.75
CA GLU F 15 -20.44 2.77 -49.40
C GLU F 15 -21.70 2.79 -48.56
N GLU F 16 -22.11 1.61 -48.06
CA GLU F 16 -23.29 1.53 -47.22
C GLU F 16 -23.00 2.12 -45.83
N PRO F 17 -23.92 2.91 -45.26
CA PRO F 17 -25.16 3.35 -45.91
C PRO F 17 -25.07 4.80 -46.38
N PHE F 18 -23.86 5.25 -46.70
CA PHE F 18 -23.65 6.65 -47.04
C PHE F 18 -24.11 6.96 -48.45
N VAL F 19 -23.63 6.21 -49.44
CA VAL F 19 -24.01 6.39 -50.84
C VAL F 19 -24.24 5.01 -51.43
N MET F 20 -25.44 4.78 -51.97
CA MET F 20 -25.81 3.49 -52.53
C MET F 20 -26.56 3.70 -53.84
N PHE F 21 -26.60 2.65 -54.65
CA PHE F 21 -27.38 2.67 -55.88
C PHE F 21 -28.86 2.46 -55.55
N ARG F 22 -29.67 3.47 -55.84
CA ARG F 22 -31.11 3.37 -55.58
C ARG F 22 -31.72 2.27 -56.43
N LYS F 23 -32.39 1.32 -55.77
CA LYS F 23 -32.93 0.17 -56.46
C LYS F 23 -34.25 0.50 -57.14
N SER F 24 -34.37 0.18 -58.42
CA SER F 24 -35.56 0.49 -59.19
C SER F 24 -35.69 -0.50 -60.33
N ASP F 25 -36.92 -0.64 -60.83
CA ASP F 25 -37.15 -1.50 -61.99
C ASP F 25 -36.82 -0.80 -63.30
N ARG F 26 -36.95 0.52 -63.34
CA ARG F 26 -36.55 1.31 -64.50
C ARG F 26 -35.11 1.78 -64.34
N THR F 27 -34.53 2.25 -65.44
CA THR F 27 -33.16 2.75 -65.44
C THR F 27 -33.14 4.18 -64.91
N LEU F 28 -32.28 4.43 -63.93
CA LEU F 28 -32.16 5.73 -63.29
C LEU F 28 -31.00 6.50 -63.90
N TYR F 29 -31.15 7.82 -63.98
CA TYR F 29 -30.15 8.68 -64.60
C TYR F 29 -29.78 9.82 -63.65
N GLY F 30 -28.55 10.31 -63.81
CA GLY F 30 -28.13 11.49 -63.07
C GLY F 30 -28.07 11.25 -61.57
N ASN F 31 -28.42 12.30 -60.82
CA ASN F 31 -28.39 12.23 -59.36
C ASN F 31 -29.47 11.31 -58.80
N ASP F 32 -30.50 11.01 -59.58
CA ASP F 32 -31.57 10.13 -59.11
C ASP F 32 -31.11 8.70 -58.89
N ARG F 33 -29.88 8.36 -59.31
CA ARG F 33 -29.39 7.00 -59.13
C ARG F 33 -28.98 6.70 -57.69
N PHE F 34 -28.73 7.74 -56.89
CA PHE F 34 -28.09 7.55 -55.59
C PHE F 34 -29.05 7.86 -54.44
N GLU F 35 -28.80 7.20 -53.32
CA GLU F 35 -29.51 7.46 -52.07
C GLU F 35 -28.56 7.14 -50.92
N GLY F 36 -28.91 7.60 -49.73
CA GLY F 36 -28.09 7.33 -48.57
C GLY F 36 -27.90 8.51 -47.65
N TYR F 37 -27.10 8.32 -46.60
CA TYR F 37 -26.85 9.39 -45.64
C TYR F 37 -26.14 10.57 -46.31
N CYS F 38 -25.06 10.29 -47.04
CA CYS F 38 -24.32 11.37 -47.69
C CYS F 38 -25.15 12.04 -48.78
N ILE F 39 -26.06 11.29 -49.41
CA ILE F 39 -26.95 11.90 -50.39
C ILE F 39 -27.94 12.83 -49.70
N ASP F 40 -28.49 12.39 -48.58
CA ASP F 40 -29.38 13.25 -47.81
C ASP F 40 -28.63 14.47 -47.27
N LEU F 41 -27.39 14.27 -46.80
CA LEU F 41 -26.60 15.40 -46.34
C LEU F 41 -26.31 16.37 -47.48
N LEU F 42 -26.05 15.84 -48.68
CA LEU F 42 -25.75 16.69 -49.83
C LEU F 42 -26.97 17.52 -50.23
N LYS F 43 -28.16 16.91 -50.18
CA LYS F 43 -29.39 17.61 -50.47
C LYS F 43 -29.61 18.76 -49.49
N GLU F 44 -29.33 18.53 -48.21
CA GLU F 44 -29.54 19.58 -47.21
C GLU F 44 -28.49 20.67 -47.28
N LEU F 45 -27.26 20.32 -47.69
CA LEU F 45 -26.25 21.35 -47.88
C LEU F 45 -26.60 22.25 -49.07
N ALA F 46 -27.04 21.65 -50.17
CA ALA F 46 -27.49 22.44 -51.32
C ALA F 46 -28.71 23.28 -50.96
N HIS F 47 -29.56 22.76 -50.06
CA HIS F 47 -30.75 23.50 -49.64
CA HIS F 47 -30.74 23.50 -49.63
C HIS F 47 -30.36 24.76 -48.87
N ILE F 48 -29.35 24.66 -48.00
CA ILE F 48 -28.95 25.79 -47.17
C ILE F 48 -28.09 26.78 -47.95
N LEU F 49 -27.10 26.29 -48.70
CA LEU F 49 -26.20 27.17 -49.43
C LEU F 49 -26.75 27.59 -50.78
N GLY F 50 -27.79 26.93 -51.28
CA GLY F 50 -28.43 27.33 -52.52
C GLY F 50 -27.57 27.13 -53.76
N PHE F 51 -27.20 25.89 -54.05
CA PHE F 51 -26.46 25.58 -55.25
C PHE F 51 -26.98 24.28 -55.83
N SER F 52 -26.80 24.13 -57.14
CA SER F 52 -27.07 22.88 -57.83
C SER F 52 -25.77 22.10 -57.99
N TYR F 53 -25.91 20.79 -58.17
CA TYR F 53 -24.74 19.92 -58.18
C TYR F 53 -24.95 18.76 -59.14
N GLU F 54 -23.83 18.12 -59.49
CA GLU F 54 -23.83 16.91 -60.31
C GLU F 54 -22.94 15.89 -59.63
N ILE F 55 -23.48 14.71 -59.34
CA ILE F 55 -22.77 13.65 -58.63
C ILE F 55 -22.02 12.79 -59.64
N ARG F 56 -20.73 12.60 -59.40
CA ARG F 56 -19.87 11.79 -60.25
C ARG F 56 -19.09 10.81 -59.39
N LEU F 57 -19.30 9.52 -59.61
CA LEU F 57 -18.49 8.51 -58.93
C LEU F 57 -17.04 8.64 -59.38
N VAL F 58 -16.12 8.66 -58.40
CA VAL F 58 -14.71 8.80 -58.72
C VAL F 58 -14.25 7.57 -59.49
N GLU F 59 -13.34 7.80 -60.44
CA GLU F 59 -12.99 6.77 -61.42
C GLU F 59 -12.32 5.57 -60.76
N ASP F 60 -11.18 5.80 -60.11
CA ASP F 60 -10.43 4.70 -59.50
C ASP F 60 -11.13 4.08 -58.30
N GLY F 61 -12.24 4.64 -57.86
CA GLY F 61 -13.00 4.05 -56.77
C GLY F 61 -12.29 4.05 -55.43
N LYS F 62 -11.35 4.97 -55.22
CA LYS F 62 -10.58 5.05 -53.99
C LYS F 62 -10.96 6.30 -53.22
N TYR F 63 -10.60 6.30 -51.93
CA TYR F 63 -10.84 7.46 -51.07
C TYR F 63 -9.70 8.47 -51.17
N GLY F 64 -8.46 8.01 -51.00
CA GLY F 64 -7.32 8.90 -51.08
C GLY F 64 -6.13 8.41 -50.28
N ALA F 65 -5.12 7.92 -50.99
CA ALA F 65 -3.88 7.47 -50.37
C ALA F 65 -2.71 8.08 -51.12
N GLN F 66 -1.58 8.19 -50.42
CA GLN F 66 -0.38 8.82 -50.96
C GLN F 66 0.68 7.74 -51.18
N ASP F 67 1.18 7.65 -52.41
CA ASP F 67 2.13 6.61 -52.77
C ASP F 67 3.55 7.01 -52.35
N ASP F 68 4.53 6.24 -52.79
CA ASP F 68 5.92 6.51 -52.42
C ASP F 68 6.41 7.80 -53.08
N LYS F 69 6.01 8.05 -54.32
CA LYS F 69 6.37 9.27 -55.02
C LYS F 69 5.60 10.49 -54.53
N GLY F 70 4.62 10.31 -53.65
CA GLY F 70 3.87 11.42 -53.08
C GLY F 70 2.58 11.76 -53.78
N GLN F 71 2.26 11.09 -54.89
CA GLN F 71 1.04 11.40 -55.62
C GLN F 71 -0.18 10.80 -54.93
N TRP F 72 -1.33 11.46 -55.12
CA TRP F 72 -2.59 11.05 -54.54
C TRP F 72 -3.46 10.35 -55.56
N ASN F 73 -4.46 9.63 -55.07
CA ASN F 73 -5.47 8.98 -55.90
C ASN F 73 -6.84 9.21 -55.27
N GLY F 74 -7.86 8.63 -55.90
CA GLY F 74 -9.21 8.68 -55.35
C GLY F 74 -9.80 10.08 -55.30
N MET F 75 -10.66 10.30 -54.31
CA MET F 75 -11.36 11.59 -54.20
C MET F 75 -10.42 12.72 -53.82
N VAL F 76 -9.39 12.44 -53.03
CA VAL F 76 -8.45 13.49 -52.64
C VAL F 76 -7.73 14.04 -53.86
N LYS F 77 -7.35 13.16 -54.80
CA LYS F 77 -6.69 13.62 -56.01
C LYS F 77 -7.62 14.48 -56.85
N GLU F 78 -8.92 14.15 -56.86
CA GLU F 78 -9.88 14.95 -57.62
C GLU F 78 -9.93 16.39 -57.11
N LEU F 79 -9.89 16.56 -55.78
CA LEU F 79 -9.93 17.91 -55.21
C LEU F 79 -8.64 18.66 -55.47
N ILE F 80 -7.49 17.98 -55.39
CA ILE F 80 -6.21 18.64 -55.63
C ILE F 80 -6.15 19.16 -57.06
N ASP F 81 -6.59 18.36 -58.03
CA ASP F 81 -6.59 18.74 -59.43
C ASP F 81 -7.75 19.64 -59.79
N HIS F 82 -8.58 20.03 -58.82
CA HIS F 82 -9.73 20.91 -59.06
C HIS F 82 -10.73 20.30 -60.04
N LYS F 83 -10.75 18.96 -60.13
CA LYS F 83 -11.73 18.27 -60.95
C LYS F 83 -13.09 18.14 -60.27
N ALA F 84 -13.20 18.58 -59.02
CA ALA F 84 -14.45 18.52 -58.28
C ALA F 84 -14.42 19.60 -57.20
N ASP F 85 -15.61 20.13 -56.88
CA ASP F 85 -15.72 21.16 -55.86
C ASP F 85 -15.96 20.59 -54.48
N LEU F 86 -16.74 19.51 -54.38
CA LEU F 86 -17.05 18.88 -53.11
C LEU F 86 -16.78 17.39 -53.20
N ALA F 87 -16.44 16.80 -52.05
CA ALA F 87 -16.27 15.36 -51.90
C ALA F 87 -17.19 14.91 -50.77
N VAL F 88 -18.35 14.37 -51.12
CA VAL F 88 -19.36 13.98 -50.15
C VAL F 88 -19.29 12.46 -50.01
N ALA F 89 -18.63 12.00 -48.95
CA ALA F 89 -18.41 10.59 -48.68
C ALA F 89 -17.89 10.44 -47.25
N PRO F 90 -17.88 9.23 -46.68
CA PRO F 90 -17.23 9.05 -45.38
C PRO F 90 -15.72 9.22 -45.48
N LEU F 91 -15.27 10.43 -45.80
CA LEU F 91 -13.86 10.73 -45.98
C LEU F 91 -13.26 11.10 -44.64
N THR F 92 -12.41 10.23 -44.11
CA THR F 92 -11.87 10.41 -42.76
C THR F 92 -10.92 11.60 -42.72
N ILE F 93 -11.10 12.45 -41.71
CA ILE F 93 -10.24 13.61 -41.53
C ILE F 93 -8.91 13.14 -40.94
N THR F 94 -7.83 13.32 -41.71
CA THR F 94 -6.48 13.01 -41.24
C THR F 94 -5.58 14.21 -41.51
N ALA F 95 -4.46 14.24 -40.79
CA ALA F 95 -3.53 15.35 -40.92
C ALA F 95 -2.92 15.42 -42.32
N VAL F 96 -2.58 14.27 -42.88
CA VAL F 96 -1.96 14.24 -44.20
C VAL F 96 -2.95 14.69 -45.28
N ARG F 97 -4.20 14.26 -45.17
CA ARG F 97 -5.20 14.69 -46.14
C ARG F 97 -5.53 16.17 -45.98
N GLU F 98 -5.54 16.67 -44.75
CA GLU F 98 -5.82 18.08 -44.50
C GLU F 98 -4.71 18.97 -45.04
N LYS F 99 -3.50 18.44 -45.19
CA LYS F 99 -2.41 19.21 -45.80
C LYS F 99 -2.62 19.41 -47.29
N ALA F 100 -3.41 18.57 -47.94
CA ALA F 100 -3.61 18.62 -49.39
C ALA F 100 -4.94 19.24 -49.78
N ILE F 101 -6.00 19.06 -48.99
CA ILE F 101 -7.31 19.59 -49.29
C ILE F 101 -7.81 20.38 -48.08
N ASP F 102 -8.95 21.03 -48.25
CA ASP F 102 -9.61 21.80 -47.19
C ASP F 102 -10.81 21.00 -46.71
N PHE F 103 -10.69 20.38 -45.55
CA PHE F 103 -11.80 19.67 -44.93
C PHE F 103 -12.75 20.66 -44.26
N SER F 104 -14.05 20.42 -44.41
CA SER F 104 -15.01 21.10 -43.57
C SER F 104 -14.97 20.50 -42.16
N LYS F 105 -15.65 21.17 -41.23
CA LYS F 105 -15.76 20.61 -39.90
C LYS F 105 -16.55 19.30 -39.96
N PRO F 106 -16.31 18.38 -39.02
CA PRO F 106 -16.89 17.04 -39.14
C PRO F 106 -18.41 17.05 -39.03
N PHE F 107 -19.05 16.21 -39.86
CA PHE F 107 -20.48 15.98 -39.75
C PHE F 107 -20.81 14.68 -39.01
N MET F 108 -19.81 13.86 -38.71
CA MET F 108 -20.02 12.61 -38.00
C MET F 108 -18.73 12.22 -37.30
N THR F 109 -18.84 11.78 -36.06
CA THR F 109 -17.69 11.31 -35.28
C THR F 109 -17.56 9.80 -35.38
N LEU F 110 -16.32 9.33 -35.33
CA LEU F 110 -16.05 7.90 -35.34
C LEU F 110 -14.66 7.67 -34.74
N GLY F 111 -14.40 6.40 -34.43
CA GLY F 111 -13.08 5.99 -34.00
C GLY F 111 -12.81 4.58 -34.47
N VAL F 112 -11.52 4.22 -34.53
CA VAL F 112 -11.15 2.87 -34.93
C VAL F 112 -11.50 1.90 -33.80
N SER F 113 -12.13 0.78 -34.16
CA SER F 113 -12.49 -0.24 -33.19
C SER F 113 -12.34 -1.60 -33.86
N ILE F 114 -12.89 -2.63 -33.21
CA ILE F 114 -12.69 -4.02 -33.63
C ILE F 114 -14.06 -4.63 -33.95
N LEU F 115 -14.16 -5.26 -35.11
CA LEU F 115 -15.34 -6.05 -35.47
C LEU F 115 -14.97 -7.53 -35.33
N TYR F 116 -15.73 -8.24 -34.49
CA TYR F 116 -15.45 -9.64 -34.20
C TYR F 116 -16.77 -10.30 -33.78
N ARG F 117 -16.67 -11.51 -33.23
CA ARG F 117 -17.81 -12.30 -32.83
C ARG F 117 -17.93 -12.35 -31.31
N LYS F 118 -19.15 -12.61 -30.84
CA LYS F 118 -19.44 -12.67 -29.43
C LYS F 118 -18.92 -13.97 -28.81
N GLY F 119 -19.04 -14.05 -27.49
CA GLY F 119 -18.63 -15.25 -26.76
C GLY F 119 -17.16 -15.57 -26.81
N THR F 120 -16.30 -14.56 -26.79
CA THR F 120 -14.86 -14.74 -26.88
C THR F 120 -14.17 -14.03 -25.73
N PRO F 121 -13.01 -14.54 -25.28
CA PRO F 121 -12.26 -13.82 -24.23
C PRO F 121 -11.59 -12.54 -24.72
N ILE F 122 -11.60 -12.27 -26.02
CA ILE F 122 -10.93 -11.10 -26.57
C ILE F 122 -11.76 -9.86 -26.29
N ASP F 123 -11.18 -8.91 -25.56
CA ASP F 123 -11.89 -7.70 -25.16
C ASP F 123 -11.19 -6.42 -25.58
N SER F 124 -9.97 -6.47 -26.09
CA SER F 124 -9.23 -5.28 -26.45
C SER F 124 -8.27 -5.59 -27.57
N ALA F 125 -7.70 -4.53 -28.15
CA ALA F 125 -6.66 -4.71 -29.17
C ALA F 125 -5.42 -5.35 -28.57
N ASP F 126 -5.19 -5.20 -27.26
CA ASP F 126 -4.11 -5.92 -26.60
C ASP F 126 -4.30 -7.42 -26.73
N ASP F 127 -5.54 -7.90 -26.59
CA ASP F 127 -5.80 -9.32 -26.70
C ASP F 127 -5.50 -9.83 -28.11
N LEU F 128 -5.80 -9.02 -29.13
CA LEU F 128 -5.47 -9.41 -30.49
C LEU F 128 -3.97 -9.41 -30.74
N ALA F 129 -3.27 -8.43 -30.18
CA ALA F 129 -1.84 -8.28 -30.46
C ALA F 129 -1.02 -9.41 -29.85
N LYS F 130 -1.41 -9.88 -28.66
CA LYS F 130 -0.61 -10.86 -27.94
C LYS F 130 -0.83 -12.30 -28.41
N GLN F 131 -1.69 -12.53 -29.40
CA GLN F 131 -2.00 -13.87 -29.86
C GLN F 131 -1.81 -13.96 -31.38
N THR F 132 -1.89 -15.18 -31.89
CA THR F 132 -1.70 -15.46 -33.30
C THR F 132 -2.79 -16.31 -33.93
N LYS F 133 -3.54 -17.09 -33.14
CA LYS F 133 -4.52 -18.01 -33.70
C LYS F 133 -5.65 -17.27 -34.41
N ILE F 134 -5.95 -16.05 -33.98
CA ILE F 134 -7.05 -15.26 -34.55
C ILE F 134 -6.44 -14.17 -35.42
N GLU F 135 -6.54 -14.33 -36.73
CA GLU F 135 -6.01 -13.37 -37.68
C GLU F 135 -6.82 -12.07 -37.61
N TYR F 136 -6.14 -10.94 -37.80
CA TYR F 136 -6.80 -9.64 -37.82
C TYR F 136 -6.19 -8.78 -38.91
N GLY F 137 -6.95 -7.78 -39.34
CA GLY F 137 -6.48 -6.87 -40.36
C GLY F 137 -7.42 -5.71 -40.54
N ALA F 138 -7.25 -5.01 -41.66
CA ALA F 138 -8.05 -3.84 -41.97
C ALA F 138 -8.11 -3.66 -43.48
N VAL F 139 -8.93 -2.71 -43.91
CA VAL F 139 -9.04 -2.38 -45.33
C VAL F 139 -7.71 -1.80 -45.81
N LYS F 140 -7.24 -2.26 -46.96
CA LYS F 140 -5.94 -1.84 -47.47
C LYS F 140 -5.98 -0.40 -47.96
N ASP F 141 -4.93 0.34 -47.64
CA ASP F 141 -4.71 1.73 -48.05
C ASP F 141 -5.78 2.69 -47.54
N GLY F 142 -6.59 2.26 -46.57
CA GLY F 142 -7.54 3.15 -45.93
C GLY F 142 -6.89 3.99 -44.84
N ALA F 143 -7.74 4.76 -44.17
CA ALA F 143 -7.26 5.58 -43.06
C ALA F 143 -6.86 4.71 -41.87
N THR F 144 -7.63 3.65 -41.60
CA THR F 144 -7.32 2.78 -40.47
C THR F 144 -6.00 2.06 -40.66
N MET F 145 -5.73 1.58 -41.88
CA MET F 145 -4.46 0.90 -42.13
C MET F 145 -3.28 1.86 -41.99
N THR F 146 -3.42 3.09 -42.49
CA THR F 146 -2.36 4.08 -42.33
C THR F 146 -2.11 4.39 -40.86
N PHE F 147 -3.16 4.31 -40.03
CA PHE F 147 -2.99 4.54 -38.60
C PHE F 147 -2.04 3.51 -37.99
N PHE F 148 -2.29 2.22 -38.26
CA PHE F 148 -1.41 1.18 -37.74
C PHE F 148 -0.03 1.24 -38.37
N LYS F 149 0.06 1.63 -39.64
CA LYS F 149 1.36 1.68 -40.31
C LYS F 149 2.26 2.74 -39.72
N LYS F 150 1.70 3.89 -39.34
CA LYS F 150 2.48 5.01 -38.84
C LYS F 150 2.55 5.08 -37.33
N SER F 151 1.81 4.22 -36.62
CA SER F 151 1.76 4.30 -35.16
C SER F 151 3.10 3.92 -34.54
N LYS F 152 3.42 4.57 -33.42
CA LYS F 152 4.62 4.27 -32.65
C LYS F 152 4.31 3.52 -31.36
N ILE F 153 3.05 3.38 -30.97
CA ILE F 153 2.69 2.62 -29.79
C ILE F 153 2.99 1.14 -30.04
N SER F 154 3.63 0.48 -29.07
CA SER F 154 4.14 -0.86 -29.29
C SER F 154 3.03 -1.84 -29.64
N THR F 155 1.87 -1.73 -28.98
CA THR F 155 0.76 -2.61 -29.30
C THR F 155 0.37 -2.50 -30.77
N PHE F 156 0.27 -1.27 -31.26
CA PHE F 156 -0.10 -1.06 -32.67
C PHE F 156 1.07 -1.35 -33.59
N GLU F 157 2.31 -1.18 -33.11
CA GLU F 157 3.47 -1.58 -33.88
C GLU F 157 3.48 -3.09 -34.12
N LYS F 158 3.03 -3.87 -33.13
CA LYS F 158 3.00 -5.31 -33.28
C LYS F 158 1.84 -5.77 -34.16
N MET F 159 0.70 -5.09 -34.07
CA MET F 159 -0.43 -5.46 -34.93
C MET F 159 -0.14 -5.14 -36.38
N TRP F 160 0.56 -4.03 -36.65
CA TRP F 160 0.92 -3.73 -38.03
C TRP F 160 1.95 -4.72 -38.56
N ALA F 161 2.86 -5.16 -37.70
CA ALA F 161 3.81 -6.20 -38.10
C ALA F 161 3.09 -7.50 -38.45
N PHE F 162 1.99 -7.80 -37.76
CA PHE F 162 1.24 -9.03 -38.05
C PHE F 162 0.48 -8.93 -39.36
N MET F 163 -0.33 -7.88 -39.52
CA MET F 163 -1.18 -7.78 -40.70
C MET F 163 -0.37 -7.58 -41.98
N SER F 164 0.74 -6.83 -41.90
CA SER F 164 1.54 -6.60 -43.10
C SER F 164 2.33 -7.84 -43.52
N SER F 165 2.59 -8.76 -42.59
CA SER F 165 3.28 -10.00 -42.91
C SER F 165 2.36 -11.00 -43.62
N LYS F 166 1.09 -11.03 -43.23
CA LYS F 166 0.12 -11.97 -43.79
C LYS F 166 -0.67 -11.27 -44.88
N PRO F 167 -0.49 -11.62 -46.16
CA PRO F 167 -1.14 -10.85 -47.23
C PRO F 167 -2.65 -10.91 -47.21
N SER F 168 -3.23 -11.98 -46.63
CA SER F 168 -4.68 -12.10 -46.59
C SER F 168 -5.32 -11.23 -45.51
N ALA F 169 -4.52 -10.69 -44.58
CA ALA F 169 -5.09 -9.89 -43.50
C ALA F 169 -5.67 -8.57 -43.99
N LEU F 170 -5.11 -7.99 -45.05
CA LEU F 170 -5.63 -6.75 -45.61
C LEU F 170 -6.67 -7.07 -46.66
N VAL F 171 -7.84 -6.45 -46.54
CA VAL F 171 -8.94 -6.70 -47.44
C VAL F 171 -9.02 -5.57 -48.47
N LYS F 172 -9.76 -5.81 -49.55
CA LYS F 172 -9.93 -4.80 -50.59
C LYS F 172 -10.88 -3.70 -50.18
N ASN F 173 -11.92 -4.04 -49.41
CA ASN F 173 -12.92 -3.06 -48.98
C ASN F 173 -13.66 -3.64 -47.78
N ASN F 174 -14.61 -2.87 -47.26
CA ASN F 174 -15.36 -3.31 -46.09
C ASN F 174 -16.16 -4.56 -46.38
N GLU F 175 -16.72 -4.69 -47.59
CA GLU F 175 -17.53 -5.84 -47.92
C GLU F 175 -16.76 -7.14 -47.80
N GLU F 176 -15.51 -7.16 -48.28
CA GLU F 176 -14.68 -8.36 -48.15
C GLU F 176 -14.31 -8.60 -46.69
N GLY F 177 -14.00 -7.53 -45.95
CA GLY F 177 -13.62 -7.70 -44.56
C GLY F 177 -14.75 -8.25 -43.69
N ILE F 178 -15.98 -7.80 -43.95
CA ILE F 178 -17.12 -8.31 -43.20
C ILE F 178 -17.30 -9.80 -43.44
N GLN F 179 -17.13 -10.23 -44.70
CA GLN F 179 -17.25 -11.65 -45.01
C GLN F 179 -16.11 -12.47 -44.40
N ARG F 180 -14.94 -11.87 -44.24
CA ARG F 180 -13.81 -12.61 -43.69
C ARG F 180 -14.01 -12.89 -42.20
N THR F 181 -14.63 -11.95 -41.48
CA THR F 181 -14.99 -12.23 -40.08
C THR F 181 -16.08 -13.29 -39.99
N LEU F 182 -16.82 -13.53 -41.07
CA LEU F 182 -17.89 -14.52 -41.08
C LEU F 182 -17.43 -15.88 -41.56
N THR F 183 -16.47 -15.94 -42.49
CA THR F 183 -15.99 -17.19 -43.04
C THR F 183 -14.74 -17.72 -42.36
N ALA F 184 -14.06 -16.90 -41.56
CA ALA F 184 -12.83 -17.32 -40.89
C ALA F 184 -12.78 -16.72 -39.49
N ASP F 185 -11.87 -17.24 -38.68
CA ASP F 185 -11.63 -16.72 -37.34
C ASP F 185 -10.80 -15.44 -37.50
N TYR F 186 -11.49 -14.35 -37.80
CA TYR F 186 -10.87 -13.11 -38.24
C TYR F 186 -11.60 -11.92 -37.61
N ALA F 187 -10.81 -10.96 -37.11
CA ALA F 187 -11.34 -9.72 -36.57
C ALA F 187 -10.92 -8.57 -37.47
N LEU F 188 -11.87 -7.68 -37.77
CA LEU F 188 -11.63 -6.56 -38.68
C LEU F 188 -11.50 -5.27 -37.88
N LEU F 189 -10.39 -4.56 -38.09
CA LEU F 189 -10.21 -3.23 -37.52
C LEU F 189 -10.95 -2.23 -38.39
N MET F 190 -12.10 -1.76 -37.90
CA MET F 190 -13.03 -0.99 -38.71
C MET F 190 -13.47 0.24 -37.94
N GLU F 191 -13.85 1.27 -38.68
CA GLU F 191 -14.33 2.50 -38.06
C GLU F 191 -15.65 2.25 -37.36
N SER F 192 -15.85 2.92 -36.22
CA SER F 192 -16.93 2.54 -35.30
C SER F 192 -18.31 2.76 -35.90
N THR F 193 -18.47 3.76 -36.76
CA THR F 193 -19.78 4.02 -37.35
C THR F 193 -20.23 2.87 -38.23
N THR F 194 -19.30 2.30 -39.01
CA THR F 194 -19.64 1.14 -39.81
C THR F 194 -19.85 -0.10 -38.94
N ILE F 195 -19.11 -0.22 -37.83
CA ILE F 195 -19.33 -1.31 -36.89
C ILE F 195 -20.75 -1.24 -36.35
N GLU F 196 -21.17 -0.05 -35.92
CA GLU F 196 -22.52 0.14 -35.41
C GLU F 196 -23.56 -0.21 -36.47
N TYR F 197 -23.23 0.00 -37.75
CA TYR F 197 -24.17 -0.31 -38.83
C TYR F 197 -24.30 -1.81 -39.05
N ILE F 198 -23.19 -2.54 -39.01
CA ILE F 198 -23.21 -3.97 -39.28
C ILE F 198 -23.73 -4.75 -38.08
N THR F 199 -23.33 -4.35 -36.86
CA THR F 199 -23.76 -5.07 -35.67
C THR F 199 -25.26 -4.97 -35.45
N GLN F 200 -25.89 -3.90 -35.91
CA GLN F 200 -27.33 -3.74 -35.76
C GLN F 200 -28.12 -4.49 -36.82
N ARG F 201 -27.45 -5.13 -37.77
CA ARG F 201 -28.09 -5.93 -38.80
C ARG F 201 -27.61 -7.36 -38.87
N ASN F 202 -26.41 -7.65 -38.37
CA ASN F 202 -25.87 -9.01 -38.31
C ASN F 202 -25.57 -9.30 -36.84
N CYS F 203 -26.44 -10.07 -36.20
CA CYS F 203 -26.33 -10.31 -34.76
C CYS F 203 -25.23 -11.29 -34.41
N ASN F 204 -24.51 -11.85 -35.40
CA ASN F 204 -23.37 -12.69 -35.13
C ASN F 204 -22.12 -11.88 -34.82
N LEU F 205 -22.08 -10.61 -35.22
CA LEU F 205 -20.92 -9.76 -35.03
C LEU F 205 -21.16 -8.77 -33.92
N THR F 206 -20.07 -8.24 -33.36
CA THR F 206 -20.14 -7.29 -32.27
C THR F 206 -18.89 -6.42 -32.30
N GLN F 207 -18.92 -5.36 -31.49
CA GLN F 207 -17.76 -4.49 -31.33
C GLN F 207 -16.95 -4.95 -30.13
N ILE F 208 -15.65 -5.15 -30.33
CA ILE F 208 -14.75 -5.60 -29.27
C ILE F 208 -13.92 -4.41 -28.80
N GLY F 209 -14.02 -4.11 -27.51
CA GLY F 209 -13.31 -2.98 -26.96
C GLY F 209 -13.98 -1.65 -27.27
N GLY F 210 -13.24 -0.58 -26.98
CA GLY F 210 -13.70 0.77 -27.21
C GLY F 210 -13.15 1.36 -28.49
N LEU F 211 -13.01 2.68 -28.51
CA LEU F 211 -12.51 3.40 -29.66
C LEU F 211 -11.02 3.64 -29.47
N ILE F 212 -10.24 3.39 -30.52
CA ILE F 212 -8.79 3.49 -30.42
C ILE F 212 -8.34 4.94 -30.57
N ASP F 213 -9.02 5.72 -31.43
CA ASP F 213 -8.71 7.13 -31.61
C ASP F 213 -10.03 7.90 -31.68
N SER F 214 -9.93 9.20 -31.96
CA SER F 214 -11.11 10.07 -32.03
C SER F 214 -10.95 10.99 -33.23
N LYS F 215 -11.64 10.68 -34.32
CA LYS F 215 -11.57 11.46 -35.54
C LYS F 215 -12.99 11.72 -36.03
N GLY F 216 -13.12 12.13 -37.29
CA GLY F 216 -14.43 12.44 -37.84
C GLY F 216 -14.43 12.42 -39.35
N TYR F 217 -15.64 12.35 -39.90
CA TYR F 217 -15.85 12.46 -41.34
C TYR F 217 -16.09 13.92 -41.69
N GLY F 218 -15.41 14.41 -42.73
CA GLY F 218 -15.58 15.78 -43.16
C GLY F 218 -15.80 15.86 -44.66
N ILE F 219 -16.41 16.97 -45.08
CA ILE F 219 -16.62 17.23 -46.49
C ILE F 219 -15.34 17.84 -47.06
N GLY F 220 -14.81 17.22 -48.12
CA GLY F 220 -13.56 17.66 -48.71
C GLY F 220 -13.77 18.68 -49.82
N THR F 221 -12.93 19.70 -49.82
CA THR F 221 -12.90 20.74 -50.84
C THR F 221 -11.45 21.00 -51.21
N PRO F 222 -11.19 21.50 -52.42
CA PRO F 222 -9.84 21.93 -52.77
C PRO F 222 -9.36 23.05 -51.86
N MET F 223 -8.04 23.14 -51.68
CA MET F 223 -7.49 24.15 -50.80
C MET F 223 -7.77 25.53 -51.36
N GLY F 224 -8.29 26.41 -50.50
CA GLY F 224 -8.71 27.73 -50.90
C GLY F 224 -10.14 27.82 -51.35
N SER F 225 -10.90 26.73 -51.27
CA SER F 225 -12.28 26.73 -51.73
C SER F 225 -13.11 27.67 -50.85
N PRO F 226 -13.92 28.55 -51.45
CA PRO F 226 -14.81 29.40 -50.64
C PRO F 226 -15.99 28.63 -50.06
N TYR F 227 -16.25 27.41 -50.52
CA TYR F 227 -17.40 26.65 -50.03
C TYR F 227 -17.14 25.93 -48.72
N ARG F 228 -15.87 25.77 -48.33
CA ARG F 228 -15.57 25.02 -47.10
C ARG F 228 -16.18 25.70 -45.87
N ASP F 229 -15.85 26.98 -45.68
CA ASP F 229 -16.36 27.68 -44.50
C ASP F 229 -17.87 27.84 -44.55
N LYS F 230 -18.47 27.84 -45.76
CA LYS F 230 -19.92 27.88 -45.86
C LYS F 230 -20.56 26.52 -45.58
N ILE F 231 -19.86 25.43 -45.92
CA ILE F 231 -20.34 24.11 -45.56
C ILE F 231 -20.20 23.86 -44.06
N THR F 232 -19.11 24.37 -43.47
CA THR F 232 -18.93 24.25 -42.03
C THR F 232 -20.09 24.88 -41.29
N ILE F 233 -20.49 26.09 -41.67
CA ILE F 233 -21.60 26.76 -41.02
C ILE F 233 -22.88 25.96 -41.19
N ALA F 234 -23.10 25.40 -42.37
CA ALA F 234 -24.31 24.62 -42.61
C ALA F 234 -24.32 23.33 -41.79
N ILE F 235 -23.16 22.67 -41.68
CA ILE F 235 -23.09 21.44 -40.88
C ILE F 235 -23.34 21.75 -39.41
N LEU F 236 -22.82 22.87 -38.93
CA LEU F 236 -23.07 23.27 -37.54
C LEU F 236 -24.54 23.57 -37.31
N GLN F 237 -25.18 24.28 -38.25
CA GLN F 237 -26.61 24.54 -38.13
C GLN F 237 -27.41 23.25 -38.21
N LEU F 238 -27.01 22.32 -39.07
CA LEU F 238 -27.69 21.03 -39.15
C LEU F 238 -27.56 20.25 -37.85
N GLN F 239 -26.40 20.32 -37.20
CA GLN F 239 -26.21 19.61 -35.94
C GLN F 239 -27.03 20.25 -34.83
N GLU F 240 -26.99 21.58 -34.73
CA GLU F 240 -27.70 22.27 -33.66
C GLU F 240 -29.22 22.10 -33.77
N GLU F 241 -29.73 21.85 -34.98
CA GLU F 241 -31.14 21.58 -35.18
C GLU F 241 -31.48 20.11 -35.05
N ASP F 242 -30.53 19.29 -34.57
CA ASP F 242 -30.70 17.85 -34.38
C ASP F 242 -30.97 17.12 -35.69
N LYS F 243 -30.65 17.74 -36.83
CA LYS F 243 -30.95 17.12 -38.11
C LYS F 243 -29.94 16.04 -38.48
N LEU F 244 -28.66 16.25 -38.18
CA LEU F 244 -27.69 15.19 -38.37
C LEU F 244 -28.00 13.97 -37.51
N HIS F 245 -28.55 14.18 -36.32
CA HIS F 245 -28.95 13.05 -35.48
CA HIS F 245 -28.95 13.05 -35.48
C HIS F 245 -30.13 12.32 -36.10
N ILE F 246 -31.13 13.05 -36.61
CA ILE F 246 -32.26 12.43 -37.27
C ILE F 246 -31.82 11.78 -38.58
N MET F 247 -30.87 12.40 -39.28
CA MET F 247 -30.42 11.86 -40.55
C MET F 247 -29.64 10.56 -40.37
N LYS F 248 -28.92 10.41 -39.26
CA LYS F 248 -28.14 9.21 -39.03
C LYS F 248 -29.03 8.04 -38.63
N GLU F 249 -29.92 8.27 -37.65
CA GLU F 249 -30.84 7.22 -37.23
C GLU F 249 -31.82 6.83 -38.33
N LYS F 250 -31.94 7.63 -39.38
CA LYS F 250 -32.73 7.23 -40.54
C LYS F 250 -32.08 6.05 -41.26
N TRP F 251 -30.75 5.98 -41.27
CA TRP F 251 -30.03 4.98 -42.07
C TRP F 251 -29.30 3.93 -41.25
N TRP F 252 -29.11 4.15 -39.95
CA TRP F 252 -28.37 3.21 -39.11
C TRP F 252 -29.26 2.24 -38.34
N ARG F 253 -30.57 2.49 -38.30
CA ARG F 253 -31.46 1.60 -37.58
C ARG F 253 -31.72 0.32 -38.38
N GLY F 254 -31.86 -0.79 -37.67
CA GLY F 254 -32.11 -2.07 -38.30
C GLY F 254 -32.70 -3.10 -37.35
N ARG G 6 7.47 38.44 -33.99
CA ARG G 6 6.57 39.00 -33.00
C ARG G 6 5.77 37.91 -32.28
N SER G 7 5.53 38.12 -30.99
CA SER G 7 4.75 37.17 -30.21
C SER G 7 3.27 37.31 -30.50
N LEU G 8 2.55 36.21 -30.36
CA LEU G 8 1.11 36.19 -30.55
C LEU G 8 0.39 36.49 -29.24
N ILE G 9 -0.75 37.18 -29.35
CA ILE G 9 -1.56 37.51 -28.18
C ILE G 9 -2.61 36.43 -28.02
N VAL G 10 -2.63 35.79 -26.84
CA VAL G 10 -3.55 34.71 -26.54
C VAL G 10 -4.48 35.16 -25.42
N THR G 11 -5.77 35.26 -25.74
CA THR G 11 -6.78 35.54 -24.73
C THR G 11 -7.38 34.23 -24.22
N THR G 12 -7.71 34.21 -22.94
CA THR G 12 -8.21 32.99 -22.30
C THR G 12 -8.95 33.35 -21.02
N LEU G 13 -9.42 32.31 -20.32
CA LEU G 13 -10.17 32.45 -19.08
C LEU G 13 -9.71 31.38 -18.10
N LEU G 14 -9.94 31.65 -16.83
CA LEU G 14 -9.67 30.66 -15.78
C LEU G 14 -10.81 29.65 -15.74
N GLU G 15 -10.50 28.38 -16.00
CA GLU G 15 -11.51 27.34 -16.00
C GLU G 15 -10.81 26.01 -15.78
N GLU G 16 -11.15 25.33 -14.69
CA GLU G 16 -10.53 24.03 -14.41
C GLU G 16 -11.09 22.98 -15.36
N PRO G 17 -10.23 22.07 -15.88
CA PRO G 17 -8.78 22.10 -15.67
C PRO G 17 -8.02 22.66 -16.87
N PHE G 18 -8.66 23.55 -17.63
CA PHE G 18 -8.05 24.06 -18.86
C PHE G 18 -6.99 25.11 -18.57
N VAL G 19 -7.34 26.14 -17.79
CA VAL G 19 -6.41 27.19 -17.41
C VAL G 19 -6.59 27.47 -15.93
N MET G 20 -5.52 27.33 -15.16
CA MET G 20 -5.57 27.53 -13.71
C MET G 20 -4.34 28.31 -13.27
N PHE G 21 -4.45 28.92 -12.10
CA PHE G 21 -3.32 29.61 -11.48
C PHE G 21 -2.40 28.60 -10.84
N ARG G 22 -1.18 28.50 -11.34
CA ARG G 22 -0.21 27.56 -10.80
C ARG G 22 0.25 28.01 -9.41
N LYS G 23 0.34 27.05 -8.49
CA LYS G 23 0.74 27.32 -7.12
C LYS G 23 2.26 27.30 -7.01
N SER G 24 2.82 28.37 -6.44
CA SER G 24 4.27 28.49 -6.28
C SER G 24 4.56 29.26 -5.00
N ASP G 25 5.78 29.07 -4.49
CA ASP G 25 6.21 29.81 -3.32
C ASP G 25 6.75 31.20 -3.66
N ARG G 26 6.97 31.49 -4.94
CA ARG G 26 7.35 32.82 -5.39
C ARG G 26 6.21 33.44 -6.17
N THR G 27 6.20 34.77 -6.21
CA THR G 27 5.19 35.48 -6.98
C THR G 27 5.45 35.28 -8.46
N LEU G 28 4.41 34.85 -9.19
CA LEU G 28 4.55 34.55 -10.61
C LEU G 28 4.09 35.71 -11.47
N TYR G 29 4.77 35.92 -12.59
CA TYR G 29 4.47 36.98 -13.54
C TYR G 29 4.46 36.43 -14.95
N GLY G 30 3.73 37.12 -15.82
CA GLY G 30 3.68 36.76 -17.23
C GLY G 30 2.99 35.44 -17.47
N ASN G 31 3.46 34.71 -18.49
CA ASN G 31 2.85 33.43 -18.82
C ASN G 31 3.11 32.35 -17.77
N ASP G 32 4.09 32.55 -16.90
CA ASP G 32 4.50 31.50 -15.97
C ASP G 32 3.44 31.19 -14.93
N ARG G 33 2.45 32.06 -14.76
CA ARG G 33 1.47 31.87 -13.69
C ARG G 33 0.42 30.81 -14.01
N PHE G 34 0.28 30.41 -15.27
CA PHE G 34 -0.85 29.58 -15.68
C PHE G 34 -0.39 28.14 -15.94
N GLU G 35 -1.33 27.22 -15.73
CA GLU G 35 -1.12 25.81 -16.04
C GLU G 35 -2.45 25.19 -16.42
N GLY G 36 -2.40 24.01 -17.00
CA GLY G 36 -3.62 23.32 -17.38
C GLY G 36 -3.56 22.66 -18.75
N TYR G 37 -4.69 22.07 -19.16
CA TYR G 37 -4.76 21.40 -20.46
C TYR G 37 -4.50 22.37 -21.59
N CYS G 38 -5.19 23.53 -21.57
CA CYS G 38 -4.99 24.52 -22.62
C CYS G 38 -3.60 25.12 -22.58
N ILE G 39 -2.98 25.17 -21.40
CA ILE G 39 -1.60 25.63 -21.32
C ILE G 39 -0.66 24.61 -21.94
N ASP G 40 -0.88 23.33 -21.65
CA ASP G 40 -0.08 22.28 -22.29
C ASP G 40 -0.32 22.25 -23.79
N LEU G 41 -1.57 22.44 -24.22
CA LEU G 41 -1.87 22.47 -25.65
C LEU G 41 -1.18 23.65 -26.33
N LEU G 42 -1.16 24.81 -25.67
CA LEU G 42 -0.54 26.00 -26.28
C LEU G 42 0.96 25.84 -26.40
N LYS G 43 1.59 25.29 -25.35
CA LYS G 43 3.04 25.03 -25.39
C LYS G 43 3.39 24.06 -26.50
N GLU G 44 2.56 23.03 -26.70
CA GLU G 44 2.82 22.04 -27.75
C GLU G 44 2.60 22.64 -29.15
N LEU G 45 1.63 23.54 -29.28
CA LEU G 45 1.39 24.17 -30.58
C LEU G 45 2.47 25.19 -30.90
N ALA G 46 2.86 25.99 -29.90
CA ALA G 46 3.90 26.99 -30.11
C ALA G 46 5.23 26.39 -30.52
N HIS G 47 5.43 25.09 -30.25
CA HIS G 47 6.65 24.41 -30.67
CA HIS G 47 6.65 24.42 -30.67
C HIS G 47 6.52 23.80 -32.06
N ILE G 48 5.35 23.25 -32.39
CA ILE G 48 5.14 22.70 -33.72
C ILE G 48 5.17 23.81 -34.76
N LEU G 49 4.43 24.89 -34.51
CA LEU G 49 4.34 26.01 -35.43
C LEU G 49 5.45 27.02 -35.24
N GLY G 50 6.19 26.95 -34.12
CA GLY G 50 7.32 27.83 -33.90
C GLY G 50 6.97 29.29 -33.69
N PHE G 51 6.23 29.59 -32.64
CA PHE G 51 5.91 30.97 -32.30
C PHE G 51 5.98 31.18 -30.80
N SER G 52 6.24 32.42 -30.41
CA SER G 52 6.17 32.86 -29.02
C SER G 52 4.82 33.52 -28.79
N TYR G 53 4.41 33.57 -27.52
CA TYR G 53 3.08 34.04 -27.21
C TYR G 53 3.07 34.77 -25.87
N GLU G 54 2.00 35.56 -25.67
CA GLU G 54 1.74 36.25 -24.41
C GLU G 54 0.29 36.02 -24.06
N ILE G 55 0.04 35.48 -22.87
CA ILE G 55 -1.30 35.15 -22.41
C ILE G 55 -1.89 36.36 -21.69
N ARG G 56 -3.10 36.75 -22.09
CA ARG G 56 -3.81 37.86 -21.48
C ARG G 56 -5.22 37.40 -21.14
N LEU G 57 -5.55 37.40 -19.85
CA LEU G 57 -6.92 37.11 -19.44
C LEU G 57 -7.85 38.22 -19.92
N VAL G 58 -8.95 37.84 -20.56
CA VAL G 58 -9.90 38.82 -21.08
C VAL G 58 -10.53 39.57 -19.91
N GLU G 59 -10.76 40.87 -20.11
CA GLU G 59 -11.16 41.73 -19.00
C GLU G 59 -12.54 41.36 -18.46
N ASP G 60 -13.55 41.31 -19.33
CA ASP G 60 -14.90 41.02 -18.86
C ASP G 60 -15.08 39.56 -18.44
N GLY G 61 -14.09 38.71 -18.66
CA GLY G 61 -14.15 37.34 -18.18
C GLY G 61 -15.23 36.49 -18.79
N LYS G 62 -15.50 36.66 -20.08
CA LYS G 62 -16.56 35.92 -20.76
C LYS G 62 -15.99 35.21 -21.99
N TYR G 63 -16.76 34.26 -22.50
CA TYR G 63 -16.36 33.47 -23.65
C TYR G 63 -16.76 34.14 -24.97
N GLY G 64 -18.04 34.52 -25.10
CA GLY G 64 -18.50 35.16 -26.30
C GLY G 64 -19.97 34.95 -26.59
N ALA G 65 -20.78 35.98 -26.35
CA ALA G 65 -22.20 35.94 -26.64
C ALA G 65 -22.60 37.21 -27.39
N GLN G 66 -23.64 37.10 -28.20
CA GLN G 66 -24.11 38.20 -29.03
C GLN G 66 -25.28 38.89 -28.34
N ASP G 67 -25.27 40.21 -28.32
CA ASP G 67 -26.29 40.99 -27.62
C ASP G 67 -27.45 41.31 -28.57
N ASP G 68 -28.33 42.22 -28.15
CA ASP G 68 -29.51 42.54 -28.94
C ASP G 68 -29.16 43.24 -30.24
N LYS G 69 -28.06 43.97 -30.27
CA LYS G 69 -27.65 44.73 -31.45
C LYS G 69 -26.62 43.99 -32.30
N GLY G 70 -26.24 42.78 -31.93
CA GLY G 70 -25.29 42.01 -32.69
C GLY G 70 -23.84 42.18 -32.30
N GLN G 71 -23.56 42.84 -31.18
CA GLN G 71 -22.20 43.07 -30.73
C GLN G 71 -21.74 41.94 -29.82
N TRP G 72 -20.48 41.53 -29.99
CA TRP G 72 -19.92 40.43 -29.22
C TRP G 72 -19.17 40.95 -27.98
N ASN G 73 -18.90 40.03 -27.06
CA ASN G 73 -18.09 40.30 -25.88
C ASN G 73 -17.10 39.16 -25.68
N GLY G 74 -16.32 39.25 -24.61
CA GLY G 74 -15.42 38.16 -24.28
C GLY G 74 -14.33 37.95 -25.32
N MET G 75 -13.90 36.69 -25.43
CA MET G 75 -12.81 36.36 -26.34
C MET G 75 -13.20 36.53 -27.79
N VAL G 76 -14.47 36.28 -28.13
CA VAL G 76 -14.91 36.44 -29.51
C VAL G 76 -14.76 37.88 -29.96
N LYS G 77 -15.09 38.83 -29.08
CA LYS G 77 -14.89 40.24 -29.40
C LYS G 77 -13.42 40.57 -29.60
N GLU G 78 -12.54 39.98 -28.78
CA GLU G 78 -11.12 40.22 -28.91
C GLU G 78 -10.59 39.72 -30.26
N LEU G 79 -11.13 38.59 -30.74
CA LEU G 79 -10.66 38.06 -32.02
C LEU G 79 -11.18 38.87 -33.20
N ILE G 80 -12.44 39.30 -33.12
CA ILE G 80 -13.03 40.07 -34.22
C ILE G 80 -12.28 41.39 -34.41
N ASP G 81 -11.96 42.06 -33.31
CA ASP G 81 -11.29 43.36 -33.35
C ASP G 81 -9.80 43.26 -33.62
N HIS G 82 -9.31 42.07 -33.98
CA HIS G 82 -7.88 41.85 -34.27
C HIS G 82 -6.99 42.33 -33.12
N LYS G 83 -7.49 42.22 -31.89
CA LYS G 83 -6.73 42.56 -30.70
C LYS G 83 -6.09 41.34 -30.04
N ALA G 84 -6.42 40.14 -30.51
CA ALA G 84 -5.78 38.91 -30.06
C ALA G 84 -5.62 38.00 -31.27
N ASP G 85 -4.57 37.18 -31.24
CA ASP G 85 -4.30 36.27 -32.35
C ASP G 85 -4.93 34.89 -32.13
N LEU G 86 -4.91 34.39 -30.90
CA LEU G 86 -5.46 33.08 -30.59
C LEU G 86 -6.36 33.18 -29.37
N ALA G 87 -7.35 32.28 -29.31
CA ALA G 87 -8.22 32.11 -28.15
C ALA G 87 -8.11 30.65 -27.73
N VAL G 88 -7.29 30.38 -26.72
CA VAL G 88 -7.02 29.01 -26.26
C VAL G 88 -7.80 28.83 -24.97
N ALA G 89 -8.96 28.18 -25.08
CA ALA G 89 -9.88 27.95 -23.96
C ALA G 89 -10.92 26.93 -24.38
N PRO G 90 -11.69 26.37 -23.44
CA PRO G 90 -12.82 25.50 -23.85
C PRO G 90 -13.92 26.29 -24.53
N LEU G 91 -13.63 26.85 -25.70
CA LEU G 91 -14.57 27.68 -26.44
C LEU G 91 -15.40 26.77 -27.34
N THR G 92 -16.68 26.62 -27.02
CA THR G 92 -17.53 25.69 -27.74
C THR G 92 -17.78 26.17 -29.16
N ILE G 93 -17.64 25.26 -30.12
CA ILE G 93 -17.88 25.56 -31.53
C ILE G 93 -19.38 25.62 -31.78
N THR G 94 -19.87 26.80 -32.15
CA THR G 94 -21.26 26.99 -32.53
C THR G 94 -21.33 27.68 -33.88
N ALA G 95 -22.48 27.54 -34.54
CA ALA G 95 -22.65 28.14 -35.86
C ALA G 95 -22.57 29.65 -35.80
N VAL G 96 -23.14 30.25 -34.75
CA VAL G 96 -23.14 31.71 -34.63
C VAL G 96 -21.71 32.22 -34.40
N ARG G 97 -20.94 31.51 -33.57
CA ARG G 97 -19.56 31.92 -33.33
C ARG G 97 -18.69 31.68 -34.56
N GLU G 98 -18.95 30.60 -35.29
CA GLU G 98 -18.17 30.31 -36.49
C GLU G 98 -18.41 31.33 -37.59
N LYS G 99 -19.53 32.05 -37.56
CA LYS G 99 -19.73 33.15 -38.49
C LYS G 99 -18.82 34.33 -38.16
N ALA G 100 -18.48 34.51 -36.88
CA ALA G 100 -17.72 35.68 -36.44
C ALA G 100 -16.22 35.45 -36.37
N ILE G 101 -15.78 34.24 -36.02
CA ILE G 101 -14.36 33.92 -35.92
C ILE G 101 -14.09 32.66 -36.74
N ASP G 102 -12.81 32.31 -36.84
CA ASP G 102 -12.38 31.10 -37.53
C ASP G 102 -11.94 30.09 -36.48
N PHE G 103 -12.79 29.09 -36.24
CA PHE G 103 -12.43 28.00 -35.34
C PHE G 103 -11.52 27.01 -36.05
N SER G 104 -10.52 26.52 -35.32
CA SER G 104 -9.77 25.38 -35.79
C SER G 104 -10.62 24.12 -35.63
N LYS G 105 -10.12 23.01 -36.18
CA LYS G 105 -10.79 21.74 -35.96
C LYS G 105 -10.74 21.40 -34.48
N PRO G 106 -11.71 20.64 -33.97
CA PRO G 106 -11.80 20.42 -32.53
C PRO G 106 -10.62 19.61 -32.00
N PHE G 107 -10.14 19.99 -30.82
CA PHE G 107 -9.14 19.24 -30.09
C PHE G 107 -9.75 18.38 -28.99
N MET G 108 -11.04 18.53 -28.72
CA MET G 108 -11.72 17.76 -27.69
C MET G 108 -13.21 17.72 -28.02
N THR G 109 -13.81 16.54 -27.87
CA THR G 109 -15.23 16.36 -28.10
C THR G 109 -16.00 16.45 -26.78
N LEU G 110 -17.22 16.97 -26.87
CA LEU G 110 -18.11 17.04 -25.70
C LEU G 110 -19.55 17.13 -26.19
N GLY G 111 -20.46 16.97 -25.24
CA GLY G 111 -21.88 17.16 -25.49
C GLY G 111 -22.55 17.71 -24.25
N VAL G 112 -23.71 18.34 -24.46
CA VAL G 112 -24.47 18.88 -23.35
C VAL G 112 -25.08 17.72 -22.56
N SER G 113 -24.96 17.78 -21.24
CA SER G 113 -25.56 16.77 -20.37
C SER G 113 -26.04 17.46 -19.10
N ILE G 114 -26.40 16.67 -18.10
CA ILE G 114 -27.02 17.15 -16.87
C ILE G 114 -26.16 16.76 -15.68
N LEU G 115 -25.88 17.73 -14.82
CA LEU G 115 -25.19 17.49 -13.55
C LEU G 115 -26.21 17.54 -12.42
N TYR G 116 -26.28 16.46 -11.62
CA TYR G 116 -27.25 16.37 -10.55
C TYR G 116 -26.69 15.44 -9.48
N ARG G 117 -27.43 15.29 -8.38
CA ARG G 117 -27.01 14.45 -7.28
C ARG G 117 -27.41 12.99 -7.51
N LYS G 118 -26.72 12.10 -6.81
CA LYS G 118 -26.96 10.67 -6.93
C LYS G 118 -28.23 10.26 -6.18
N GLY G 119 -28.72 9.06 -6.50
CA GLY G 119 -29.82 8.47 -5.77
C GLY G 119 -31.20 9.00 -6.11
N THR G 120 -31.37 9.62 -7.28
CA THR G 120 -32.65 10.17 -7.68
C THR G 120 -33.24 9.36 -8.84
N PRO G 121 -34.57 9.31 -8.96
CA PRO G 121 -35.17 8.63 -10.12
C PRO G 121 -35.04 9.40 -11.43
N ILE G 122 -34.52 10.62 -11.41
CA ILE G 122 -34.35 11.39 -12.64
C ILE G 122 -33.28 10.74 -13.50
N ASP G 123 -33.61 10.52 -14.78
CA ASP G 123 -32.73 9.77 -15.67
C ASP G 123 -32.50 10.42 -17.03
N SER G 124 -33.31 11.41 -17.42
CA SER G 124 -33.15 12.03 -18.73
C SER G 124 -33.61 13.48 -18.66
N ALA G 125 -33.29 14.23 -19.72
CA ALA G 125 -33.79 15.60 -19.83
C ALA G 125 -35.31 15.64 -19.96
N ASP G 126 -35.90 14.59 -20.52
CA ASP G 126 -37.36 14.51 -20.57
C ASP G 126 -37.95 14.45 -19.17
N ASP G 127 -37.28 13.75 -18.26
CA ASP G 127 -37.76 13.65 -16.89
C ASP G 127 -37.67 15.00 -16.17
N LEU G 128 -36.63 15.78 -16.47
CA LEU G 128 -36.50 17.10 -15.87
C LEU G 128 -37.55 18.07 -16.39
N ALA G 129 -37.89 17.96 -17.68
CA ALA G 129 -38.83 18.90 -18.29
C ALA G 129 -40.25 18.69 -17.79
N LYS G 130 -40.62 17.47 -17.43
CA LYS G 130 -41.99 17.15 -17.06
C LYS G 130 -42.29 17.37 -15.58
N GLN G 131 -41.34 17.92 -14.81
CA GLN G 131 -41.55 18.18 -13.40
C GLN G 131 -41.11 19.60 -13.08
N THR G 132 -41.46 20.05 -11.87
CA THR G 132 -41.15 21.41 -11.43
C THR G 132 -40.45 21.49 -10.08
N LYS G 133 -40.53 20.46 -9.23
CA LYS G 133 -39.91 20.53 -7.91
C LYS G 133 -38.39 20.68 -8.00
N ILE G 134 -37.77 20.05 -9.00
CA ILE G 134 -36.33 20.19 -9.22
C ILE G 134 -36.12 21.32 -10.21
N GLU G 135 -35.32 22.31 -9.83
CA GLU G 135 -35.01 23.43 -10.71
C GLU G 135 -33.79 23.10 -11.55
N TYR G 136 -33.80 23.58 -12.79
CA TYR G 136 -32.70 23.37 -13.71
C TYR G 136 -32.34 24.67 -14.42
N GLY G 137 -31.11 24.73 -14.90
CA GLY G 137 -30.65 25.90 -15.62
C GLY G 137 -29.28 25.66 -16.23
N ALA G 138 -28.65 26.76 -16.65
CA ALA G 138 -27.35 26.70 -17.29
C ALA G 138 -26.63 28.02 -17.08
N VAL G 139 -25.37 28.07 -17.52
CA VAL G 139 -24.59 29.29 -17.44
C VAL G 139 -25.21 30.33 -18.37
N LYS G 140 -25.46 31.53 -17.83
CA LYS G 140 -26.10 32.59 -18.60
C LYS G 140 -25.24 32.98 -19.79
N ASP G 141 -25.87 33.05 -20.97
CA ASP G 141 -25.25 33.48 -22.22
C ASP G 141 -24.14 32.54 -22.69
N GLY G 142 -24.09 31.33 -22.13
CA GLY G 142 -23.15 30.32 -22.59
C GLY G 142 -23.66 29.60 -23.83
N ALA G 143 -22.88 28.61 -24.25
CA ALA G 143 -23.28 27.81 -25.41
C ALA G 143 -24.48 26.92 -25.09
N THR G 144 -24.56 26.41 -23.86
CA THR G 144 -25.68 25.55 -23.50
C THR G 144 -26.99 26.32 -23.42
N MET G 145 -26.96 27.53 -22.86
CA MET G 145 -28.18 28.33 -22.75
C MET G 145 -28.64 28.79 -24.13
N THR G 146 -27.72 29.23 -24.98
CA THR G 146 -28.09 29.64 -26.33
C THR G 146 -28.68 28.48 -27.11
N PHE G 147 -28.25 27.25 -26.81
CA PHE G 147 -28.83 26.08 -27.46
C PHE G 147 -30.32 25.96 -27.15
N PHE G 148 -30.69 26.04 -25.87
CA PHE G 148 -32.10 25.93 -25.50
C PHE G 148 -32.91 27.13 -26.00
N LYS G 149 -32.30 28.31 -26.07
CA LYS G 149 -33.03 29.50 -26.50
C LYS G 149 -33.44 29.39 -27.97
N LYS G 150 -32.58 28.80 -28.80
CA LYS G 150 -32.85 28.67 -30.23
C LYS G 150 -33.46 27.33 -30.60
N SER G 151 -33.55 26.38 -29.67
CA SER G 151 -34.01 25.04 -30.00
C SER G 151 -35.48 25.04 -30.38
N LYS G 152 -35.84 24.08 -31.24
CA LYS G 152 -37.22 23.87 -31.65
C LYS G 152 -37.74 22.50 -31.25
N ILE G 153 -36.96 21.70 -30.53
CA ILE G 153 -37.45 20.42 -30.03
C ILE G 153 -38.38 20.68 -28.85
N SER G 154 -39.49 19.95 -28.80
CA SER G 154 -40.54 20.20 -27.81
C SER G 154 -39.98 20.12 -26.39
N THR G 155 -39.14 19.12 -26.12
CA THR G 155 -38.57 18.97 -24.79
C THR G 155 -37.73 20.18 -24.41
N PHE G 156 -36.87 20.64 -25.33
CA PHE G 156 -36.00 21.76 -25.05
C PHE G 156 -36.76 23.08 -25.09
N GLU G 157 -37.84 23.15 -25.88
CA GLU G 157 -38.70 24.34 -25.86
C GLU G 157 -39.36 24.51 -24.49
N LYS G 158 -39.74 23.41 -23.86
CA LYS G 158 -40.37 23.50 -22.54
C LYS G 158 -39.35 23.85 -21.47
N MET G 159 -38.12 23.33 -21.61
CA MET G 159 -37.08 23.66 -20.65
C MET G 159 -36.64 25.11 -20.77
N TRP G 160 -36.59 25.64 -21.99
CA TRP G 160 -36.22 27.04 -22.17
C TRP G 160 -37.31 27.96 -21.64
N ALA G 161 -38.58 27.57 -21.75
CA ALA G 161 -39.65 28.38 -21.18
C ALA G 161 -39.49 28.52 -19.67
N PHE G 162 -38.92 27.52 -19.02
CA PHE G 162 -38.68 27.59 -17.58
C PHE G 162 -37.55 28.58 -17.27
N MET G 163 -36.41 28.43 -17.95
CA MET G 163 -35.25 29.29 -17.65
C MET G 163 -35.51 30.74 -18.03
N SER G 164 -36.16 30.98 -19.18
CA SER G 164 -36.34 32.35 -19.65
C SER G 164 -37.33 33.13 -18.78
N SER G 165 -38.30 32.43 -18.19
CA SER G 165 -39.27 33.09 -17.32
C SER G 165 -38.68 33.40 -15.95
N LYS G 166 -37.86 32.50 -15.40
CA LYS G 166 -37.25 32.71 -14.10
C LYS G 166 -35.81 33.18 -14.28
N PRO G 167 -35.50 34.45 -14.04
CA PRO G 167 -34.14 34.94 -14.31
C PRO G 167 -33.08 34.33 -13.39
N SER G 168 -33.47 33.89 -12.19
CA SER G 168 -32.52 33.34 -11.23
C SER G 168 -32.07 31.93 -11.58
N ALA G 169 -32.74 31.25 -12.50
CA ALA G 169 -32.37 29.88 -12.86
C ALA G 169 -31.01 29.82 -13.53
N LEU G 170 -30.61 30.88 -14.22
CA LEU G 170 -29.33 30.93 -14.92
C LEU G 170 -28.23 31.41 -13.98
N VAL G 171 -27.12 30.68 -13.98
CA VAL G 171 -25.98 31.00 -13.13
C VAL G 171 -24.95 31.76 -13.94
N LYS G 172 -24.04 32.44 -13.24
CA LYS G 172 -23.09 33.32 -13.93
C LYS G 172 -21.88 32.55 -14.44
N ASN G 173 -21.51 31.44 -13.80
CA ASN G 173 -20.42 30.60 -14.27
C ASN G 173 -20.62 29.19 -13.72
N ASN G 174 -19.69 28.30 -14.09
CA ASN G 174 -19.82 26.91 -13.68
C ASN G 174 -19.73 26.76 -12.17
N GLU G 175 -18.85 27.56 -11.54
CA GLU G 175 -18.65 27.40 -10.10
C GLU G 175 -19.92 27.68 -9.31
N GLU G 176 -20.70 28.69 -9.71
CA GLU G 176 -21.98 28.95 -9.06
C GLU G 176 -22.97 27.81 -9.31
N GLY G 177 -22.98 27.29 -10.54
CA GLY G 177 -23.88 26.19 -10.85
C GLY G 177 -23.53 24.91 -10.12
N ILE G 178 -22.24 24.61 -10.00
CA ILE G 178 -21.82 23.41 -9.27
C ILE G 178 -22.23 23.50 -7.80
N GLN G 179 -21.96 24.64 -7.17
CA GLN G 179 -22.33 24.82 -5.77
C GLN G 179 -23.83 24.87 -5.57
N ARG G 180 -24.59 25.26 -6.60
CA ARG G 180 -26.05 25.23 -6.47
C ARG G 180 -26.58 23.79 -6.53
N THR G 181 -25.91 22.92 -7.27
CA THR G 181 -26.27 21.50 -7.25
C THR G 181 -25.85 20.83 -5.95
N LEU G 182 -24.91 21.44 -5.22
CA LEU G 182 -24.42 20.90 -3.95
C LEU G 182 -25.17 21.44 -2.74
N THR G 183 -25.99 22.47 -2.91
CA THR G 183 -26.71 23.09 -1.80
C THR G 183 -28.22 23.03 -1.97
N ALA G 184 -28.73 23.30 -3.17
CA ALA G 184 -30.15 23.30 -3.45
C ALA G 184 -30.53 22.13 -4.34
N ASP G 185 -31.82 21.89 -4.44
CA ASP G 185 -32.37 20.86 -5.33
C ASP G 185 -32.35 21.41 -6.75
N TYR G 186 -31.17 21.35 -7.37
CA TYR G 186 -30.91 22.03 -8.63
C TYR G 186 -30.05 21.16 -9.52
N ALA G 187 -30.42 21.09 -10.80
CA ALA G 187 -29.66 20.38 -11.82
C ALA G 187 -29.08 21.38 -12.80
N LEU G 188 -27.80 21.22 -13.13
CA LEU G 188 -27.10 22.15 -14.02
C LEU G 188 -26.93 21.52 -15.40
N LEU G 189 -27.35 22.25 -16.43
CA LEU G 189 -27.10 21.84 -17.81
C LEU G 189 -25.68 22.27 -18.15
N MET G 190 -24.76 21.30 -18.17
CA MET G 190 -23.34 21.58 -18.28
C MET G 190 -22.73 20.64 -19.32
N GLU G 191 -21.65 21.11 -19.95
CA GLU G 191 -20.96 20.32 -20.96
C GLU G 191 -20.28 19.10 -20.34
N SER G 192 -20.26 18.00 -21.10
CA SER G 192 -19.93 16.69 -20.54
C SER G 192 -18.50 16.61 -20.05
N THR G 193 -17.56 17.31 -20.69
CA THR G 193 -16.17 17.25 -20.25
C THR G 193 -16.00 17.84 -18.86
N THR G 194 -16.70 18.94 -18.58
CA THR G 194 -16.66 19.51 -17.24
C THR G 194 -17.40 18.63 -16.23
N ILE G 195 -18.48 17.98 -16.67
CA ILE G 195 -19.16 17.02 -15.80
C ILE G 195 -18.23 15.88 -15.43
N GLU G 196 -17.53 15.33 -16.43
CA GLU G 196 -16.58 14.24 -16.20
C GLU G 196 -15.48 14.64 -15.23
N TYR G 197 -15.11 15.93 -15.19
CA TYR G 197 -14.02 16.36 -14.33
C TYR G 197 -14.42 16.40 -12.86
N ILE G 198 -15.59 16.94 -12.56
CA ILE G 198 -15.98 17.10 -11.16
C ILE G 198 -16.51 15.80 -10.58
N THR G 199 -17.23 15.01 -11.38
CA THR G 199 -17.80 13.75 -10.88
C THR G 199 -16.73 12.75 -10.47
N GLN G 200 -15.45 13.03 -10.74
CA GLN G 200 -14.34 12.25 -10.22
C GLN G 200 -13.58 12.99 -9.12
N ARG G 201 -14.18 14.06 -8.58
CA ARG G 201 -13.57 14.84 -7.51
C ARG G 201 -14.54 15.04 -6.36
N ASN G 202 -15.83 15.07 -6.66
CA ASN G 202 -16.90 15.21 -5.66
C ASN G 202 -17.91 14.10 -5.92
N CYS G 203 -17.85 13.05 -5.09
CA CYS G 203 -18.65 11.85 -5.32
C CYS G 203 -20.12 12.02 -4.96
N ASN G 204 -20.55 13.22 -4.60
CA ASN G 204 -21.97 13.49 -4.37
C ASN G 204 -22.71 13.88 -5.64
N LEU G 205 -22.00 14.14 -6.73
CA LEU G 205 -22.59 14.52 -8.00
C LEU G 205 -22.43 13.39 -9.02
N THR G 206 -23.27 13.45 -10.05
CA THR G 206 -23.25 12.45 -11.11
C THR G 206 -23.82 13.08 -12.38
N GLN G 207 -23.64 12.37 -13.48
CA GLN G 207 -24.19 12.77 -14.77
C GLN G 207 -25.52 12.07 -15.00
N ILE G 208 -26.56 12.85 -15.29
CA ILE G 208 -27.89 12.33 -15.58
C ILE G 208 -28.06 12.20 -17.08
N GLY G 209 -28.43 11.01 -17.53
CA GLY G 209 -28.64 10.78 -18.95
C GLY G 209 -27.36 10.77 -19.75
N GLY G 210 -27.53 10.80 -21.06
CA GLY G 210 -26.44 10.82 -22.01
C GLY G 210 -26.12 12.22 -22.49
N LEU G 211 -25.61 12.30 -23.72
CA LEU G 211 -25.27 13.57 -24.34
C LEU G 211 -26.41 14.03 -25.22
N ILE G 212 -26.79 15.30 -25.11
CA ILE G 212 -27.94 15.82 -25.84
C ILE G 212 -27.56 16.17 -27.28
N ASP G 213 -26.34 16.65 -27.50
CA ASP G 213 -25.86 16.98 -28.85
C ASP G 213 -24.42 16.50 -28.97
N SER G 214 -23.78 16.86 -30.08
CA SER G 214 -22.41 16.42 -30.37
C SER G 214 -21.64 17.64 -30.88
N LYS G 215 -20.79 18.20 -30.02
CA LYS G 215 -20.02 19.39 -30.37
C LYS G 215 -18.54 19.19 -30.05
N GLY G 216 -17.78 20.27 -30.03
CA GLY G 216 -16.36 20.20 -29.73
C GLY G 216 -15.81 21.54 -29.32
N TYR G 217 -14.66 21.50 -28.65
CA TYR G 217 -13.91 22.70 -28.32
C TYR G 217 -12.90 22.98 -29.42
N GLY G 218 -12.83 24.24 -29.86
CA GLY G 218 -11.87 24.63 -30.88
C GLY G 218 -11.12 25.88 -30.44
N ILE G 219 -9.93 26.03 -31.02
CA ILE G 219 -9.12 27.21 -30.77
C ILE G 219 -9.58 28.33 -31.70
N GLY G 220 -9.88 29.48 -31.11
CA GLY G 220 -10.41 30.61 -31.87
C GLY G 220 -9.31 31.51 -32.40
N THR G 221 -9.49 31.95 -33.64
CA THR G 221 -8.62 32.89 -34.31
C THR G 221 -9.49 33.94 -34.99
N PRO G 222 -8.94 35.14 -35.24
CA PRO G 222 -9.69 36.11 -36.04
C PRO G 222 -9.99 35.52 -37.41
N MET G 223 -11.10 35.95 -37.99
CA MET G 223 -11.54 35.36 -39.26
C MET G 223 -10.52 35.65 -40.35
N GLY G 224 -10.09 34.60 -41.04
CA GLY G 224 -9.06 34.72 -42.05
C GLY G 224 -7.64 34.56 -41.55
N SER G 225 -7.43 34.25 -40.27
CA SER G 225 -6.08 34.15 -39.73
C SER G 225 -5.32 33.02 -40.43
N PRO G 226 -4.06 33.24 -40.83
CA PRO G 226 -3.29 32.15 -41.44
C PRO G 226 -2.89 31.07 -40.45
N TYR G 227 -3.07 31.29 -39.15
CA TYR G 227 -2.72 30.29 -38.15
C TYR G 227 -3.81 29.23 -37.97
N ARG G 228 -5.03 29.50 -38.44
CA ARG G 228 -6.13 28.56 -38.22
C ARG G 228 -5.84 27.20 -38.85
N ASP G 229 -5.55 27.17 -40.16
CA ASP G 229 -5.27 25.90 -40.80
C ASP G 229 -3.97 25.29 -40.28
N LYS G 230 -3.00 26.11 -39.88
CA LYS G 230 -1.79 25.59 -39.26
C LYS G 230 -2.11 24.90 -37.94
N ILE G 231 -2.91 25.55 -37.10
CA ILE G 231 -3.29 24.95 -35.83
C ILE G 231 -4.14 23.70 -36.05
N THR G 232 -5.01 23.72 -37.06
CA THR G 232 -5.83 22.55 -37.38
C THR G 232 -4.95 21.34 -37.70
N ILE G 233 -3.98 21.51 -38.60
CA ILE G 233 -3.11 20.40 -38.97
C ILE G 233 -2.31 19.92 -37.75
N ALA G 234 -1.85 20.87 -36.93
CA ALA G 234 -1.09 20.48 -35.74
C ALA G 234 -1.96 19.72 -34.75
N ILE G 235 -3.22 20.14 -34.58
CA ILE G 235 -4.12 19.42 -33.69
C ILE G 235 -4.38 18.02 -34.24
N LEU G 236 -4.49 17.88 -35.55
CA LEU G 236 -4.66 16.56 -36.15
C LEU G 236 -3.44 15.68 -35.90
N GLN G 237 -2.24 16.26 -36.03
CA GLN G 237 -1.03 15.50 -35.71
C GLN G 237 -0.99 15.13 -34.24
N LEU G 238 -1.44 16.04 -33.37
CA LEU G 238 -1.44 15.76 -31.94
C LEU G 238 -2.36 14.59 -31.62
N GLN G 239 -3.51 14.52 -32.28
CA GLN G 239 -4.46 13.43 -32.03
C GLN G 239 -3.93 12.10 -32.58
N GLU G 240 -3.42 12.11 -33.82
CA GLU G 240 -2.97 10.87 -34.44
C GLU G 240 -1.78 10.25 -33.71
N GLU G 241 -0.99 11.06 -33.01
CA GLU G 241 0.12 10.56 -32.23
C GLU G 241 -0.29 10.20 -30.80
N ASP G 242 -1.59 10.20 -30.52
CA ASP G 242 -2.17 9.86 -29.22
C ASP G 242 -1.72 10.82 -28.11
N LYS G 243 -1.27 12.02 -28.49
CA LYS G 243 -0.87 13.00 -27.49
C LYS G 243 -2.09 13.56 -26.76
N LEU G 244 -3.19 13.80 -27.47
CA LEU G 244 -4.37 14.39 -26.86
C LEU G 244 -4.99 13.45 -25.82
N HIS G 245 -4.93 12.14 -26.07
CA HIS G 245 -5.34 11.18 -25.05
C HIS G 245 -4.45 11.31 -23.81
N ILE G 246 -3.13 11.34 -24.02
CA ILE G 246 -2.21 11.53 -22.90
C ILE G 246 -2.44 12.88 -22.24
N MET G 247 -2.74 13.91 -23.04
CA MET G 247 -2.88 15.26 -22.51
C MET G 247 -4.14 15.40 -21.67
N LYS G 248 -5.23 14.73 -22.06
CA LYS G 248 -6.48 14.83 -21.29
C LYS G 248 -6.40 14.03 -20.01
N GLU G 249 -5.87 12.80 -20.08
CA GLU G 249 -5.76 11.95 -18.91
C GLU G 249 -4.91 12.57 -17.82
N LYS G 250 -3.99 13.47 -18.19
CA LYS G 250 -3.14 14.11 -17.18
C LYS G 250 -3.93 15.10 -16.33
N TRP G 251 -4.81 15.88 -16.96
CA TRP G 251 -5.50 16.95 -16.26
C TRP G 251 -6.89 16.58 -15.76
N TRP G 252 -7.48 15.49 -16.26
CA TRP G 252 -8.81 15.08 -15.81
C TRP G 252 -8.73 14.06 -14.69
N ARG G 253 -7.75 14.23 -13.80
CA ARG G 253 -7.53 13.32 -12.69
C ARG G 253 -8.34 13.78 -11.47
N GLY G 254 -8.27 13.00 -10.40
CA GLY G 254 -8.96 13.33 -9.17
C GLY G 254 -8.86 12.18 -8.20
N SER G 255 -9.47 12.38 -7.03
CA SER G 255 -9.52 11.34 -6.02
C SER G 255 -10.29 10.12 -6.50
N GLY G 256 -11.18 10.28 -7.48
CA GLY G 256 -11.88 9.16 -8.06
C GLY G 256 -13.14 8.75 -7.33
N CYS G 257 -14.23 8.54 -8.07
CA CYS G 257 -15.48 8.06 -7.52
C CYS G 257 -15.86 6.74 -8.19
N PRO G 258 -16.25 5.72 -7.43
CA PRO G 258 -16.59 4.41 -7.98
C PRO G 258 -17.79 4.46 -8.93
N ARG H 6 9.04 1.25 14.79
CA ARG H 6 9.72 0.21 14.02
C ARG H 6 9.36 -1.18 14.55
N SER H 7 9.03 -2.09 13.63
CA SER H 7 8.79 -3.46 14.01
C SER H 7 10.08 -4.12 14.48
N LEU H 8 9.94 -5.12 15.35
CA LEU H 8 11.08 -5.86 15.86
C LEU H 8 11.38 -7.05 14.97
N ILE H 9 12.66 -7.37 14.86
CA ILE H 9 13.10 -8.53 14.09
C ILE H 9 13.20 -9.72 15.05
N VAL H 10 12.46 -10.78 14.75
CA VAL H 10 12.40 -11.97 15.60
C VAL H 10 12.98 -13.12 14.80
N THR H 11 14.12 -13.64 15.25
CA THR H 11 14.71 -14.82 14.66
C THR H 11 14.24 -16.06 15.40
N THR H 12 14.08 -17.16 14.67
CA THR H 12 13.54 -18.38 15.26
C THR H 12 13.93 -19.57 14.38
N LEU H 13 13.47 -20.75 14.80
CA LEU H 13 13.81 -22.01 14.15
C LEU H 13 12.58 -22.90 14.10
N LEU H 14 12.57 -23.82 13.14
CA LEU H 14 11.51 -24.81 13.06
C LEU H 14 11.77 -25.93 14.08
N GLU H 15 10.86 -26.09 15.02
CA GLU H 15 11.00 -27.11 16.05
C GLU H 15 9.62 -27.44 16.62
N GLU H 16 9.20 -28.69 16.47
CA GLU H 16 7.92 -29.10 17.00
C GLU H 16 7.98 -29.19 18.52
N PRO H 17 6.95 -28.71 19.24
CA PRO H 17 5.82 -27.99 18.64
C PRO H 17 5.93 -26.47 18.84
N PHE H 18 7.15 -25.96 18.93
CA PHE H 18 7.34 -24.54 19.24
C PHE H 18 7.08 -23.67 18.01
N VAL H 19 7.75 -23.97 16.89
CA VAL H 19 7.58 -23.21 15.66
C VAL H 19 7.46 -24.19 14.51
N MET H 20 6.34 -24.12 13.79
CA MET H 20 6.05 -25.03 12.70
C MET H 20 5.42 -24.25 11.55
N PHE H 21 5.48 -24.81 10.35
CA PHE H 21 4.81 -24.23 9.21
C PHE H 21 3.33 -24.56 9.27
N ARG H 22 2.48 -23.53 9.25
CA ARG H 22 1.05 -23.73 9.24
C ARG H 22 0.60 -24.37 7.94
N LYS H 23 -0.27 -25.37 8.05
CA LYS H 23 -0.85 -26.04 6.88
C LYS H 23 -2.09 -25.29 6.43
N SER H 24 -2.12 -24.89 5.17
CA SER H 24 -3.27 -24.16 4.62
C SER H 24 -3.42 -24.48 3.15
N ASP H 25 -4.65 -24.30 2.65
CA ASP H 25 -4.91 -24.46 1.23
C ASP H 25 -4.60 -23.22 0.43
N ARG H 26 -4.38 -22.08 1.08
CA ARG H 26 -3.95 -20.87 0.43
C ARG H 26 -2.50 -20.57 0.81
N THR H 27 -1.79 -19.90 -0.09
CA THR H 27 -0.39 -19.57 0.17
C THR H 27 -0.29 -18.51 1.26
N LEU H 28 0.51 -18.79 2.27
CA LEU H 28 0.68 -17.89 3.41
C LEU H 28 1.95 -17.06 3.27
N TYR H 29 1.86 -15.81 3.74
CA TYR H 29 2.97 -14.87 3.68
C TYR H 29 3.18 -14.23 5.04
N GLY H 30 4.42 -13.79 5.29
CA GLY H 30 4.73 -13.07 6.50
C GLY H 30 4.62 -13.95 7.74
N ASN H 31 4.20 -13.32 8.85
CA ASN H 31 4.07 -14.02 10.12
C ASN H 31 2.96 -15.06 10.10
N ASP H 32 2.06 -15.01 9.12
CA ASP H 32 0.98 -15.98 9.04
C ASP H 32 1.47 -17.38 8.65
N ARG H 33 2.73 -17.50 8.20
CA ARG H 33 3.27 -18.78 7.79
C ARG H 33 3.51 -19.72 8.96
N PHE H 34 3.61 -19.20 10.18
CA PHE H 34 4.08 -19.95 11.33
C PHE H 34 2.97 -20.19 12.34
N GLU H 35 3.12 -21.28 13.09
CA GLU H 35 2.24 -21.59 14.20
C GLU H 35 3.04 -22.36 15.24
N GLY H 36 2.49 -22.46 16.46
CA GLY H 36 3.15 -23.20 17.50
C GLY H 36 3.14 -22.51 18.86
N TYR H 37 3.77 -23.14 19.85
CA TYR H 37 3.82 -22.57 21.19
C TYR H 37 4.55 -21.23 21.19
N CYS H 38 5.74 -21.19 20.57
CA CYS H 38 6.51 -19.94 20.55
C CYS H 38 5.81 -18.88 19.72
N ILE H 39 5.04 -19.27 18.70
CA ILE H 39 4.27 -18.29 17.94
C ILE H 39 3.14 -17.73 18.79
N ASP H 40 2.44 -18.59 19.53
CA ASP H 40 1.39 -18.13 20.44
C ASP H 40 1.98 -17.26 21.55
N LEU H 41 3.15 -17.65 22.07
CA LEU H 41 3.79 -16.84 23.10
C LEU H 41 4.17 -15.47 22.57
N LEU H 42 4.65 -15.39 21.32
CA LEU H 42 5.07 -14.11 20.75
C LEU H 42 3.88 -13.18 20.55
N LYS H 43 2.75 -13.73 20.08
CA LYS H 43 1.55 -12.93 19.91
C LYS H 43 1.08 -12.34 21.24
N GLU H 44 1.14 -13.13 22.31
CA GLU H 44 0.75 -12.65 23.62
C GLU H 44 1.68 -11.54 24.11
N LEU H 45 2.98 -11.67 23.84
CA LEU H 45 3.93 -10.66 24.30
C LEU H 45 3.82 -9.38 23.50
N ALA H 46 3.67 -9.49 22.17
CA ALA H 46 3.51 -8.31 21.33
C ALA H 46 2.24 -7.55 21.67
N HIS H 47 1.23 -8.24 22.19
CA HIS H 47 -0.01 -7.56 22.58
C HIS H 47 0.15 -6.85 23.93
N ILE H 48 0.72 -7.55 24.91
CA ILE H 48 0.92 -6.96 26.23
C ILE H 48 1.86 -5.77 26.14
N LEU H 49 2.99 -5.93 25.44
CA LEU H 49 3.98 -4.87 25.33
C LEU H 49 3.68 -3.88 24.21
N GLY H 50 2.76 -4.21 23.32
CA GLY H 50 2.34 -3.30 22.27
C GLY H 50 3.41 -3.01 21.23
N PHE H 51 3.86 -4.04 20.51
CA PHE H 51 4.81 -3.87 19.42
C PHE H 51 4.44 -4.78 18.27
N SER H 52 4.86 -4.38 17.07
CA SER H 52 4.77 -5.19 15.87
C SER H 52 6.12 -5.88 15.64
N TYR H 53 6.07 -6.98 14.88
CA TYR H 53 7.26 -7.79 14.71
C TYR H 53 7.26 -8.44 13.32
N GLU H 54 8.44 -8.91 12.93
CA GLU H 54 8.64 -9.66 11.70
C GLU H 54 9.45 -10.90 12.04
N ILE H 55 8.90 -12.08 11.72
CA ILE H 55 9.56 -13.34 12.04
C ILE H 55 10.45 -13.74 10.88
N ARG H 56 11.71 -14.04 11.19
CA ARG H 56 12.69 -14.45 10.19
C ARG H 56 13.38 -15.72 10.66
N LEU H 57 13.24 -16.80 9.90
CA LEU H 57 14.00 -18.01 10.19
C LEU H 57 15.48 -17.74 9.97
N VAL H 58 16.31 -18.12 10.95
CA VAL H 58 17.73 -17.86 10.85
C VAL H 58 18.33 -18.67 9.71
N GLU H 59 19.30 -18.06 9.00
CA GLU H 59 19.78 -18.63 7.74
C GLU H 59 20.48 -19.97 7.96
N ASP H 60 21.44 -20.01 8.89
CA ASP H 60 22.20 -21.24 9.11
C ASP H 60 21.42 -22.30 9.86
N GLY H 61 20.21 -21.99 10.33
CA GLY H 61 19.38 -22.98 10.99
C GLY H 61 19.93 -23.50 12.30
N LYS H 62 20.72 -22.70 13.01
CA LYS H 62 21.36 -23.11 14.25
C LYS H 62 20.79 -22.33 15.43
N TYR H 63 20.89 -22.93 16.62
CA TYR H 63 20.46 -22.25 17.84
C TYR H 63 21.56 -21.31 18.35
N GLY H 64 22.79 -21.82 18.47
CA GLY H 64 23.88 -20.99 18.94
C GLY H 64 25.00 -21.76 19.61
N ALA H 65 26.12 -21.93 18.92
CA ALA H 65 27.29 -22.59 19.47
C ALA H 65 28.52 -21.75 19.19
N GLN H 66 29.62 -22.10 19.87
CA GLN H 66 30.88 -21.36 19.77
C GLN H 66 31.93 -22.24 19.10
N ASP H 67 32.59 -21.69 18.09
CA ASP H 67 33.62 -22.41 17.36
C ASP H 67 34.95 -22.31 18.11
N ASP H 68 36.04 -22.71 17.45
CA ASP H 68 37.34 -22.70 18.12
C ASP H 68 37.80 -21.28 18.44
N LYS H 69 37.44 -20.32 17.61
CA LYS H 69 37.83 -18.92 17.81
C LYS H 69 36.86 -18.17 18.71
N GLY H 70 35.88 -18.85 19.30
CA GLY H 70 34.91 -18.20 20.14
C GLY H 70 33.80 -17.47 19.41
N GLN H 71 33.70 -17.64 18.10
CA GLN H 71 32.66 -16.97 17.32
C GLN H 71 31.36 -17.77 17.40
N TRP H 72 30.25 -17.04 17.51
CA TRP H 72 28.93 -17.65 17.63
C TRP H 72 28.30 -17.84 16.26
N ASN H 73 27.28 -18.69 16.21
CA ASN H 73 26.48 -18.89 15.01
C ASN H 73 25.01 -18.90 15.40
N GLY H 74 24.16 -19.14 14.40
CA GLY H 74 22.75 -19.30 14.69
C GLY H 74 22.08 -18.05 15.22
N MET H 75 21.06 -18.27 16.06
CA MET H 75 20.26 -17.17 16.59
C MET H 75 21.05 -16.29 17.53
N VAL H 76 21.99 -16.87 18.29
CA VAL H 76 22.79 -16.07 19.22
C VAL H 76 23.64 -15.07 18.46
N LYS H 77 24.24 -15.49 17.35
CA LYS H 77 25.03 -14.58 16.53
C LYS H 77 24.17 -13.45 15.95
N GLU H 78 22.88 -13.72 15.71
CA GLU H 78 21.99 -12.69 15.20
C GLU H 78 21.73 -11.61 16.25
N LEU H 79 21.60 -12.02 17.52
CA LEU H 79 21.37 -11.04 18.58
C LEU H 79 22.64 -10.25 18.87
N ILE H 80 23.80 -10.91 18.84
CA ILE H 80 25.07 -10.24 19.12
C ILE H 80 25.34 -9.17 18.08
N ASP H 81 25.14 -9.50 16.80
CA ASP H 81 25.38 -8.57 15.69
C ASP H 81 24.25 -7.57 15.49
N HIS H 82 23.26 -7.55 16.38
CA HIS H 82 22.12 -6.64 16.29
C HIS H 82 21.37 -6.80 14.97
N LYS H 83 21.35 -8.01 14.42
CA LYS H 83 20.53 -8.33 13.27
C LYS H 83 19.16 -8.88 13.66
N ALA H 84 18.88 -9.00 14.96
CA ALA H 84 17.59 -9.43 15.44
C ALA H 84 17.33 -8.79 16.79
N ASP H 85 16.06 -8.50 17.06
CA ASP H 85 15.67 -7.88 18.33
C ASP H 85 15.28 -8.92 19.37
N LEU H 86 14.59 -9.98 18.97
CA LEU H 86 14.15 -11.03 19.87
C LEU H 86 14.52 -12.40 19.30
N ALA H 87 14.70 -13.36 20.19
CA ALA H 87 14.94 -14.75 19.82
C ALA H 87 13.87 -15.60 20.52
N VAL H 88 12.81 -15.94 19.80
CA VAL H 88 11.68 -16.69 20.35
C VAL H 88 11.79 -18.11 19.82
N ALA H 89 12.33 -19.00 20.64
CA ALA H 89 12.56 -20.40 20.28
C ALA H 89 12.91 -21.17 21.55
N PRO H 90 12.91 -22.51 21.52
CA PRO H 90 13.39 -23.26 22.69
C PRO H 90 14.88 -23.06 22.92
N LEU H 91 15.27 -21.83 23.25
CA LEU H 91 16.67 -21.47 23.43
C LEU H 91 17.05 -21.73 24.88
N THR H 92 17.88 -22.75 25.10
CA THR H 92 18.22 -23.17 26.45
C THR H 92 19.09 -22.13 27.14
N ILE H 93 18.74 -21.79 28.38
CA ILE H 93 19.50 -20.84 29.18
C ILE H 93 20.75 -21.54 29.69
N THR H 94 21.91 -21.08 29.25
CA THR H 94 23.19 -21.58 29.74
C THR H 94 24.07 -20.41 30.16
N ALA H 95 25.06 -20.71 30.99
CA ALA H 95 25.96 -19.67 31.48
C ALA H 95 26.76 -19.04 30.36
N VAL H 96 27.22 -19.86 29.41
CA VAL H 96 28.04 -19.34 28.32
C VAL H 96 27.22 -18.43 27.41
N ARG H 97 25.97 -18.82 27.13
CA ARG H 97 25.10 -17.98 26.31
C ARG H 97 24.68 -16.72 27.06
N GLU H 98 24.50 -16.81 28.38
CA GLU H 98 24.10 -15.63 29.15
C GLU H 98 25.20 -14.57 29.18
N LYS H 99 26.46 -14.99 29.04
CA LYS H 99 27.55 -14.02 28.95
C LYS H 99 27.50 -13.22 27.66
N ALA H 100 26.86 -13.74 26.61
CA ALA H 100 26.87 -13.12 25.30
C ALA H 100 25.58 -12.37 24.98
N ILE H 101 24.43 -12.85 25.45
CA ILE H 101 23.14 -12.21 25.19
C ILE H 101 22.42 -12.01 26.51
N ASP H 102 21.27 -11.34 26.42
CA ASP H 102 20.42 -11.07 27.58
C ASP H 102 19.20 -11.99 27.51
N PHE H 103 19.20 -13.03 28.33
CA PHE H 103 18.05 -13.91 28.45
C PHE H 103 16.98 -13.29 29.33
N SER H 104 15.73 -13.43 28.93
CA SER H 104 14.62 -13.16 29.83
C SER H 104 14.48 -14.29 30.85
N LYS H 105 13.62 -14.09 31.84
CA LYS H 105 13.33 -15.16 32.76
C LYS H 105 12.68 -16.32 32.02
N PRO H 106 12.83 -17.55 32.50
CA PRO H 106 12.35 -18.70 31.72
C PRO H 106 10.83 -18.72 31.61
N PHE H 107 10.36 -19.09 30.41
CA PHE H 107 8.94 -19.33 30.19
C PHE H 107 8.58 -20.80 30.23
N MET H 108 9.57 -21.70 30.28
CA MET H 108 9.32 -23.13 30.33
C MET H 108 10.50 -23.82 30.98
N THR H 109 10.21 -24.78 31.86
CA THR H 109 11.24 -25.55 32.53
C THR H 109 11.49 -26.86 31.80
N LEU H 110 12.74 -27.32 31.85
CA LEU H 110 13.10 -28.60 31.27
C LEU H 110 14.39 -29.09 31.92
N GLY H 111 14.71 -30.35 31.67
CA GLY H 111 15.98 -30.91 32.08
C GLY H 111 16.41 -31.95 31.07
N VAL H 112 17.72 -32.22 31.07
CA VAL H 112 18.25 -33.25 30.18
C VAL H 112 17.83 -34.61 30.70
N SER H 113 17.34 -35.46 29.79
CA SER H 113 16.94 -36.81 30.13
C SER H 113 17.28 -37.72 28.95
N ILE H 114 16.75 -38.94 28.97
CA ILE H 114 17.10 -39.97 28.00
C ILE H 114 15.84 -40.38 27.24
N LEU H 115 15.93 -40.37 25.92
CA LEU H 115 14.90 -40.90 25.03
C LEU H 115 15.37 -42.26 24.52
N TYR H 116 14.57 -43.30 24.75
CA TYR H 116 14.98 -44.65 24.41
C TYR H 116 13.74 -45.50 24.16
N ARG H 117 13.98 -46.67 23.57
CA ARG H 117 12.91 -47.63 23.37
C ARG H 117 12.43 -48.22 24.69
N LYS H 118 11.14 -48.55 24.76
CA LYS H 118 10.57 -49.11 25.96
C LYS H 118 11.08 -50.52 26.21
N GLY H 119 10.94 -50.97 27.45
CA GLY H 119 11.29 -52.33 27.82
C GLY H 119 12.78 -52.64 27.73
N THR H 120 13.52 -52.23 28.75
CA THR H 120 14.97 -52.41 28.78
C THR H 120 15.44 -52.25 30.21
N PRO H 121 16.51 -52.95 30.61
CA PRO H 121 17.02 -52.80 31.98
C PRO H 121 17.73 -51.47 32.24
N ILE H 122 17.81 -50.59 31.25
CA ILE H 122 18.46 -49.29 31.44
C ILE H 122 17.53 -48.38 32.21
N ASP H 123 18.03 -47.83 33.33
CA ASP H 123 17.21 -47.01 34.21
C ASP H 123 17.87 -45.70 34.60
N SER H 124 19.10 -45.43 34.15
CA SER H 124 19.75 -44.16 34.47
C SER H 124 20.90 -43.95 33.48
N ALA H 125 21.42 -42.72 33.47
CA ALA H 125 22.59 -42.43 32.66
C ALA H 125 23.81 -43.21 33.13
N ASP H 126 23.85 -43.58 34.41
CA ASP H 126 24.93 -44.44 34.89
C ASP H 126 24.87 -45.83 34.25
N ASP H 127 23.67 -46.27 33.87
CA ASP H 127 23.54 -47.56 33.19
C ASP H 127 24.10 -47.47 31.77
N LEU H 128 23.87 -46.34 31.10
CA LEU H 128 24.40 -46.16 29.75
C LEU H 128 25.92 -45.98 29.78
N ALA H 129 26.43 -45.29 30.79
CA ALA H 129 27.87 -45.00 30.83
C ALA H 129 28.68 -46.26 31.06
N LYS H 130 28.19 -47.17 31.90
CA LYS H 130 28.99 -48.33 32.27
C LYS H 130 29.04 -49.42 31.20
N GLN H 131 28.31 -49.26 30.10
CA GLN H 131 28.26 -50.27 29.05
C GLN H 131 28.66 -49.65 27.72
N THR H 132 28.70 -50.49 26.68
CA THR H 132 29.11 -50.05 25.36
C THR H 132 28.25 -50.61 24.22
N LYS H 133 27.65 -51.80 24.37
CA LYS H 133 26.85 -52.39 23.31
C LYS H 133 25.65 -51.53 22.92
N ILE H 134 25.19 -50.65 23.81
CA ILE H 134 24.09 -49.74 23.51
C ILE H 134 24.66 -48.33 23.45
N GLU H 135 24.53 -47.69 22.30
CA GLU H 135 25.15 -46.39 22.08
C GLU H 135 24.20 -45.25 22.48
N TYR H 136 24.79 -44.11 22.78
CA TYR H 136 24.05 -42.94 23.20
C TYR H 136 24.72 -41.68 22.65
N GLY H 137 23.94 -40.61 22.56
CA GLY H 137 24.47 -39.36 22.08
C GLY H 137 23.47 -38.24 22.25
N ALA H 138 23.75 -37.13 21.55
CA ALA H 138 22.90 -35.95 21.62
C ALA H 138 23.05 -35.17 20.32
N VAL H 139 22.24 -34.13 20.18
CA VAL H 139 22.33 -33.26 19.02
C VAL H 139 23.66 -32.53 19.04
N LYS H 140 24.35 -32.55 17.90
CA LYS H 140 25.69 -31.95 17.83
C LYS H 140 25.63 -30.45 18.06
N ASP H 141 26.59 -29.97 18.87
CA ASP H 141 26.78 -28.55 19.14
C ASP H 141 25.58 -27.90 19.81
N GLY H 142 24.65 -28.69 20.35
CA GLY H 142 23.54 -28.14 21.10
C GLY H 142 23.93 -27.83 22.53
N ALA H 143 22.94 -27.40 23.30
CA ALA H 143 23.18 -27.12 24.71
C ALA H 143 23.43 -28.39 25.50
N THR H 144 22.82 -29.51 25.07
CA THR H 144 23.04 -30.78 25.74
C THR H 144 24.45 -31.30 25.50
N MET H 145 24.90 -31.26 24.24
CA MET H 145 26.25 -31.73 23.95
C MET H 145 27.29 -30.86 24.61
N THR H 146 27.10 -29.54 24.58
CA THR H 146 28.05 -28.64 25.23
C THR H 146 28.09 -28.88 26.74
N PHE H 147 26.97 -29.30 27.32
CA PHE H 147 26.97 -29.64 28.74
C PHE H 147 27.93 -30.79 29.03
N PHE H 148 27.83 -31.87 28.26
CA PHE H 148 28.73 -33.01 28.44
C PHE H 148 30.17 -32.65 28.08
N LYS H 149 30.37 -31.74 27.13
CA LYS H 149 31.72 -31.36 26.74
C LYS H 149 32.44 -30.63 27.87
N LYS H 150 31.73 -29.78 28.61
CA LYS H 150 32.32 -28.98 29.67
C LYS H 150 32.17 -29.59 31.06
N SER H 151 31.38 -30.65 31.19
CA SER H 151 31.12 -31.21 32.51
C SER H 151 32.38 -31.83 33.10
N LYS H 152 32.54 -31.67 34.41
CA LYS H 152 33.60 -32.32 35.17
C LYS H 152 33.08 -33.50 35.98
N ILE H 153 31.76 -33.72 35.98
CA ILE H 153 31.20 -34.87 36.65
C ILE H 153 31.69 -36.14 35.96
N SER H 154 32.17 -37.10 36.75
CA SER H 154 32.88 -38.24 36.20
C SER H 154 32.01 -39.03 35.24
N THR H 155 30.76 -39.30 35.63
CA THR H 155 29.86 -40.05 34.76
C THR H 155 29.68 -39.37 33.42
N PHE H 156 29.45 -38.06 33.42
CA PHE H 156 29.25 -37.32 32.18
C PHE H 156 30.55 -37.11 31.42
N GLU H 157 31.69 -37.05 32.13
CA GLU H 157 32.98 -37.01 31.47
C GLU H 157 33.22 -38.28 30.66
N LYS H 158 32.84 -39.43 31.20
CA LYS H 158 32.98 -40.68 30.47
C LYS H 158 32.03 -40.73 29.28
N MET H 159 30.80 -40.25 29.46
CA MET H 159 29.83 -40.24 28.37
C MET H 159 30.28 -39.32 27.25
N TRP H 160 30.91 -38.19 27.59
CA TRP H 160 31.43 -37.29 26.56
C TRP H 160 32.59 -37.93 25.81
N ALA H 161 33.42 -38.72 26.49
CA ALA H 161 34.46 -39.47 25.81
C ALA H 161 33.87 -40.44 24.81
N PHE H 162 32.69 -40.98 25.12
CA PHE H 162 32.03 -41.92 24.21
C PHE H 162 31.53 -41.21 22.96
N MET H 163 30.82 -40.09 23.14
CA MET H 163 30.24 -39.38 22.00
C MET H 163 31.32 -38.82 21.09
N SER H 164 32.33 -38.16 21.67
CA SER H 164 33.36 -37.52 20.87
C SER H 164 34.21 -38.54 20.11
N SER H 165 34.33 -39.76 20.63
CA SER H 165 35.14 -40.77 19.96
C SER H 165 34.47 -41.27 18.69
N LYS H 166 33.16 -41.48 18.73
CA LYS H 166 32.43 -41.97 17.57
C LYS H 166 31.69 -40.82 16.91
N PRO H 167 32.10 -40.37 15.73
CA PRO H 167 31.47 -39.19 15.13
C PRO H 167 30.00 -39.38 14.80
N SER H 168 29.55 -40.61 14.60
CA SER H 168 28.16 -40.88 14.29
C SER H 168 27.24 -40.79 15.51
N ALA H 169 27.81 -40.77 16.72
CA ALA H 169 26.98 -40.73 17.92
C ALA H 169 26.20 -39.42 18.03
N LEU H 170 26.76 -38.33 17.51
CA LEU H 170 26.09 -37.03 17.54
C LEU H 170 25.23 -36.87 16.29
N VAL H 171 23.98 -36.48 16.49
CA VAL H 171 23.03 -36.34 15.41
C VAL H 171 22.93 -34.87 14.99
N LYS H 172 22.27 -34.62 13.86
CA LYS H 172 22.14 -33.26 13.36
C LYS H 172 21.02 -32.50 14.06
N ASN H 173 19.87 -33.14 14.27
CA ASN H 173 18.73 -32.49 14.90
C ASN H 173 17.90 -33.54 15.62
N ASN H 174 16.82 -33.08 16.26
CA ASN H 174 15.98 -33.98 17.03
C ASN H 174 15.31 -35.02 16.14
N GLU H 175 14.90 -34.62 14.93
CA GLU H 175 14.22 -35.55 14.04
C GLU H 175 15.09 -36.75 13.70
N GLU H 176 16.38 -36.51 13.45
CA GLU H 176 17.30 -37.62 13.18
C GLU H 176 17.50 -38.48 14.42
N GLY H 177 17.62 -37.86 15.59
CA GLY H 177 17.84 -38.63 16.80
C GLY H 177 16.66 -39.52 17.17
N ILE H 178 15.44 -39.01 16.96
CA ILE H 178 14.25 -39.82 17.22
C ILE H 178 14.22 -41.03 16.29
N GLN H 179 14.56 -40.83 15.02
CA GLN H 179 14.55 -41.93 14.07
C GLN H 179 15.68 -42.92 14.33
N ARG H 180 16.79 -42.45 14.89
CA ARG H 180 17.88 -43.36 15.21
C ARG H 180 17.52 -44.26 16.40
N THR H 181 16.83 -43.71 17.40
CA THR H 181 16.35 -44.53 18.50
C THR H 181 15.29 -45.52 18.05
N LEU H 182 14.65 -45.29 16.91
CA LEU H 182 13.64 -46.19 16.40
C LEU H 182 14.18 -47.25 15.45
N THR H 183 15.36 -47.01 14.87
CA THR H 183 15.94 -47.94 13.91
C THR H 183 17.26 -48.56 14.36
N ALA H 184 17.82 -48.12 15.48
CA ALA H 184 19.08 -48.66 15.97
C ALA H 184 19.02 -48.77 17.49
N ASP H 185 19.97 -49.52 18.05
CA ASP H 185 20.11 -49.65 19.51
C ASP H 185 20.80 -48.39 20.01
N TYR H 186 20.01 -47.32 20.14
CA TYR H 186 20.53 -45.99 20.38
C TYR H 186 19.62 -45.25 21.35
N ALA H 187 20.22 -44.59 22.34
CA ALA H 187 19.50 -43.76 23.28
C ALA H 187 19.90 -42.31 23.06
N LEU H 188 18.91 -41.41 23.02
CA LEU H 188 19.15 -40.00 22.75
C LEU H 188 19.05 -39.20 24.05
N LEU H 189 20.09 -38.44 24.35
CA LEU H 189 20.05 -37.50 25.47
C LEU H 189 19.34 -36.24 25.01
N MET H 190 18.12 -36.05 25.46
CA MET H 190 17.21 -35.04 24.95
C MET H 190 16.62 -34.25 26.10
N GLU H 191 16.26 -32.99 25.82
CA GLU H 191 15.63 -32.16 26.82
C GLU H 191 14.23 -32.69 27.12
N SER H 192 13.82 -32.58 28.38
CA SER H 192 12.66 -33.32 28.87
C SER H 192 11.36 -32.90 28.19
N THR H 193 11.24 -31.62 27.83
CA THR H 193 10.00 -31.17 27.20
C THR H 193 9.80 -31.82 25.82
N THR H 194 10.88 -31.97 25.06
CA THR H 194 10.77 -32.64 23.76
C THR H 194 10.51 -34.13 23.93
N ILE H 195 11.10 -34.74 24.97
CA ILE H 195 10.81 -36.15 25.26
C ILE H 195 9.33 -36.33 25.59
N GLU H 196 8.81 -35.44 26.44
CA GLU H 196 7.39 -35.48 26.79
C GLU H 196 6.50 -35.34 25.57
N TYR H 197 6.96 -34.62 24.54
CA TYR H 197 6.16 -34.43 23.34
C TYR H 197 6.10 -35.70 22.50
N ILE H 198 7.24 -36.40 22.36
CA ILE H 198 7.27 -37.58 21.51
C ILE H 198 6.63 -38.78 22.21
N THR H 199 6.87 -38.92 23.52
CA THR H 199 6.33 -40.05 24.27
C THR H 199 4.82 -40.05 24.34
N GLN H 200 4.17 -38.93 24.00
CA GLN H 200 2.71 -38.89 23.87
C GLN H 200 2.25 -39.13 22.44
N ARG H 201 3.17 -39.14 21.48
CA ARG H 201 2.84 -39.38 20.08
C ARG H 201 3.36 -40.70 19.54
N ASN H 202 4.49 -41.19 20.05
CA ASN H 202 5.07 -42.46 19.63
C ASN H 202 5.25 -43.33 20.87
N CYS H 203 4.31 -44.26 21.08
CA CYS H 203 4.29 -45.09 22.27
C CYS H 203 5.31 -46.23 22.23
N ASN H 204 6.24 -46.22 21.27
CA ASN H 204 7.35 -47.14 21.28
C ASN H 204 8.57 -46.60 22.02
N LEU H 205 8.66 -45.28 22.16
CA LEU H 205 9.72 -44.62 22.89
C LEU H 205 9.23 -44.22 24.28
N THR H 206 10.20 -43.99 25.17
CA THR H 206 9.90 -43.60 26.54
C THR H 206 11.08 -42.82 27.10
N GLN H 207 10.87 -42.22 28.26
CA GLN H 207 11.93 -41.51 28.97
C GLN H 207 12.58 -42.46 29.97
N ILE H 208 13.91 -42.49 29.97
CA ILE H 208 14.67 -43.34 30.86
C ILE H 208 15.19 -42.49 32.01
N GLY H 209 14.83 -42.87 33.23
CA GLY H 209 15.30 -42.13 34.39
C GLY H 209 14.59 -40.79 34.53
N GLY H 210 15.15 -39.97 35.40
CA GLY H 210 14.64 -38.64 35.68
C GLY H 210 15.40 -37.57 34.91
N LEU H 211 15.45 -36.38 35.49
CA LEU H 211 16.11 -35.24 34.88
C LEU H 211 17.54 -35.12 35.43
N ILE H 212 18.49 -34.91 34.53
CA ILE H 212 19.89 -34.86 34.94
C ILE H 212 20.26 -33.49 35.50
N ASP H 213 19.67 -32.42 34.96
CA ASP H 213 19.91 -31.08 35.44
C ASP H 213 18.59 -30.35 35.51
N SER H 214 18.65 -29.04 35.77
CA SER H 214 17.47 -28.21 35.92
C SER H 214 17.72 -26.90 35.19
N LYS H 215 17.11 -26.75 34.01
CA LYS H 215 17.32 -25.56 33.18
C LYS H 215 15.99 -24.95 32.75
N GLY H 216 16.05 -24.06 31.77
CA GLY H 216 14.84 -23.42 31.26
C GLY H 216 15.08 -22.83 29.90
N TYR H 217 13.97 -22.62 29.18
CA TYR H 217 14.00 -21.92 27.91
C TYR H 217 13.74 -20.43 28.16
N GLY H 218 14.56 -19.57 27.55
CA GLY H 218 14.39 -18.15 27.70
C GLY H 218 14.40 -17.46 26.35
N ILE H 219 13.79 -16.28 26.33
CA ILE H 219 13.76 -15.46 25.12
C ILE H 219 15.05 -14.64 25.05
N GLY H 220 15.75 -14.74 23.92
CA GLY H 220 17.02 -14.07 23.76
C GLY H 220 16.85 -12.68 23.17
N THR H 221 17.61 -11.74 23.72
CA THR H 221 17.68 -10.37 23.25
C THR H 221 19.15 -9.96 23.22
N PRO H 222 19.51 -8.98 22.39
CA PRO H 222 20.87 -8.44 22.43
C PRO H 222 21.18 -7.88 23.81
N MET H 223 22.47 -7.93 24.17
CA MET H 223 22.87 -7.46 25.50
C MET H 223 22.61 -5.96 25.60
N GLY H 224 21.93 -5.56 26.67
CA GLY H 224 21.52 -4.18 26.84
C GLY H 224 20.15 -3.85 26.27
N SER H 225 19.42 -4.83 25.75
CA SER H 225 18.12 -4.57 25.15
C SER H 225 17.13 -4.07 26.19
N PRO H 226 16.39 -3.00 25.90
CA PRO H 226 15.36 -2.54 26.85
C PRO H 226 14.13 -3.45 26.90
N TYR H 227 13.98 -4.37 25.94
CA TYR H 227 12.84 -5.27 25.94
C TYR H 227 13.01 -6.48 26.85
N ARG H 228 14.22 -6.76 27.30
CA ARG H 228 14.48 -7.95 28.11
C ARG H 228 13.64 -7.95 29.39
N ASP H 229 13.79 -6.91 30.21
CA ASP H 229 13.06 -6.86 31.47
C ASP H 229 11.56 -6.72 31.25
N LYS H 230 11.15 -6.09 30.15
CA LYS H 230 9.71 -5.97 29.87
C LYS H 230 9.11 -7.31 29.48
N ILE H 231 9.86 -8.13 28.74
CA ILE H 231 9.39 -9.46 28.39
C ILE H 231 9.39 -10.36 29.63
N THR H 232 10.39 -10.20 30.50
CA THR H 232 10.45 -10.96 31.74
C THR H 232 9.20 -10.72 32.59
N ILE H 233 8.84 -9.45 32.80
CA ILE H 233 7.67 -9.14 33.62
C ILE H 233 6.42 -9.71 32.96
N ALA H 234 6.32 -9.61 31.63
CA ALA H 234 5.17 -10.15 30.93
C ALA H 234 5.11 -11.67 31.03
N ILE H 235 6.27 -12.34 30.95
CA ILE H 235 6.31 -13.79 31.12
C ILE H 235 5.90 -14.18 32.53
N LEU H 236 6.31 -13.40 33.53
CA LEU H 236 5.91 -13.68 34.90
C LEU H 236 4.41 -13.54 35.07
N GLN H 237 3.82 -12.51 34.48
CA GLN H 237 2.37 -12.35 34.54
C GLN H 237 1.66 -13.49 33.82
N LEU H 238 2.21 -13.94 32.69
CA LEU H 238 1.59 -15.05 31.96
C LEU H 238 1.57 -16.33 32.80
N GLN H 239 2.65 -16.57 33.56
CA GLN H 239 2.70 -17.77 34.40
C GLN H 239 1.69 -17.67 35.54
N GLU H 240 1.65 -16.51 36.21
CA GLU H 240 0.77 -16.32 37.34
C GLU H 240 -0.71 -16.35 36.95
N GLU H 241 -1.03 -16.06 35.69
CA GLU H 241 -2.39 -16.13 35.19
C GLU H 241 -2.74 -17.50 34.64
N ASP H 242 -1.88 -18.50 34.85
CA ASP H 242 -2.05 -19.86 34.37
C ASP H 242 -2.09 -19.96 32.85
N LYS H 243 -1.75 -18.88 32.14
CA LYS H 243 -1.81 -18.91 30.68
C LYS H 243 -0.69 -19.77 30.10
N LEU H 244 0.48 -19.78 30.72
CA LEU H 244 1.54 -20.67 30.26
C LEU H 244 1.16 -22.13 30.43
N HIS H 245 0.40 -22.45 31.48
CA HIS H 245 -0.12 -23.81 31.64
CA HIS H 245 -0.12 -23.81 31.64
C HIS H 245 -1.09 -24.14 30.51
N ILE H 246 -2.03 -23.24 30.23
CA ILE H 246 -2.98 -23.47 29.15
C ILE H 246 -2.26 -23.50 27.81
N MET H 247 -1.24 -22.66 27.63
CA MET H 247 -0.55 -22.56 26.35
C MET H 247 0.22 -23.85 26.04
N LYS H 248 0.93 -24.39 27.03
CA LYS H 248 1.66 -25.63 26.80
C LYS H 248 0.71 -26.80 26.59
N GLU H 249 -0.37 -26.85 27.38
CA GLU H 249 -1.34 -27.93 27.27
C GLU H 249 -1.98 -27.97 25.89
N LYS H 250 -2.06 -26.82 25.21
CA LYS H 250 -2.69 -26.78 23.88
C LYS H 250 -1.80 -27.44 22.82
N TRP H 251 -0.48 -27.27 22.93
CA TRP H 251 0.43 -27.80 21.93
C TRP H 251 1.05 -29.14 22.32
N TRP H 252 0.98 -29.53 23.59
CA TRP H 252 1.52 -30.80 24.04
C TRP H 252 0.38 -31.81 24.08
N ARG H 253 0.13 -32.44 22.94
CA ARG H 253 -0.91 -33.46 22.82
C ARG H 253 -0.63 -34.38 21.63
#